data_2N3Y
#
_entry.id   2N3Y
#
loop_
_entity.id
_entity.type
_entity.pdbx_description
1 polymer 'Cytochrome c'
2 non-polymer Mesoheme
#
_entity_poly.entity_id   1
_entity_poly.type   'polypeptide(L)'
_entity_poly.pdbx_seq_one_letter_code
;GDVEKGKKIFIMKCSQCHTVEKGGKHKTGPNLHGLFGRKTGQAPGYS(1PA)TAANKNKGIIWGEDTLMEYLENPKKYIP
GTKMIFVGIKKKEERADLIAYLKKATNE
;
_entity_poly.pdbx_strand_id   A
#
# COMPACT_ATOMS: atom_id res chain seq x y z
N GLY A 1 -0.76 -4.54 16.17
CA GLY A 1 -0.08 -4.15 14.93
C GLY A 1 1.06 -5.09 14.64
N ASP A 2 0.82 -6.27 14.06
CA ASP A 2 1.88 -7.18 13.60
C ASP A 2 1.55 -7.95 12.32
N VAL A 3 2.50 -8.79 11.91
CA VAL A 3 2.58 -9.45 10.61
C VAL A 3 1.48 -10.48 10.43
N GLU A 4 1.25 -11.26 11.49
CA GLU A 4 0.41 -12.45 11.46
C GLU A 4 -1.07 -12.06 11.54
N LYS A 5 -1.35 -11.00 12.31
CA LYS A 5 -2.61 -10.27 12.34
C LYS A 5 -2.80 -9.48 11.04
N GLY A 6 -1.70 -8.99 10.47
CA GLY A 6 -1.70 -8.03 9.36
C GLY A 6 -1.97 -8.63 8.01
N LYS A 7 -1.52 -9.87 7.77
CA LYS A 7 -1.81 -10.55 6.51
C LYS A 7 -3.30 -10.85 6.34
N LYS A 8 -3.99 -11.10 7.46
CA LYS A 8 -5.46 -11.23 7.52
C LYS A 8 -6.22 -9.94 7.20
N ILE A 9 -5.53 -8.83 6.97
CA ILE A 9 -6.11 -7.60 6.39
C ILE A 9 -5.86 -7.55 4.89
N PHE A 10 -4.60 -7.71 4.47
CA PHE A 10 -4.21 -7.59 3.07
C PHE A 10 -4.84 -8.70 2.21
N ILE A 11 -4.75 -9.95 2.67
CA ILE A 11 -5.30 -11.12 2.00
C ILE A 11 -6.82 -10.99 1.83
N MET A 12 -7.49 -10.26 2.74
CA MET A 12 -8.93 -10.05 2.70
C MET A 12 -9.36 -8.89 1.79
N LYS A 13 -8.76 -7.71 1.93
CA LYS A 13 -9.23 -6.47 1.26
C LYS A 13 -8.43 -6.07 0.00
N CYS A 14 -7.24 -6.64 -0.19
CA CYS A 14 -6.17 -6.02 -0.98
C CYS A 14 -5.55 -6.96 -2.01
N SER A 15 -5.32 -8.24 -1.68
CA SER A 15 -4.59 -9.21 -2.50
C SER A 15 -5.32 -9.62 -3.78
N GLN A 16 -6.63 -9.37 -3.82
CA GLN A 16 -7.48 -9.37 -5.02
C GLN A 16 -6.98 -8.45 -6.15
N CYS A 17 -6.16 -7.44 -5.80
CA CYS A 17 -5.51 -6.50 -6.71
C CYS A 17 -3.99 -6.46 -6.58
N HIS A 18 -3.43 -6.53 -5.38
CA HIS A 18 -1.98 -6.47 -5.12
C HIS A 18 -1.32 -7.84 -4.89
N THR A 19 0.01 -7.85 -4.94
CA THR A 19 0.88 -8.97 -4.51
C THR A 19 2.01 -8.38 -3.65
N VAL A 20 2.68 -9.20 -2.83
CA VAL A 20 3.95 -8.84 -2.16
C VAL A 20 5.07 -9.85 -2.44
N GLU A 21 5.04 -10.50 -3.62
CA GLU A 21 5.94 -11.60 -3.97
C GLU A 21 7.31 -11.10 -4.49
N LYS A 22 8.41 -11.62 -3.93
CA LYS A 22 9.78 -11.33 -4.36
C LYS A 22 9.99 -11.76 -5.82
N GLY A 23 10.69 -10.96 -6.61
CA GLY A 23 10.79 -11.15 -8.06
C GLY A 23 9.65 -10.50 -8.85
N GLY A 24 8.55 -10.16 -8.20
CA GLY A 24 7.46 -9.38 -8.76
C GLY A 24 6.55 -10.12 -9.73
N LYS A 25 5.26 -9.78 -9.70
CA LYS A 25 4.30 -10.04 -10.78
C LYS A 25 3.26 -8.94 -10.89
N HIS A 26 2.33 -9.03 -11.84
CA HIS A 26 1.40 -7.94 -12.18
C HIS A 26 -0.04 -8.45 -12.10
N LYS A 27 -0.92 -7.56 -11.63
CA LYS A 27 -2.31 -7.84 -11.29
C LYS A 27 -3.17 -6.60 -11.62
N THR A 28 -4.38 -6.48 -11.09
CA THR A 28 -5.16 -5.22 -11.13
C THR A 28 -4.39 -4.04 -10.49
N GLY A 29 -3.42 -4.34 -9.62
CA GLY A 29 -2.58 -3.41 -8.87
C GLY A 29 -1.15 -3.94 -8.70
N PRO A 30 -0.22 -3.08 -8.23
CA PRO A 30 1.21 -3.37 -8.23
C PRO A 30 1.68 -4.36 -7.14
N ASN A 31 2.95 -4.76 -7.24
CA ASN A 31 3.57 -5.77 -6.38
C ASN A 31 4.19 -5.19 -5.08
N LEU A 32 4.04 -3.90 -4.80
CA LEU A 32 4.49 -3.30 -3.54
C LEU A 32 6.01 -3.39 -3.26
N HIS A 33 6.81 -3.71 -4.29
CA HIS A 33 8.18 -4.22 -4.13
C HIS A 33 9.13 -3.14 -3.60
N GLY A 34 9.47 -3.22 -2.31
CA GLY A 34 10.27 -2.19 -1.65
C GLY A 34 9.53 -0.86 -1.49
N LEU A 35 8.24 -0.88 -1.12
CA LEU A 35 7.39 0.30 -0.96
C LEU A 35 7.93 1.32 0.07
N PHE A 36 8.54 0.88 1.16
CA PHE A 36 8.84 1.74 2.31
C PHE A 36 10.16 2.49 2.12
N GLY A 37 10.22 3.72 2.63
CA GLY A 37 11.37 4.62 2.46
C GLY A 37 11.38 5.41 1.15
N ARG A 38 10.32 5.33 0.32
CA ARG A 38 10.21 6.00 -0.99
C ARG A 38 8.82 6.59 -1.28
N LYS A 39 8.76 7.49 -2.26
CA LYS A 39 7.56 7.78 -3.08
C LYS A 39 7.56 6.86 -4.32
N THR A 40 6.40 6.58 -4.92
CA THR A 40 6.27 5.65 -6.07
C THR A 40 5.90 6.39 -7.37
N GLY A 41 4.95 5.91 -8.18
CA GLY A 41 4.50 6.58 -9.41
C GLY A 41 5.44 6.54 -10.62
N GLN A 42 6.38 5.57 -10.70
CA GLN A 42 7.53 5.66 -11.62
C GLN A 42 8.22 4.33 -12.05
N ALA A 43 7.99 3.24 -11.31
CA ALA A 43 8.80 2.02 -11.38
C ALA A 43 8.78 1.32 -12.75
N PRO A 44 9.81 0.53 -13.11
CA PRO A 44 9.92 -0.15 -14.41
C PRO A 44 8.66 -0.85 -14.90
N GLY A 45 7.88 -1.44 -14.00
CA GLY A 45 6.60 -2.10 -14.31
C GLY A 45 5.39 -1.68 -13.47
N TYR A 46 5.47 -0.61 -12.65
CA TYR A 46 4.40 -0.34 -11.68
C TYR A 46 4.12 1.15 -11.46
N SER A 47 2.94 1.44 -10.93
CA SER A 47 2.50 2.77 -10.47
C SER A 47 2.54 3.80 -11.60
N THR A 49 -0.15 5.91 -12.46
CA THR A 49 -0.55 7.19 -11.85
C THR A 49 0.58 7.75 -10.97
N ALA A 50 0.81 9.06 -11.03
CA ALA A 50 2.07 9.67 -10.58
C ALA A 50 1.93 10.76 -9.52
N ALA A 51 0.72 11.08 -9.04
CA ALA A 51 0.56 11.80 -7.76
C ALA A 51 1.29 11.06 -6.61
N ASN A 52 1.36 9.72 -6.68
CA ASN A 52 2.25 8.83 -5.92
C ASN A 52 3.73 9.26 -5.86
N LYS A 53 4.23 9.98 -6.86
CA LYS A 53 5.59 10.54 -6.94
C LYS A 53 5.66 11.96 -6.36
N ASN A 54 4.58 12.74 -6.52
CA ASN A 54 4.56 14.20 -6.30
C ASN A 54 4.08 14.62 -4.89
N LYS A 55 3.66 13.67 -4.05
CA LYS A 55 3.08 13.95 -2.71
C LYS A 55 4.07 14.51 -1.68
N GLY A 56 5.37 14.56 -1.97
CA GLY A 56 6.38 15.22 -1.13
C GLY A 56 6.88 14.44 0.09
N ILE A 57 6.14 13.43 0.55
CA ILE A 57 6.51 12.53 1.65
C ILE A 57 6.38 11.06 1.22
N ILE A 58 7.22 10.19 1.80
CA ILE A 58 7.26 8.75 1.51
C ILE A 58 6.09 7.93 2.07
N TRP A 59 6.00 6.68 1.60
CA TRP A 59 5.33 5.61 2.32
C TRP A 59 6.07 5.22 3.62
N GLY A 60 5.37 5.41 4.73
CA GLY A 60 5.75 5.07 6.09
C GLY A 60 4.53 4.88 6.99
N GLU A 61 4.78 4.79 8.29
CA GLU A 61 3.83 4.27 9.25
C GLU A 61 2.68 5.21 9.62
N ASP A 62 2.84 6.52 9.40
CA ASP A 62 1.86 7.57 9.68
C ASP A 62 1.35 8.26 8.39
N THR A 63 1.87 7.87 7.22
CA THR A 63 1.45 8.31 5.88
C THR A 63 0.52 7.28 5.24
N LEU A 64 0.82 5.98 5.41
CA LEU A 64 -0.13 4.93 5.02
C LEU A 64 -1.39 4.92 5.90
N MET A 65 -1.35 5.37 7.15
CA MET A 65 -2.54 5.41 8.00
C MET A 65 -3.58 6.39 7.45
N GLU A 66 -3.12 7.54 6.99
CA GLU A 66 -3.96 8.64 6.52
C GLU A 66 -4.34 8.51 5.03
N TYR A 67 -3.48 7.88 4.23
CA TYR A 67 -3.83 7.37 2.89
C TYR A 67 -4.98 6.36 2.98
N LEU A 68 -4.81 5.33 3.81
CA LEU A 68 -5.79 4.25 3.91
C LEU A 68 -7.07 4.68 4.64
N GLU A 69 -7.07 5.81 5.37
CA GLU A 69 -8.31 6.40 5.88
C GLU A 69 -9.26 6.82 4.73
N ASN A 70 -8.73 7.40 3.64
CA ASN A 70 -9.45 7.77 2.43
C ASN A 70 -8.49 8.00 1.21
N PRO A 71 -8.25 6.99 0.34
CA PRO A 71 -7.16 7.05 -0.62
C PRO A 71 -7.20 8.23 -1.61
N LYS A 72 -8.33 8.47 -2.30
CA LYS A 72 -8.38 9.44 -3.42
C LYS A 72 -8.30 10.92 -3.04
N LYS A 73 -8.18 11.20 -1.75
CA LYS A 73 -8.03 12.54 -1.17
C LYS A 73 -6.57 12.81 -0.78
N TYR A 74 -5.91 11.81 -0.17
CA TYR A 74 -4.48 11.89 0.15
C TYR A 74 -3.60 11.89 -1.10
N ILE A 75 -3.96 11.06 -2.09
CA ILE A 75 -3.36 11.03 -3.43
C ILE A 75 -4.48 11.43 -4.40
N PRO A 76 -4.61 12.72 -4.76
CA PRO A 76 -5.72 13.23 -5.54
C PRO A 76 -5.51 12.98 -7.05
N GLY A 77 -5.42 11.70 -7.42
CA GLY A 77 -5.12 11.23 -8.77
C GLY A 77 -4.43 9.87 -8.73
N THR A 78 -5.18 8.79 -8.54
CA THR A 78 -4.67 7.42 -8.38
C THR A 78 -5.67 6.39 -8.92
N LYS A 79 -5.19 5.24 -9.41
CA LYS A 79 -6.04 4.10 -9.82
C LYS A 79 -6.38 3.13 -8.67
N MET A 80 -6.08 3.53 -7.42
CA MET A 80 -6.54 2.89 -6.19
C MET A 80 -8.06 3.04 -6.01
N ILE A 81 -8.84 2.06 -6.49
CA ILE A 81 -10.31 2.01 -6.35
C ILE A 81 -10.67 1.33 -5.02
N PHE A 82 -10.64 2.11 -3.95
CA PHE A 82 -10.93 1.67 -2.58
C PHE A 82 -11.42 2.84 -1.72
N VAL A 83 -12.55 2.71 -1.01
CA VAL A 83 -13.16 3.87 -0.31
C VAL A 83 -12.38 4.29 0.94
N GLY A 84 -12.13 3.40 1.91
CA GLY A 84 -11.39 3.74 3.14
C GLY A 84 -11.52 2.71 4.26
N ILE A 85 -10.44 2.52 5.03
CA ILE A 85 -10.36 1.55 6.13
C ILE A 85 -10.78 2.22 7.44
N LYS A 86 -12.01 1.95 7.88
CA LYS A 86 -12.66 2.64 9.01
C LYS A 86 -11.87 2.54 10.34
N LYS A 87 -11.23 1.40 10.62
CA LYS A 87 -10.38 1.18 11.80
C LYS A 87 -8.95 1.64 11.62
N LYS A 88 -8.36 2.18 12.70
CA LYS A 88 -6.90 2.39 12.80
C LYS A 88 -6.14 1.15 13.26
N GLU A 89 -6.75 0.30 14.10
CA GLU A 89 -6.12 -0.96 14.52
C GLU A 89 -5.82 -1.90 13.33
N GLU A 90 -6.76 -2.08 12.40
CA GLU A 90 -6.55 -2.88 11.20
C GLU A 90 -5.48 -2.28 10.29
N ARG A 91 -5.50 -0.95 10.09
CA ARG A 91 -4.45 -0.24 9.34
C ARG A 91 -3.07 -0.47 9.96
N ALA A 92 -3.00 -0.52 11.29
CA ALA A 92 -1.75 -0.75 12.01
C ALA A 92 -1.21 -2.18 11.86
N ASP A 93 -2.07 -3.20 11.87
CA ASP A 93 -1.67 -4.58 11.56
C ASP A 93 -1.26 -4.71 10.08
N LEU A 94 -2.01 -4.10 9.16
CA LEU A 94 -1.72 -4.09 7.73
C LEU A 94 -0.32 -3.51 7.43
N ILE A 95 -0.03 -2.31 7.92
CA ILE A 95 1.27 -1.65 7.75
C ILE A 95 2.41 -2.51 8.34
N ALA A 96 2.17 -3.21 9.46
CA ALA A 96 3.16 -4.07 10.09
C ALA A 96 3.57 -5.25 9.19
N TYR A 97 2.57 -5.90 8.60
CA TYR A 97 2.74 -6.97 7.63
C TYR A 97 3.50 -6.50 6.39
N LEU A 98 3.11 -5.36 5.81
CA LEU A 98 3.80 -4.83 4.64
C LEU A 98 5.27 -4.50 4.91
N LYS A 99 5.62 -4.00 6.09
CA LYS A 99 7.02 -3.76 6.47
C LYS A 99 7.83 -5.03 6.63
N LYS A 100 7.20 -6.17 6.94
CA LYS A 100 7.88 -7.46 6.96
C LYS A 100 8.07 -8.03 5.55
N ALA A 101 7.09 -7.87 4.67
CA ALA A 101 7.02 -8.57 3.38
C ALA A 101 7.66 -7.79 2.22
N THR A 102 7.56 -6.45 2.25
CA THR A 102 8.11 -5.60 1.18
C THR A 102 9.62 -5.40 1.27
N ASN A 103 10.20 -5.65 2.46
CA ASN A 103 11.64 -5.51 2.76
C ASN A 103 12.41 -6.84 2.77
N GLU A 104 11.83 -7.92 2.24
CA GLU A 104 12.13 -9.32 2.61
C GLU A 104 13.21 -10.04 1.79
N GLY A 1 -0.54 -4.70 16.65
CA GLY A 1 0.17 -4.31 15.43
C GLY A 1 1.33 -5.24 15.14
N ASP A 2 1.05 -6.42 14.57
CA ASP A 2 2.07 -7.36 14.10
C ASP A 2 1.65 -8.18 12.87
N VAL A 3 2.54 -9.08 12.45
CA VAL A 3 2.58 -9.70 11.13
C VAL A 3 1.52 -10.79 11.00
N GLU A 4 1.26 -11.55 12.06
CA GLU A 4 0.36 -12.69 12.00
C GLU A 4 -1.11 -12.28 12.01
N LYS A 5 -1.41 -11.20 12.76
CA LYS A 5 -2.65 -10.43 12.63
C LYS A 5 -2.70 -9.71 11.28
N GLY A 6 -1.56 -9.21 10.82
CA GLY A 6 -1.44 -8.32 9.67
C GLY A 6 -1.77 -8.99 8.34
N LYS A 7 -1.35 -10.25 8.20
CA LYS A 7 -1.65 -11.08 7.03
C LYS A 7 -3.15 -11.21 6.79
N LYS A 8 -3.95 -11.50 7.83
CA LYS A 8 -5.41 -11.72 7.68
C LYS A 8 -6.11 -10.54 7.01
N ILE A 9 -5.65 -9.31 7.28
CA ILE A 9 -6.19 -8.06 6.75
C ILE A 9 -5.90 -7.91 5.26
N PHE A 10 -4.65 -8.10 4.87
CA PHE A 10 -4.25 -8.06 3.46
C PHE A 10 -4.95 -9.17 2.69
N ILE A 11 -5.09 -10.35 3.29
CA ILE A 11 -5.73 -11.53 2.70
C ILE A 11 -7.26 -11.37 2.60
N MET A 12 -7.87 -10.51 3.43
CA MET A 12 -9.29 -10.14 3.36
C MET A 12 -9.57 -9.22 2.16
N LYS A 13 -9.03 -7.99 2.15
CA LYS A 13 -9.57 -6.88 1.35
C LYS A 13 -8.66 -6.42 0.21
N CYS A 14 -7.41 -6.86 0.24
CA CYS A 14 -6.31 -6.30 -0.56
C CYS A 14 -5.79 -7.30 -1.59
N SER A 15 -5.80 -8.59 -1.22
CA SER A 15 -5.08 -9.65 -1.95
C SER A 15 -5.79 -10.14 -3.20
N GLN A 16 -7.04 -9.74 -3.39
CA GLN A 16 -7.74 -9.84 -4.67
C GLN A 16 -7.04 -9.03 -5.80
N CYS A 17 -6.28 -7.99 -5.43
CA CYS A 17 -5.57 -7.11 -6.38
C CYS A 17 -4.07 -7.17 -6.21
N HIS A 18 -3.57 -6.82 -5.02
CA HIS A 18 -2.13 -6.79 -4.74
C HIS A 18 -1.53 -8.18 -4.47
N THR A 19 -0.21 -8.25 -4.66
CA THR A 19 0.67 -9.21 -4.00
C THR A 19 1.87 -8.50 -3.35
N VAL A 20 2.74 -9.26 -2.69
CA VAL A 20 4.03 -8.84 -2.09
C VAL A 20 5.16 -9.82 -2.46
N GLU A 21 5.18 -10.30 -3.70
CA GLU A 21 6.11 -11.34 -4.17
C GLU A 21 7.49 -10.74 -4.55
N LYS A 22 8.59 -11.48 -4.35
CA LYS A 22 9.90 -11.10 -4.93
C LYS A 22 9.97 -11.37 -6.42
N GLY A 23 10.71 -10.53 -7.14
CA GLY A 23 10.68 -10.44 -8.60
C GLY A 23 9.47 -9.65 -9.09
N GLY A 24 8.27 -10.05 -8.68
CA GLY A 24 7.00 -9.34 -8.89
C GLY A 24 6.43 -9.42 -10.31
N LYS A 25 5.10 -9.44 -10.43
CA LYS A 25 4.38 -9.36 -11.72
C LYS A 25 3.22 -8.37 -11.67
N HIS A 26 2.88 -7.80 -12.83
CA HIS A 26 1.85 -6.76 -12.98
C HIS A 26 0.45 -7.35 -13.21
N LYS A 27 -0.53 -6.82 -12.47
CA LYS A 27 -1.87 -7.40 -12.24
C LYS A 27 -2.88 -6.33 -11.82
N THR A 28 -4.03 -6.71 -11.25
CA THR A 28 -5.11 -5.74 -10.92
C THR A 28 -4.69 -4.72 -9.86
N GLY A 29 -3.77 -5.06 -8.95
CA GLY A 29 -3.03 -4.08 -8.14
C GLY A 29 -1.52 -4.24 -8.32
N PRO A 30 -0.70 -3.30 -7.82
CA PRO A 30 0.75 -3.47 -7.85
C PRO A 30 1.25 -4.55 -6.90
N ASN A 31 2.47 -5.05 -7.15
CA ASN A 31 3.10 -6.10 -6.36
C ASN A 31 3.93 -5.57 -5.16
N LEU A 32 3.92 -4.25 -4.93
CA LEU A 32 4.22 -3.57 -3.67
C LEU A 32 5.68 -3.64 -3.18
N HIS A 33 6.54 -4.43 -3.83
CA HIS A 33 7.77 -4.85 -3.20
C HIS A 33 8.74 -3.68 -3.03
N GLY A 34 9.44 -3.58 -1.89
CA GLY A 34 10.40 -2.51 -1.62
C GLY A 34 9.81 -1.13 -1.27
N LEU A 35 8.54 -1.05 -0.86
CA LEU A 35 7.82 0.21 -0.62
C LEU A 35 8.49 1.16 0.38
N PHE A 36 8.95 0.66 1.51
CA PHE A 36 9.31 1.54 2.63
C PHE A 36 10.64 2.25 2.36
N GLY A 37 10.59 3.59 2.40
CA GLY A 37 11.72 4.47 2.05
C GLY A 37 11.73 5.02 0.62
N ARG A 38 10.71 4.77 -0.21
CA ARG A 38 10.57 5.36 -1.57
C ARG A 38 9.29 6.17 -1.79
N LYS A 39 9.29 6.96 -2.86
CA LYS A 39 8.12 7.49 -3.57
C LYS A 39 7.68 6.48 -4.64
N THR A 40 6.41 6.48 -5.06
CA THR A 40 5.93 5.67 -6.21
C THR A 40 5.26 6.56 -7.25
N GLY A 41 4.02 6.29 -7.70
CA GLY A 41 3.33 7.09 -8.74
C GLY A 41 4.04 7.14 -10.10
N GLN A 42 4.80 6.10 -10.44
CA GLN A 42 5.83 6.21 -11.49
C GLN A 42 6.18 4.93 -12.23
N ALA A 43 5.90 3.75 -11.67
CA ALA A 43 6.44 2.50 -12.17
C ALA A 43 5.59 2.00 -13.36
N PRO A 44 6.17 1.76 -14.55
CA PRO A 44 5.42 1.56 -15.81
C PRO A 44 4.32 0.48 -15.77
N GLY A 45 4.53 -0.57 -14.96
CA GLY A 45 3.59 -1.65 -14.71
C GLY A 45 2.96 -1.65 -13.32
N TYR A 46 3.19 -0.65 -12.44
CA TYR A 46 2.67 -0.70 -11.07
C TYR A 46 1.96 0.57 -10.58
N SER A 47 2.47 1.77 -10.86
CA SER A 47 1.97 3.04 -10.29
C SER A 47 2.05 4.19 -11.29
N THR A 49 0.09 7.92 -10.94
CA THR A 49 -0.11 9.34 -10.64
C THR A 49 1.13 9.98 -10.00
N ALA A 50 1.84 10.83 -10.75
CA ALA A 50 3.05 11.49 -10.23
C ALA A 50 2.75 12.47 -9.07
N ALA A 51 1.49 12.83 -8.80
CA ALA A 51 1.09 13.57 -7.60
C ALA A 51 1.58 12.91 -6.29
N ASN A 52 1.74 11.58 -6.30
CA ASN A 52 2.39 10.75 -5.26
C ASN A 52 3.83 11.22 -4.97
N LYS A 53 4.69 11.20 -5.99
CA LYS A 53 6.11 11.58 -5.88
C LYS A 53 6.35 13.09 -5.79
N ASN A 54 5.30 13.90 -5.91
CA ASN A 54 5.34 15.36 -5.83
C ASN A 54 4.60 15.96 -4.62
N LYS A 55 4.30 15.16 -3.58
CA LYS A 55 3.68 15.60 -2.32
C LYS A 55 4.68 15.97 -1.22
N GLY A 56 5.99 15.98 -1.52
CA GLY A 56 7.05 16.22 -0.54
C GLY A 56 7.23 15.09 0.48
N ILE A 57 6.73 13.88 0.20
CA ILE A 57 6.51 12.84 1.21
C ILE A 57 6.96 11.44 0.75
N ILE A 58 6.89 10.46 1.66
CA ILE A 58 7.58 9.17 1.59
C ILE A 58 6.67 8.04 2.08
N TRP A 59 6.82 6.81 1.57
CA TRP A 59 6.13 5.66 2.16
C TRP A 59 6.74 5.19 3.49
N GLY A 60 5.96 5.38 4.55
CA GLY A 60 6.06 4.75 5.86
C GLY A 60 4.68 4.59 6.51
N GLU A 61 4.61 4.11 7.74
CA GLU A 61 3.35 3.99 8.49
C GLU A 61 2.65 5.33 8.77
N ASP A 62 3.43 6.41 8.80
CA ASP A 62 3.04 7.80 9.04
C ASP A 62 2.30 8.44 7.84
N THR A 63 2.23 7.72 6.73
CA THR A 63 1.70 8.16 5.42
C THR A 63 0.77 7.11 4.82
N LEU A 64 1.09 5.82 5.00
CA LEU A 64 0.18 4.72 4.73
C LEU A 64 -1.13 4.80 5.54
N MET A 65 -1.08 5.17 6.83
CA MET A 65 -2.28 5.18 7.67
C MET A 65 -3.32 6.20 7.16
N GLU A 66 -2.81 7.29 6.59
CA GLU A 66 -3.60 8.42 6.11
C GLU A 66 -3.96 8.35 4.62
N TYR A 67 -3.11 7.77 3.75
CA TYR A 67 -3.50 7.37 2.39
C TYR A 67 -4.63 6.34 2.44
N LEU A 68 -4.47 5.31 3.28
CA LEU A 68 -5.45 4.23 3.39
C LEU A 68 -6.70 4.64 4.16
N GLU A 69 -6.68 5.75 4.89
CA GLU A 69 -7.91 6.39 5.35
C GLU A 69 -8.81 6.86 4.19
N ASN A 70 -8.23 7.45 3.13
CA ASN A 70 -8.96 7.93 1.95
C ASN A 70 -8.03 8.19 0.72
N PRO A 71 -7.87 7.25 -0.23
CA PRO A 71 -6.84 7.34 -1.27
C PRO A 71 -6.89 8.60 -2.16
N LYS A 72 -8.00 8.88 -2.85
CA LYS A 72 -8.12 10.02 -3.79
C LYS A 72 -8.36 11.39 -3.15
N LYS A 73 -8.57 11.41 -1.83
CA LYS A 73 -8.44 12.61 -0.98
C LYS A 73 -6.99 12.90 -0.55
N TYR A 74 -6.05 11.98 -0.78
CA TYR A 74 -4.63 12.14 -0.45
C TYR A 74 -3.74 12.36 -1.69
N ILE A 75 -3.99 11.58 -2.75
CA ILE A 75 -3.29 11.62 -4.05
C ILE A 75 -4.37 11.54 -5.14
N PRO A 76 -4.77 12.67 -5.74
CA PRO A 76 -6.08 12.77 -6.39
C PRO A 76 -6.21 12.13 -7.77
N GLY A 77 -5.11 11.63 -8.36
CA GLY A 77 -5.10 10.86 -9.62
C GLY A 77 -4.96 9.33 -9.45
N THR A 78 -5.00 8.80 -8.24
CA THR A 78 -4.74 7.36 -8.01
C THR A 78 -5.77 6.47 -8.69
N LYS A 79 -5.28 5.34 -9.20
CA LYS A 79 -6.04 4.31 -9.91
C LYS A 79 -6.65 3.25 -8.98
N MET A 80 -6.42 3.35 -7.67
CA MET A 80 -6.99 2.49 -6.64
C MET A 80 -8.43 2.93 -6.33
N ILE A 81 -9.41 2.32 -6.99
CA ILE A 81 -10.84 2.64 -6.79
C ILE A 81 -11.32 2.02 -5.47
N PHE A 82 -11.06 2.73 -4.36
CA PHE A 82 -11.16 2.27 -2.98
C PHE A 82 -11.48 3.45 -2.03
N VAL A 83 -12.46 3.28 -1.14
CA VAL A 83 -13.08 4.35 -0.33
C VAL A 83 -12.33 4.63 0.96
N GLY A 84 -11.71 3.61 1.56
CA GLY A 84 -10.89 3.73 2.79
C GLY A 84 -10.97 2.50 3.69
N ILE A 85 -9.95 2.28 4.52
CA ILE A 85 -9.90 1.20 5.51
C ILE A 85 -10.65 1.66 6.77
N LYS A 86 -11.81 1.06 7.03
CA LYS A 86 -12.85 1.56 7.95
C LYS A 86 -12.37 1.80 9.40
N LYS A 87 -11.45 0.99 9.93
CA LYS A 87 -10.83 1.20 11.26
C LYS A 87 -9.30 1.25 11.21
N LYS A 88 -8.68 2.22 11.88
CA LYS A 88 -7.22 2.24 12.07
C LYS A 88 -6.71 1.09 12.95
N GLU A 89 -7.60 0.51 13.75
CA GLU A 89 -7.45 -0.82 14.36
C GLU A 89 -6.88 -1.84 13.36
N GLU A 90 -7.49 -2.03 12.19
CA GLU A 90 -6.96 -2.99 11.20
C GLU A 90 -5.66 -2.50 10.53
N ARG A 91 -5.60 -1.21 10.17
CA ARG A 91 -4.42 -0.62 9.52
C ARG A 91 -3.14 -0.87 10.32
N ALA A 92 -3.26 -0.88 11.65
CA ALA A 92 -2.14 -1.01 12.58
C ALA A 92 -1.51 -2.42 12.60
N ASP A 93 -2.25 -3.47 12.26
CA ASP A 93 -1.67 -4.80 12.01
C ASP A 93 -1.25 -4.96 10.54
N LEU A 94 -2.05 -4.44 9.60
CA LEU A 94 -1.76 -4.45 8.16
C LEU A 94 -0.36 -3.88 7.85
N ILE A 95 -0.06 -2.66 8.32
CA ILE A 95 1.22 -1.99 8.08
C ILE A 95 2.40 -2.79 8.68
N ALA A 96 2.19 -3.52 9.79
CA ALA A 96 3.24 -4.35 10.37
C ALA A 96 3.63 -5.51 9.45
N TYR A 97 2.63 -6.15 8.84
CA TYR A 97 2.86 -7.19 7.84
C TYR A 97 3.54 -6.61 6.59
N LEU A 98 3.11 -5.45 6.10
CA LEU A 98 3.72 -4.81 4.93
C LEU A 98 5.21 -4.50 5.11
N LYS A 99 5.60 -3.98 6.28
CA LYS A 99 7.02 -3.79 6.63
C LYS A 99 7.78 -5.11 6.58
N LYS A 100 7.21 -6.15 7.20
CA LYS A 100 7.89 -7.45 7.35
C LYS A 100 8.10 -8.12 5.99
N ALA A 101 7.13 -8.01 5.08
CA ALA A 101 7.16 -8.66 3.78
C ALA A 101 8.05 -7.89 2.79
N THR A 102 7.92 -6.57 2.71
CA THR A 102 8.47 -5.82 1.58
C THR A 102 9.93 -5.37 1.76
N ASN A 103 10.42 -5.33 3.00
CA ASN A 103 11.81 -4.98 3.34
C ASN A 103 12.81 -6.13 3.10
N GLU A 104 12.34 -7.26 2.53
CA GLU A 104 13.13 -8.46 2.28
C GLU A 104 14.21 -8.28 1.22
N GLY A 1 0.17 -3.18 15.72
CA GLY A 1 -0.16 -4.24 14.75
C GLY A 1 1.05 -5.04 14.33
N ASP A 2 0.84 -6.26 13.85
CA ASP A 2 1.90 -7.21 13.47
C ASP A 2 1.57 -8.01 12.19
N VAL A 3 2.33 -9.07 11.93
CA VAL A 3 2.44 -9.70 10.62
C VAL A 3 1.30 -10.69 10.39
N GLU A 4 0.97 -11.53 11.36
CA GLU A 4 -0.15 -12.47 11.27
C GLU A 4 -1.49 -11.77 11.41
N LYS A 5 -1.57 -10.76 12.28
CA LYS A 5 -2.74 -9.88 12.38
C LYS A 5 -2.92 -9.05 11.11
N GLY A 6 -1.82 -8.69 10.46
CA GLY A 6 -1.77 -7.82 9.27
C GLY A 6 -2.06 -8.55 7.95
N LYS A 7 -1.62 -9.80 7.83
CA LYS A 7 -2.02 -10.74 6.77
C LYS A 7 -3.52 -10.72 6.54
N LYS A 8 -4.32 -10.82 7.61
CA LYS A 8 -5.79 -10.91 7.50
C LYS A 8 -6.44 -9.67 6.89
N ILE A 9 -5.77 -8.52 6.95
CA ILE A 9 -6.26 -7.25 6.41
C ILE A 9 -5.95 -7.14 4.92
N PHE A 10 -4.70 -7.43 4.56
CA PHE A 10 -4.30 -7.46 3.15
C PHE A 10 -5.09 -8.53 2.38
N ILE A 11 -5.22 -9.72 2.96
CA ILE A 11 -5.87 -10.87 2.34
C ILE A 11 -7.39 -10.67 2.21
N MET A 12 -7.99 -9.80 3.03
CA MET A 12 -9.43 -9.46 3.00
C MET A 12 -9.81 -8.32 2.05
N LYS A 13 -8.96 -7.29 1.98
CA LYS A 13 -9.28 -6.02 1.33
C LYS A 13 -8.45 -5.73 0.06
N CYS A 14 -7.30 -6.39 -0.09
CA CYS A 14 -6.17 -5.88 -0.89
C CYS A 14 -5.56 -6.88 -1.89
N SER A 15 -5.35 -8.13 -1.48
CA SER A 15 -4.71 -9.22 -2.24
C SER A 15 -5.37 -9.55 -3.58
N GLN A 16 -6.65 -9.21 -3.66
CA GLN A 16 -7.54 -9.18 -4.81
C GLN A 16 -7.06 -8.29 -5.97
N CYS A 17 -6.11 -7.39 -5.71
CA CYS A 17 -5.42 -6.57 -6.71
C CYS A 17 -3.90 -6.65 -6.58
N HIS A 18 -3.39 -6.50 -5.36
CA HIS A 18 -1.96 -6.49 -5.03
C HIS A 18 -1.36 -7.88 -4.80
N THR A 19 -0.03 -7.92 -4.75
CA THR A 19 0.77 -9.02 -4.20
C THR A 19 1.93 -8.41 -3.41
N VAL A 20 2.75 -9.23 -2.74
CA VAL A 20 3.95 -8.80 -1.99
C VAL A 20 5.19 -9.65 -2.33
N GLU A 21 5.18 -10.37 -3.46
CA GLU A 21 6.10 -11.46 -3.77
C GLU A 21 7.51 -10.96 -4.14
N LYS A 22 8.54 -11.81 -4.08
CA LYS A 22 9.88 -11.47 -4.59
C LYS A 22 9.98 -11.71 -6.10
N GLY A 23 10.83 -10.94 -6.77
CA GLY A 23 10.88 -10.81 -8.23
C GLY A 23 9.70 -10.00 -8.79
N GLY A 24 8.47 -10.40 -8.46
CA GLY A 24 7.24 -9.69 -8.76
C GLY A 24 6.77 -9.79 -10.20
N LYS A 25 5.50 -9.45 -10.45
CA LYS A 25 4.96 -9.22 -11.79
C LYS A 25 3.75 -8.27 -11.75
N HIS A 26 3.62 -7.43 -12.78
CA HIS A 26 2.52 -6.50 -12.94
C HIS A 26 1.19 -7.23 -13.24
N LYS A 27 0.14 -6.84 -12.51
CA LYS A 27 -1.26 -7.26 -12.71
C LYS A 27 -2.23 -6.11 -12.41
N THR A 28 -3.47 -6.39 -12.01
CA THR A 28 -4.48 -5.41 -11.58
C THR A 28 -3.94 -4.34 -10.63
N GLY A 29 -3.08 -4.69 -9.67
CA GLY A 29 -2.36 -3.74 -8.80
C GLY A 29 -0.88 -4.13 -8.66
N PRO A 30 -0.05 -3.28 -8.05
CA PRO A 30 1.39 -3.51 -7.98
C PRO A 30 1.78 -4.65 -7.01
N ASN A 31 3.00 -5.15 -7.16
CA ASN A 31 3.56 -6.23 -6.34
C ASN A 31 4.29 -5.74 -5.07
N LEU A 32 4.38 -4.42 -4.88
CA LEU A 32 4.67 -3.73 -3.62
C LEU A 32 6.07 -3.94 -3.03
N HIS A 33 6.91 -4.78 -3.63
CA HIS A 33 8.13 -5.17 -2.93
C HIS A 33 9.14 -4.00 -2.90
N GLY A 34 9.71 -3.73 -1.72
CA GLY A 34 10.57 -2.58 -1.47
C GLY A 34 9.85 -1.25 -1.17
N LEU A 35 8.54 -1.24 -0.88
CA LEU A 35 7.73 -0.02 -0.71
C LEU A 35 8.27 1.02 0.29
N PHE A 36 8.88 0.60 1.40
CA PHE A 36 9.05 1.49 2.56
C PHE A 36 10.27 2.41 2.39
N GLY A 37 10.06 3.72 2.42
CA GLY A 37 11.12 4.71 2.16
C GLY A 37 11.31 5.11 0.69
N ARG A 38 10.40 4.71 -0.22
CA ARG A 38 10.31 5.25 -1.59
C ARG A 38 9.04 6.08 -1.81
N LYS A 39 9.06 6.88 -2.87
CA LYS A 39 7.86 7.34 -3.59
C LYS A 39 7.65 6.41 -4.81
N THR A 40 6.48 6.42 -5.44
CA THR A 40 6.24 5.70 -6.71
C THR A 40 5.68 6.67 -7.76
N GLY A 41 5.07 6.21 -8.86
CA GLY A 41 4.55 7.12 -9.90
C GLY A 41 5.59 7.54 -10.95
N GLN A 42 6.59 6.68 -11.20
CA GLN A 42 7.88 7.11 -11.77
C GLN A 42 8.62 6.09 -12.63
N ALA A 43 8.44 4.79 -12.40
CA ALA A 43 9.08 3.74 -13.19
C ALA A 43 8.05 3.06 -14.12
N PRO A 44 8.38 2.74 -15.38
CA PRO A 44 7.47 2.06 -16.31
C PRO A 44 6.81 0.79 -15.76
N GLY A 45 7.52 0.09 -14.87
CA GLY A 45 7.14 -1.21 -14.39
C GLY A 45 5.95 -1.29 -13.42
N TYR A 46 5.68 -0.26 -12.60
CA TYR A 46 4.54 -0.29 -11.66
C TYR A 46 4.00 1.10 -11.35
N SER A 47 2.75 1.16 -10.88
CA SER A 47 2.13 2.34 -10.28
C SER A 47 2.12 3.57 -11.19
N THR A 49 0.84 6.48 -11.83
CA THR A 49 0.30 7.80 -11.47
C THR A 49 1.34 8.60 -10.71
N ALA A 50 1.78 9.73 -11.28
CA ALA A 50 2.79 10.61 -10.67
C ALA A 50 2.29 11.30 -9.39
N ALA A 51 1.00 11.20 -9.05
CA ALA A 51 0.49 11.59 -7.73
C ALA A 51 1.22 10.86 -6.59
N ASN A 52 1.63 9.60 -6.81
CA ASN A 52 2.46 8.83 -5.88
C ASN A 52 3.87 9.43 -5.66
N LYS A 53 4.31 10.38 -6.50
CA LYS A 53 5.54 11.18 -6.35
C LYS A 53 5.26 12.59 -5.85
N ASN A 54 4.15 13.18 -6.27
CA ASN A 54 3.86 14.61 -6.15
C ASN A 54 3.10 14.99 -4.86
N LYS A 55 2.84 14.02 -3.98
CA LYS A 55 2.62 14.28 -2.53
C LYS A 55 3.92 14.75 -1.84
N GLY A 56 5.08 14.57 -2.48
CA GLY A 56 6.40 14.98 -2.00
C GLY A 56 7.00 14.09 -0.90
N ILE A 57 6.24 13.10 -0.44
CA ILE A 57 6.53 12.28 0.75
C ILE A 57 6.41 10.79 0.46
N ILE A 58 7.16 10.00 1.22
CA ILE A 58 7.34 8.56 1.02
C ILE A 58 6.13 7.72 1.45
N TRP A 59 6.12 6.46 1.05
CA TRP A 59 5.37 5.42 1.75
C TRP A 59 6.08 5.04 3.06
N GLY A 60 5.37 5.24 4.16
CA GLY A 60 5.79 5.00 5.54
C GLY A 60 4.58 4.99 6.48
N GLU A 61 4.80 4.96 7.80
CA GLU A 61 3.74 4.68 8.78
C GLU A 61 2.66 5.75 8.88
N ASP A 62 3.03 7.03 8.84
CA ASP A 62 2.07 8.13 8.93
C ASP A 62 1.30 8.36 7.62
N THR A 63 1.94 8.06 6.48
CA THR A 63 1.46 8.36 5.12
C THR A 63 0.55 7.25 4.62
N LEU A 64 0.89 5.99 4.92
CA LEU A 64 -0.01 4.88 4.74
C LEU A 64 -1.22 4.95 5.69
N MET A 65 -1.13 5.52 6.89
CA MET A 65 -2.27 5.57 7.79
C MET A 65 -3.35 6.51 7.25
N GLU A 66 -2.96 7.62 6.65
CA GLU A 66 -3.90 8.59 6.07
C GLU A 66 -4.40 8.17 4.68
N TYR A 67 -3.55 7.54 3.85
CA TYR A 67 -3.96 6.92 2.59
C TYR A 67 -4.96 5.77 2.81
N LEU A 68 -4.67 4.88 3.76
CA LEU A 68 -5.51 3.73 4.06
C LEU A 68 -6.79 4.11 4.81
N GLU A 69 -6.83 5.24 5.50
CA GLU A 69 -8.09 5.79 6.02
C GLU A 69 -9.03 6.15 4.86
N ASN A 70 -8.55 6.91 3.87
CA ASN A 70 -9.38 7.47 2.81
C ASN A 70 -8.50 7.96 1.64
N PRO A 71 -8.19 7.13 0.63
CA PRO A 71 -7.08 7.41 -0.27
C PRO A 71 -7.29 8.69 -1.08
N LYS A 72 -8.53 9.02 -1.47
CA LYS A 72 -8.89 10.24 -2.19
C LYS A 72 -8.60 11.59 -1.49
N LYS A 73 -8.20 11.60 -0.22
CA LYS A 73 -7.67 12.81 0.45
C LYS A 73 -6.15 12.95 0.27
N TYR A 74 -5.44 11.82 0.18
CA TYR A 74 -4.00 11.78 -0.04
C TYR A 74 -3.66 11.87 -1.53
N ILE A 75 -4.29 11.02 -2.35
CA ILE A 75 -4.14 10.88 -3.79
C ILE A 75 -5.52 10.47 -4.33
N PRO A 76 -6.29 11.39 -4.93
CA PRO A 76 -7.50 11.04 -5.66
C PRO A 76 -7.18 10.51 -7.06
N GLY A 77 -6.02 10.88 -7.62
CA GLY A 77 -5.44 10.34 -8.85
C GLY A 77 -4.82 8.94 -8.69
N THR A 78 -5.63 7.96 -8.30
CA THR A 78 -5.26 6.53 -8.22
C THR A 78 -6.40 5.63 -8.70
N LYS A 79 -6.04 4.53 -9.38
CA LYS A 79 -6.94 3.45 -9.82
C LYS A 79 -7.18 2.38 -8.76
N MET A 80 -6.65 2.56 -7.54
CA MET A 80 -7.07 1.83 -6.37
C MET A 80 -8.55 2.10 -6.05
N ILE A 81 -9.45 1.23 -6.48
CA ILE A 81 -10.90 1.37 -6.34
C ILE A 81 -11.33 1.08 -4.90
N PHE A 82 -11.09 2.02 -4.00
CA PHE A 82 -11.14 1.77 -2.57
C PHE A 82 -11.74 2.95 -1.80
N VAL A 83 -12.51 2.66 -0.75
CA VAL A 83 -13.30 3.65 -0.02
C VAL A 83 -12.62 4.04 1.30
N GLY A 84 -11.92 3.12 1.97
CA GLY A 84 -11.18 3.37 3.20
C GLY A 84 -11.24 2.25 4.24
N ILE A 85 -10.33 2.27 5.21
CA ILE A 85 -10.32 1.42 6.40
C ILE A 85 -10.68 2.29 7.61
N LYS A 86 -11.67 1.88 8.40
CA LYS A 86 -12.32 2.76 9.39
C LYS A 86 -11.67 2.67 10.77
N LYS A 87 -11.17 1.50 11.14
CA LYS A 87 -10.40 1.25 12.38
C LYS A 87 -8.94 1.65 12.21
N LYS A 88 -8.34 2.28 13.23
CA LYS A 88 -6.88 2.42 13.35
C LYS A 88 -6.21 1.06 13.52
N GLU A 89 -6.84 0.13 14.24
CA GLU A 89 -6.31 -1.22 14.48
C GLU A 89 -6.03 -1.97 13.17
N GLU A 90 -7.01 -2.03 12.25
CA GLU A 90 -6.83 -2.67 10.95
C GLU A 90 -5.71 -2.01 10.14
N ARG A 91 -5.64 -0.66 10.09
CA ARG A 91 -4.58 0.04 9.36
C ARG A 91 -3.19 -0.24 9.94
N ALA A 92 -3.11 -0.36 11.26
CA ALA A 92 -1.87 -0.56 12.03
C ALA A 92 -1.36 -2.01 12.02
N ASP A 93 -2.25 -2.98 11.82
CA ASP A 93 -1.90 -4.36 11.49
C ASP A 93 -1.35 -4.44 10.05
N LEU A 94 -2.06 -3.81 9.11
CA LEU A 94 -1.71 -3.82 7.68
C LEU A 94 -0.29 -3.27 7.41
N ILE A 95 0.02 -2.07 7.92
CA ILE A 95 1.35 -1.44 7.81
C ILE A 95 2.45 -2.37 8.34
N ALA A 96 2.18 -3.16 9.40
CA ALA A 96 3.18 -4.04 9.99
C ALA A 96 3.48 -5.26 9.11
N TYR A 97 2.44 -5.92 8.58
CA TYR A 97 2.60 -7.03 7.65
C TYR A 97 3.40 -6.58 6.42
N LEU A 98 3.04 -5.44 5.83
CA LEU A 98 3.72 -4.92 4.65
C LEU A 98 5.19 -4.61 4.91
N LYS A 99 5.55 -4.03 6.06
CA LYS A 99 6.96 -3.83 6.41
C LYS A 99 7.72 -5.15 6.46
N LYS A 100 7.15 -6.20 7.07
CA LYS A 100 7.85 -7.49 7.17
C LYS A 100 7.97 -8.17 5.81
N ALA A 101 6.92 -8.14 4.99
CA ALA A 101 6.83 -8.89 3.75
C ALA A 101 7.42 -8.17 2.54
N THR A 102 7.77 -6.88 2.66
CA THR A 102 8.44 -6.11 1.60
C THR A 102 9.91 -5.80 1.89
N ASN A 103 10.35 -5.93 3.15
CA ASN A 103 11.77 -5.90 3.54
C ASN A 103 12.37 -7.32 3.63
N GLU A 104 11.78 -8.31 2.96
CA GLU A 104 11.86 -9.72 3.37
C GLU A 104 13.24 -10.39 3.30
N GLY A 1 -0.77 -5.25 16.50
CA GLY A 1 0.09 -4.78 15.41
C GLY A 1 1.11 -5.83 15.02
N ASP A 2 0.69 -6.90 14.33
CA ASP A 2 1.56 -7.95 13.79
C ASP A 2 1.06 -8.57 12.48
N VAL A 3 1.88 -9.50 11.98
CA VAL A 3 1.89 -10.00 10.63
C VAL A 3 0.75 -10.97 10.35
N GLU A 4 0.31 -11.71 11.37
CA GLU A 4 -0.60 -12.85 11.18
C GLU A 4 -2.07 -12.44 11.33
N LYS A 5 -2.31 -11.37 12.09
CA LYS A 5 -3.51 -10.53 11.98
C LYS A 5 -3.43 -9.64 10.74
N GLY A 6 -2.22 -9.18 10.43
CA GLY A 6 -1.92 -8.30 9.29
C GLY A 6 -2.28 -8.93 7.94
N LYS A 7 -2.00 -10.22 7.79
CA LYS A 7 -2.43 -11.05 6.68
C LYS A 7 -3.92 -10.85 6.38
N LYS A 8 -4.79 -10.96 7.39
CA LYS A 8 -6.26 -10.97 7.22
C LYS A 8 -6.87 -9.61 6.91
N ILE A 9 -6.09 -8.53 7.01
CA ILE A 9 -6.48 -7.21 6.52
C ILE A 9 -6.21 -7.14 5.01
N PHE A 10 -5.03 -7.60 4.59
CA PHE A 10 -4.65 -7.63 3.18
C PHE A 10 -5.52 -8.63 2.40
N ILE A 11 -5.70 -9.84 2.94
CA ILE A 11 -6.45 -10.93 2.32
C ILE A 11 -7.94 -10.57 2.16
N MET A 12 -8.50 -9.81 3.10
CA MET A 12 -9.86 -9.30 2.99
C MET A 12 -9.98 -8.20 1.91
N LYS A 13 -9.16 -7.14 2.02
CA LYS A 13 -9.44 -5.85 1.35
C LYS A 13 -8.58 -5.57 0.12
N CYS A 14 -7.41 -6.21 0.02
CA CYS A 14 -6.27 -5.71 -0.76
C CYS A 14 -5.70 -6.73 -1.75
N SER A 15 -5.65 -8.00 -1.34
CA SER A 15 -5.00 -9.10 -2.06
C SER A 15 -5.64 -9.36 -3.42
N GLN A 16 -6.91 -9.00 -3.59
CA GLN A 16 -7.67 -9.04 -4.84
C GLN A 16 -7.03 -8.23 -5.99
N CYS A 17 -6.14 -7.28 -5.67
CA CYS A 17 -5.38 -6.48 -6.62
C CYS A 17 -3.87 -6.57 -6.41
N HIS A 18 -3.42 -6.60 -5.15
CA HIS A 18 -2.01 -6.65 -4.76
C HIS A 18 -1.50 -8.03 -4.37
N THR A 19 -0.19 -8.22 -4.45
CA THR A 19 0.56 -9.34 -3.88
C THR A 19 1.91 -8.78 -3.38
N VAL A 20 2.63 -9.50 -2.50
CA VAL A 20 3.90 -9.03 -1.91
C VAL A 20 5.05 -10.04 -2.08
N GLU A 21 4.93 -10.98 -3.01
CA GLU A 21 5.94 -12.02 -3.30
C GLU A 21 7.31 -11.41 -3.63
N LYS A 22 8.41 -12.00 -3.13
CA LYS A 22 9.78 -11.54 -3.34
C LYS A 22 10.11 -11.23 -4.81
N GLY A 23 10.77 -10.09 -5.03
CA GLY A 23 11.07 -9.50 -6.34
C GLY A 23 9.90 -8.78 -7.03
N GLY A 24 8.70 -9.37 -6.97
CA GLY A 24 7.45 -8.82 -7.47
C GLY A 24 7.26 -8.79 -8.99
N LYS A 25 6.00 -8.93 -9.41
CA LYS A 25 5.54 -8.93 -10.80
C LYS A 25 4.26 -8.12 -11.01
N HIS A 26 4.07 -7.63 -12.23
CA HIS A 26 2.88 -6.91 -12.64
C HIS A 26 1.56 -7.71 -12.57
N LYS A 27 0.49 -7.05 -12.14
CA LYS A 27 -0.88 -7.57 -11.97
C LYS A 27 -1.90 -6.42 -11.93
N THR A 28 -3.14 -6.62 -11.48
CA THR A 28 -4.17 -5.57 -11.40
C THR A 28 -3.67 -4.35 -10.60
N GLY A 29 -2.98 -4.58 -9.48
CA GLY A 29 -2.28 -3.56 -8.70
C GLY A 29 -0.75 -3.74 -8.79
N PRO A 30 0.03 -2.84 -8.19
CA PRO A 30 1.45 -3.06 -7.94
C PRO A 30 1.75 -4.25 -7.03
N ASN A 31 3.01 -4.69 -7.00
CA ASN A 31 3.46 -5.73 -6.06
C ASN A 31 4.10 -5.18 -4.77
N LEU A 32 4.09 -3.86 -4.58
CA LEU A 32 4.57 -3.19 -3.37
C LEU A 32 6.06 -3.43 -3.04
N HIS A 33 6.83 -3.96 -3.99
CA HIS A 33 8.18 -4.49 -3.71
C HIS A 33 9.11 -3.35 -3.31
N GLY A 34 9.68 -3.43 -2.10
CA GLY A 34 10.54 -2.35 -1.59
C GLY A 34 9.81 -1.02 -1.41
N LEU A 35 8.49 -0.99 -1.14
CA LEU A 35 7.69 0.23 -1.00
C LEU A 35 8.28 1.24 0.00
N PHE A 36 8.80 0.73 1.12
CA PHE A 36 9.22 1.57 2.25
C PHE A 36 10.53 2.29 1.93
N GLY A 37 10.64 3.56 2.32
CA GLY A 37 11.79 4.42 1.99
C GLY A 37 11.63 5.21 0.68
N ARG A 38 10.57 4.99 -0.11
CA ARG A 38 10.36 5.67 -1.41
C ARG A 38 8.98 6.31 -1.59
N LYS A 39 8.84 7.06 -2.69
CA LYS A 39 7.57 7.40 -3.35
C LYS A 39 7.36 6.49 -4.59
N THR A 40 6.18 6.55 -5.20
CA THR A 40 5.75 5.64 -6.30
C THR A 40 5.23 6.42 -7.52
N GLY A 41 4.58 5.79 -8.49
CA GLY A 41 3.99 6.46 -9.66
C GLY A 41 4.98 6.83 -10.76
N GLN A 42 6.09 6.08 -10.89
CA GLN A 42 7.29 6.60 -11.54
C GLN A 42 8.20 5.55 -12.19
N ALA A 43 8.02 4.25 -11.94
CA ALA A 43 8.89 3.22 -12.49
C ALA A 43 8.37 2.67 -13.84
N PRO A 44 9.25 2.19 -14.74
CA PRO A 44 8.84 1.63 -16.04
C PRO A 44 7.86 0.44 -15.92
N GLY A 45 7.89 -0.27 -14.78
CA GLY A 45 6.98 -1.37 -14.50
C GLY A 45 5.64 -0.94 -13.89
N TYR A 46 5.52 0.15 -13.12
CA TYR A 46 4.29 0.42 -12.36
C TYR A 46 3.84 1.88 -12.51
N SER A 47 2.58 2.05 -12.92
CA SER A 47 1.86 3.31 -13.08
C SER A 47 2.45 4.32 -14.08
N THR A 49 0.66 7.97 -13.98
CA THR A 49 0.52 9.25 -13.25
C THR A 49 1.60 9.42 -12.16
N ALA A 50 2.31 10.54 -12.18
CA ALA A 50 3.31 10.87 -11.14
C ALA A 50 2.70 11.53 -9.89
N ALA A 51 1.38 11.55 -9.74
CA ALA A 51 0.68 12.05 -8.55
C ALA A 51 1.20 11.43 -7.24
N ASN A 52 1.49 10.13 -7.28
CA ASN A 52 2.01 9.32 -6.18
C ASN A 52 3.50 9.60 -5.85
N LYS A 53 4.10 10.57 -6.55
CA LYS A 53 5.39 11.21 -6.25
C LYS A 53 5.23 12.71 -5.96
N ASN A 54 4.43 13.43 -6.75
CA ASN A 54 4.49 14.89 -6.82
C ASN A 54 3.80 15.65 -5.67
N LYS A 55 3.12 14.94 -4.77
CA LYS A 55 2.58 15.44 -3.50
C LYS A 55 2.66 14.39 -2.38
N GLY A 56 2.40 14.77 -1.13
CA GLY A 56 2.56 13.89 0.04
C GLY A 56 4.03 13.59 0.36
N ILE A 57 4.27 12.60 1.22
CA ILE A 57 5.62 12.14 1.60
C ILE A 57 5.85 10.65 1.25
N ILE A 58 7.09 10.17 1.42
CA ILE A 58 7.45 8.74 1.22
C ILE A 58 6.64 7.78 2.11
N TRP A 59 6.58 6.51 1.69
CA TRP A 59 5.81 5.47 2.35
C TRP A 59 6.42 5.01 3.68
N GLY A 60 6.05 5.70 4.75
CA GLY A 60 6.26 5.29 6.13
C GLY A 60 4.95 4.90 6.80
N GLU A 61 5.09 4.36 7.99
CA GLU A 61 4.02 4.03 8.91
C GLU A 61 2.98 5.15 9.09
N ASP A 62 3.43 6.38 9.29
CA ASP A 62 2.61 7.58 9.54
C ASP A 62 2.09 8.20 8.24
N THR A 63 2.54 7.68 7.10
CA THR A 63 2.06 8.01 5.75
C THR A 63 0.99 7.03 5.29
N LEU A 64 1.15 5.75 5.62
CA LEU A 64 0.27 4.70 5.15
C LEU A 64 -1.03 4.70 5.95
N MET A 65 -1.03 5.18 7.18
CA MET A 65 -2.27 5.29 7.93
C MET A 65 -3.15 6.43 7.41
N GLU A 66 -2.56 7.54 6.95
CA GLU A 66 -3.33 8.65 6.37
C GLU A 66 -3.81 8.33 4.93
N TYR A 67 -3.00 7.58 4.16
CA TYR A 67 -3.38 6.99 2.88
C TYR A 67 -4.56 6.06 3.04
N LEU A 68 -4.43 5.06 3.92
CA LEU A 68 -5.44 4.02 4.10
C LEU A 68 -6.72 4.57 4.70
N GLU A 69 -6.67 5.62 5.53
CA GLU A 69 -7.89 6.25 6.04
C GLU A 69 -8.77 6.85 4.92
N ASN A 70 -8.18 7.40 3.84
CA ASN A 70 -8.92 7.86 2.65
C ASN A 70 -8.06 7.94 1.36
N PRO A 71 -7.83 6.86 0.59
CA PRO A 71 -6.79 6.87 -0.45
C PRO A 71 -7.14 7.74 -1.66
N LYS A 72 -8.37 7.66 -2.18
CA LYS A 72 -8.84 8.54 -3.27
C LYS A 72 -8.98 10.03 -2.94
N LYS A 73 -9.07 10.39 -1.66
CA LYS A 73 -8.97 11.78 -1.19
C LYS A 73 -7.52 12.22 -1.22
N TYR A 74 -6.64 11.32 -0.80
CA TYR A 74 -5.19 11.57 -0.68
C TYR A 74 -4.51 11.68 -2.05
N ILE A 75 -4.93 10.92 -3.05
CA ILE A 75 -4.41 10.95 -4.43
C ILE A 75 -5.59 10.97 -5.39
N PRO A 76 -6.12 12.16 -5.74
CA PRO A 76 -7.22 12.30 -6.69
C PRO A 76 -6.71 12.19 -8.14
N GLY A 77 -6.47 10.94 -8.58
CA GLY A 77 -6.09 10.63 -9.97
C GLY A 77 -5.58 9.20 -10.23
N THR A 78 -5.74 8.27 -9.28
CA THR A 78 -5.20 6.92 -9.33
C THR A 78 -6.24 5.87 -9.74
N LYS A 79 -5.80 4.83 -10.44
CA LYS A 79 -6.60 3.65 -10.82
C LYS A 79 -6.99 2.75 -9.64
N MET A 80 -6.48 2.97 -8.43
CA MET A 80 -6.90 2.26 -7.22
C MET A 80 -8.35 2.62 -6.82
N ILE A 81 -9.20 1.61 -6.58
CA ILE A 81 -10.62 1.79 -6.20
C ILE A 81 -10.84 1.29 -4.76
N PHE A 82 -10.72 2.20 -3.79
CA PHE A 82 -10.84 1.89 -2.37
C PHE A 82 -11.35 3.08 -1.54
N VAL A 83 -12.30 2.85 -0.64
CA VAL A 83 -12.95 3.92 0.16
C VAL A 83 -12.11 4.33 1.38
N GLY A 84 -11.62 3.36 2.17
CA GLY A 84 -10.72 3.63 3.31
C GLY A 84 -10.75 2.60 4.45
N ILE A 85 -9.94 2.80 5.49
CA ILE A 85 -9.86 2.01 6.72
C ILE A 85 -9.88 2.96 7.92
N LYS A 86 -10.99 3.00 8.68
CA LYS A 86 -11.16 3.93 9.82
C LYS A 86 -10.53 3.45 11.12
N LYS A 87 -10.35 2.14 11.31
CA LYS A 87 -9.70 1.57 12.51
C LYS A 87 -8.17 1.63 12.49
N LYS A 88 -7.61 2.31 13.49
CA LYS A 88 -6.16 2.34 13.75
C LYS A 88 -5.55 0.96 13.95
N GLU A 89 -6.27 0.03 14.59
CA GLU A 89 -5.75 -1.31 14.86
C GLU A 89 -5.61 -2.17 13.60
N GLU A 90 -6.62 -2.14 12.73
CA GLU A 90 -6.57 -2.84 11.45
C GLU A 90 -5.45 -2.29 10.57
N ARG A 91 -5.30 -0.94 10.52
CA ARG A 91 -4.19 -0.31 9.80
C ARG A 91 -2.82 -0.73 10.36
N ALA A 92 -2.73 -0.88 11.69
CA ALA A 92 -1.46 -1.18 12.37
C ALA A 92 -1.01 -2.64 12.23
N ASP A 93 -1.93 -3.59 12.09
CA ASP A 93 -1.61 -4.96 11.69
C ASP A 93 -1.25 -5.02 10.20
N LEU A 94 -1.95 -4.27 9.34
CA LEU A 94 -1.65 -4.17 7.90
C LEU A 94 -0.23 -3.61 7.65
N ILE A 95 0.09 -2.46 8.25
CA ILE A 95 1.43 -1.86 8.17
C ILE A 95 2.49 -2.79 8.76
N ALA A 96 2.19 -3.57 9.81
CA ALA A 96 3.13 -4.56 10.33
C ALA A 96 3.45 -5.65 9.30
N TYR A 97 2.41 -6.19 8.64
CA TYR A 97 2.57 -7.15 7.56
C TYR A 97 3.35 -6.56 6.37
N LEU A 98 3.04 -5.32 5.96
CA LEU A 98 3.76 -4.66 4.87
C LEU A 98 5.23 -4.38 5.19
N LYS A 99 5.56 -3.90 6.39
CA LYS A 99 6.96 -3.76 6.83
C LYS A 99 7.65 -5.11 6.87
N LYS A 100 6.96 -6.17 7.27
CA LYS A 100 7.58 -7.49 7.29
C LYS A 100 7.88 -8.01 5.88
N ALA A 101 6.93 -7.89 4.94
CA ALA A 101 6.95 -8.61 3.67
C ALA A 101 7.53 -7.81 2.50
N THR A 102 7.29 -6.49 2.45
CA THR A 102 7.79 -5.67 1.32
C THR A 102 9.31 -5.50 1.35
N ASN A 103 9.90 -5.65 2.53
CA ASN A 103 11.35 -5.63 2.74
C ASN A 103 12.03 -7.00 2.51
N GLU A 104 11.28 -8.03 2.11
CA GLU A 104 11.85 -9.35 1.78
C GLU A 104 12.56 -9.41 0.43
N GLY A 1 -0.14 -5.85 16.58
CA GLY A 1 0.72 -5.25 15.55
C GLY A 1 1.85 -6.20 15.18
N ASP A 2 1.59 -7.24 14.39
CA ASP A 2 2.63 -8.15 13.89
C ASP A 2 2.25 -8.84 12.57
N VAL A 3 3.13 -9.73 12.11
CA VAL A 3 3.18 -10.27 10.75
C VAL A 3 2.10 -11.33 10.52
N GLU A 4 1.91 -12.23 11.48
CA GLU A 4 1.04 -13.39 11.36
C GLU A 4 -0.45 -13.02 11.39
N LYS A 5 -0.75 -11.98 12.15
CA LYS A 5 -2.06 -11.35 12.17
C LYS A 5 -2.19 -10.41 10.97
N GLY A 6 -1.12 -9.70 10.65
CA GLY A 6 -1.10 -8.70 9.58
C GLY A 6 -1.35 -9.27 8.19
N LYS A 7 -0.98 -10.54 7.94
CA LYS A 7 -1.33 -11.27 6.71
C LYS A 7 -2.82 -11.25 6.44
N LYS A 8 -3.65 -11.52 7.47
CA LYS A 8 -5.12 -11.54 7.34
C LYS A 8 -5.70 -10.20 6.89
N ILE A 9 -5.03 -9.09 7.17
CA ILE A 9 -5.48 -7.74 6.81
C ILE A 9 -5.22 -7.43 5.34
N PHE A 10 -4.09 -7.91 4.81
CA PHE A 10 -3.83 -7.88 3.38
C PHE A 10 -4.77 -8.84 2.63
N ILE A 11 -4.89 -10.08 3.12
CA ILE A 11 -5.71 -11.15 2.55
C ILE A 11 -7.20 -10.79 2.52
N MET A 12 -7.70 -10.05 3.51
CA MET A 12 -9.07 -9.56 3.58
C MET A 12 -9.43 -8.60 2.43
N LYS A 13 -8.60 -7.57 2.24
CA LYS A 13 -9.00 -6.34 1.53
C LYS A 13 -8.15 -6.00 0.31
N CYS A 14 -6.93 -6.50 0.26
CA CYS A 14 -5.82 -5.99 -0.56
C CYS A 14 -5.30 -7.01 -1.58
N SER A 15 -5.28 -8.30 -1.21
CA SER A 15 -4.75 -9.43 -2.01
C SER A 15 -5.56 -9.69 -3.29
N GLN A 16 -6.76 -9.13 -3.35
CA GLN A 16 -7.62 -9.11 -4.52
C GLN A 16 -7.11 -8.20 -5.64
N CYS A 17 -6.11 -7.35 -5.38
CA CYS A 17 -5.51 -6.45 -6.38
C CYS A 17 -3.98 -6.49 -6.35
N HIS A 18 -3.38 -6.30 -5.18
CA HIS A 18 -1.93 -6.39 -4.95
C HIS A 18 -1.46 -7.83 -4.63
N THR A 19 -0.16 -8.08 -4.68
CA THR A 19 0.44 -9.27 -4.07
C THR A 19 1.86 -8.97 -3.58
N VAL A 20 2.20 -9.24 -2.31
CA VAL A 20 3.56 -9.09 -1.76
C VAL A 20 4.34 -10.38 -1.97
N GLU A 21 4.31 -10.82 -3.23
CA GLU A 21 4.91 -12.06 -3.72
C GLU A 21 6.35 -11.79 -4.14
N LYS A 22 7.28 -12.67 -3.75
CA LYS A 22 8.70 -12.56 -4.14
C LYS A 22 8.87 -12.45 -5.66
N GLY A 23 9.70 -11.51 -6.10
CA GLY A 23 9.88 -11.14 -7.50
C GLY A 23 8.73 -10.34 -8.13
N GLY A 24 7.58 -10.24 -7.48
CA GLY A 24 6.40 -9.51 -7.95
C GLY A 24 5.72 -10.11 -9.19
N LYS A 25 4.50 -9.62 -9.46
CA LYS A 25 3.70 -9.94 -10.65
C LYS A 25 2.86 -8.74 -11.10
N HIS A 26 2.77 -8.53 -12.42
CA HIS A 26 1.96 -7.46 -13.00
C HIS A 26 0.49 -7.86 -13.13
N LYS A 27 -0.42 -7.04 -12.58
CA LYS A 27 -1.88 -7.26 -12.47
C LYS A 27 -2.61 -5.97 -12.06
N THR A 28 -3.86 -6.05 -11.57
CA THR A 28 -4.66 -4.90 -11.12
C THR A 28 -3.94 -3.95 -10.15
N GLY A 29 -3.11 -4.44 -9.22
CA GLY A 29 -2.34 -3.62 -8.27
C GLY A 29 -0.86 -4.04 -8.17
N PRO A 30 0.05 -3.11 -7.81
CA PRO A 30 1.48 -3.37 -7.66
C PRO A 30 1.89 -4.47 -6.66
N ASN A 31 3.14 -4.92 -6.78
CA ASN A 31 3.80 -5.88 -5.89
C ASN A 31 4.02 -5.34 -4.47
N LEU A 32 4.12 -4.01 -4.31
CA LEU A 32 4.33 -3.32 -3.04
C LEU A 32 5.71 -3.57 -2.41
N HIS A 33 6.61 -4.31 -3.07
CA HIS A 33 7.96 -4.59 -2.54
C HIS A 33 8.89 -3.38 -2.69
N GLY A 34 9.69 -3.11 -1.66
CA GLY A 34 10.58 -1.94 -1.58
C GLY A 34 9.87 -0.61 -1.31
N LEU A 35 8.57 -0.62 -1.04
CA LEU A 35 7.74 0.59 -0.83
C LEU A 35 8.26 1.46 0.33
N PHE A 36 8.76 0.86 1.40
CA PHE A 36 9.11 1.59 2.63
C PHE A 36 10.48 2.26 2.50
N GLY A 37 10.50 3.58 2.69
CA GLY A 37 11.69 4.42 2.47
C GLY A 37 11.75 5.15 1.11
N ARG A 38 10.69 5.06 0.28
CA ARG A 38 10.57 5.73 -1.03
C ARG A 38 9.21 6.39 -1.26
N LYS A 39 9.11 7.16 -2.33
CA LYS A 39 7.89 7.50 -3.09
C LYS A 39 7.73 6.52 -4.26
N THR A 40 6.59 6.51 -4.95
CA THR A 40 6.32 5.66 -6.13
C THR A 40 5.79 6.50 -7.31
N GLY A 41 4.66 6.15 -7.94
CA GLY A 41 4.02 6.96 -9.00
C GLY A 41 4.81 7.07 -10.32
N GLN A 42 5.52 6.02 -10.73
CA GLN A 42 6.58 6.13 -11.76
C GLN A 42 6.96 4.85 -12.52
N ALA A 43 6.54 3.67 -12.08
CA ALA A 43 7.13 2.40 -12.56
C ALA A 43 6.73 2.07 -14.03
N PRO A 44 7.51 1.22 -14.75
CA PRO A 44 7.33 0.95 -16.18
C PRO A 44 5.94 0.47 -16.62
N GLY A 45 5.11 0.00 -15.69
CA GLY A 45 3.73 -0.41 -15.91
C GLY A 45 2.72 0.14 -14.88
N TYR A 46 3.07 1.14 -14.07
CA TYR A 46 2.14 1.72 -13.08
C TYR A 46 2.10 3.26 -13.09
N SER A 47 0.97 3.81 -12.61
CA SER A 47 0.53 5.20 -12.73
C SER A 47 0.40 5.73 -14.17
N THR A 49 -0.80 9.65 -13.95
CA THR A 49 -0.61 10.89 -13.17
C THR A 49 0.53 10.69 -12.15
N ALA A 50 1.57 11.52 -12.12
CA ALA A 50 2.75 11.37 -11.24
C ALA A 50 2.54 11.78 -9.77
N ALA A 51 1.29 11.88 -9.30
CA ALA A 51 0.97 12.52 -8.01
C ALA A 51 1.58 11.81 -6.77
N ASN A 52 1.71 10.48 -6.79
CA ASN A 52 2.35 9.71 -5.71
C ASN A 52 3.88 9.88 -5.66
N LYS A 53 4.48 10.42 -6.73
CA LYS A 53 5.90 10.80 -6.81
C LYS A 53 6.16 12.22 -6.29
N ASN A 54 5.09 13.03 -6.18
CA ASN A 54 5.14 14.47 -5.93
C ASN A 54 4.40 14.88 -4.61
N LYS A 55 4.23 13.94 -3.66
CA LYS A 55 3.41 14.14 -2.45
C LYS A 55 4.13 14.83 -1.27
N GLY A 56 5.46 14.99 -1.32
CA GLY A 56 6.27 15.69 -0.31
C GLY A 56 6.77 14.87 0.90
N ILE A 57 6.32 13.62 1.03
CA ILE A 57 6.80 12.62 2.00
C ILE A 57 6.84 11.22 1.38
N ILE A 58 7.62 10.31 1.98
CA ILE A 58 7.65 8.89 1.63
C ILE A 58 6.46 8.09 2.17
N TRP A 59 6.28 6.87 1.65
CA TRP A 59 5.48 5.85 2.30
C TRP A 59 6.06 5.47 3.68
N GLY A 60 5.28 5.80 4.72
CA GLY A 60 5.44 5.35 6.10
C GLY A 60 4.10 5.04 6.79
N GLU A 61 4.14 4.77 8.08
CA GLU A 61 3.01 4.23 8.87
C GLU A 61 1.81 5.18 8.97
N ASP A 62 2.07 6.46 9.21
CA ASP A 62 1.05 7.49 9.32
C ASP A 62 0.51 7.87 7.93
N THR A 63 1.27 7.57 6.87
CA THR A 63 1.05 7.98 5.48
C THR A 63 0.14 7.00 4.77
N LEU A 64 0.40 5.71 4.95
CA LEU A 64 -0.51 4.65 4.56
C LEU A 64 -1.89 4.80 5.21
N MET A 65 -1.96 5.31 6.44
CA MET A 65 -3.20 5.40 7.18
C MET A 65 -4.08 6.58 6.76
N GLU A 66 -3.48 7.61 6.15
CA GLU A 66 -4.21 8.75 5.59
C GLU A 66 -4.54 8.59 4.09
N TYR A 67 -3.70 7.86 3.35
CA TYR A 67 -3.99 7.40 2.00
C TYR A 67 -5.17 6.41 1.99
N LEU A 68 -5.07 5.35 2.81
CA LEU A 68 -6.08 4.29 2.85
C LEU A 68 -7.40 4.74 3.48
N GLU A 69 -7.40 5.85 4.23
CA GLU A 69 -8.64 6.48 4.68
C GLU A 69 -9.58 6.77 3.50
N ASN A 70 -9.08 7.45 2.46
CA ASN A 70 -9.82 7.80 1.26
C ASN A 70 -8.87 8.23 0.10
N PRO A 71 -8.46 7.32 -0.79
CA PRO A 71 -7.41 7.61 -1.78
C PRO A 71 -7.73 8.82 -2.67
N LYS A 72 -8.94 8.86 -3.26
CA LYS A 72 -9.39 9.95 -4.15
C LYS A 72 -9.34 11.38 -3.58
N LYS A 73 -9.45 11.53 -2.24
CA LYS A 73 -9.36 12.81 -1.53
C LYS A 73 -7.92 13.18 -1.24
N TYR A 74 -7.16 12.19 -0.76
CA TYR A 74 -5.77 12.36 -0.35
C TYR A 74 -4.81 12.57 -1.54
N ILE A 75 -5.02 11.86 -2.65
CA ILE A 75 -4.27 12.01 -3.90
C ILE A 75 -5.30 11.96 -5.02
N PRO A 76 -5.83 13.12 -5.47
CA PRO A 76 -6.74 13.18 -6.60
C PRO A 76 -5.95 12.98 -7.90
N GLY A 77 -5.59 11.73 -8.17
CA GLY A 77 -4.57 11.35 -9.14
C GLY A 77 -4.00 9.94 -8.96
N THR A 78 -4.83 8.94 -8.59
CA THR A 78 -4.44 7.53 -8.51
C THR A 78 -5.47 6.60 -9.16
N LYS A 79 -5.02 5.45 -9.66
CA LYS A 79 -5.87 4.38 -10.19
C LYS A 79 -6.51 3.50 -9.10
N MET A 80 -6.19 3.71 -7.82
CA MET A 80 -6.84 3.00 -6.72
C MET A 80 -8.28 3.51 -6.50
N ILE A 81 -9.27 2.72 -6.92
CA ILE A 81 -10.71 2.99 -6.70
C ILE A 81 -11.18 2.16 -5.50
N PHE A 82 -11.38 2.80 -4.35
CA PHE A 82 -11.47 2.10 -3.07
C PHE A 82 -12.75 2.46 -2.27
N VAL A 83 -13.02 1.68 -1.23
CA VAL A 83 -14.11 1.93 -0.25
C VAL A 83 -13.72 2.91 0.86
N GLY A 84 -12.42 3.00 1.19
CA GLY A 84 -11.87 3.80 2.29
C GLY A 84 -11.96 3.10 3.65
N ILE A 85 -10.85 3.09 4.41
CA ILE A 85 -10.75 2.43 5.72
C ILE A 85 -11.08 3.40 6.84
N LYS A 86 -11.80 2.93 7.86
CA LYS A 86 -12.06 3.67 9.11
C LYS A 86 -11.12 3.23 10.24
N LYS A 87 -10.77 1.94 10.35
CA LYS A 87 -9.94 1.39 11.44
C LYS A 87 -8.45 1.72 11.35
N LYS A 88 -7.99 2.54 12.30
CA LYS A 88 -6.58 2.63 12.72
C LYS A 88 -6.02 1.29 13.20
N GLU A 89 -6.81 0.52 13.97
CA GLU A 89 -6.31 -0.67 14.65
C GLU A 89 -5.92 -1.81 13.70
N GLU A 90 -6.50 -1.88 12.50
CA GLU A 90 -6.19 -2.98 11.58
C GLU A 90 -5.05 -2.58 10.65
N ARG A 91 -4.92 -1.29 10.35
CA ARG A 91 -3.68 -0.77 9.73
C ARG A 91 -2.45 -1.08 10.57
N ALA A 92 -2.59 -1.12 11.89
CA ALA A 92 -1.46 -1.34 12.80
C ALA A 92 -0.75 -2.69 12.53
N ASP A 93 -1.54 -3.75 12.33
CA ASP A 93 -1.06 -5.09 11.99
C ASP A 93 -0.74 -5.22 10.48
N LEU A 94 -1.53 -4.59 9.59
CA LEU A 94 -1.22 -4.51 8.15
C LEU A 94 0.20 -3.97 7.90
N ILE A 95 0.53 -2.80 8.46
CA ILE A 95 1.84 -2.15 8.36
C ILE A 95 2.94 -3.07 8.92
N ALA A 96 2.66 -3.82 9.99
CA ALA A 96 3.62 -4.76 10.59
C ALA A 96 3.93 -5.94 9.67
N TYR A 97 2.92 -6.48 8.97
CA TYR A 97 3.14 -7.46 7.92
C TYR A 97 3.94 -6.87 6.77
N LEU A 98 3.54 -5.69 6.27
CA LEU A 98 4.24 -5.06 5.14
C LEU A 98 5.72 -4.82 5.45
N LYS A 99 6.09 -4.33 6.63
CA LYS A 99 7.51 -4.13 6.96
C LYS A 99 8.33 -5.41 7.05
N LYS A 100 7.70 -6.57 7.30
CA LYS A 100 8.40 -7.87 7.25
C LYS A 100 8.47 -8.44 5.83
N ALA A 101 7.48 -8.16 4.97
CA ALA A 101 7.28 -8.84 3.69
C ALA A 101 7.68 -8.00 2.46
N THR A 102 7.37 -6.71 2.45
CA THR A 102 7.68 -5.80 1.33
C THR A 102 9.17 -5.58 1.16
N ASN A 103 9.93 -5.62 2.26
CA ASN A 103 11.38 -5.39 2.26
C ASN A 103 12.18 -6.60 1.78
N GLU A 104 11.55 -7.74 1.49
CA GLU A 104 12.22 -9.02 1.20
C GLU A 104 13.11 -9.00 -0.03
N GLY A 1 -1.46 -5.33 16.72
CA GLY A 1 -0.36 -4.79 15.92
C GLY A 1 0.65 -5.88 15.59
N ASP A 2 0.37 -6.74 14.60
CA ASP A 2 1.36 -7.70 14.09
C ASP A 2 1.06 -8.20 12.67
N VAL A 3 1.96 -9.06 12.20
CA VAL A 3 2.10 -9.55 10.83
C VAL A 3 0.96 -10.47 10.43
N GLU A 4 0.48 -11.26 11.38
CA GLU A 4 -0.43 -12.38 11.12
C GLU A 4 -1.88 -11.95 11.35
N LYS A 5 -2.09 -10.99 12.25
CA LYS A 5 -3.24 -10.08 12.21
C LYS A 5 -3.27 -9.24 10.92
N GLY A 6 -2.10 -8.91 10.38
CA GLY A 6 -1.94 -8.00 9.25
C GLY A 6 -2.22 -8.64 7.89
N LYS A 7 -1.92 -9.94 7.78
CA LYS A 7 -2.21 -10.76 6.59
C LYS A 7 -3.71 -10.76 6.29
N LYS A 8 -4.54 -10.90 7.33
CA LYS A 8 -6.01 -10.88 7.22
C LYS A 8 -6.57 -9.59 6.60
N ILE A 9 -5.83 -8.48 6.67
CA ILE A 9 -6.23 -7.20 6.07
C ILE A 9 -5.91 -7.21 4.57
N PHE A 10 -4.69 -7.60 4.23
CA PHE A 10 -4.23 -7.62 2.83
C PHE A 10 -5.00 -8.67 2.01
N ILE A 11 -5.15 -9.87 2.58
CA ILE A 11 -5.89 -11.00 2.03
C ILE A 11 -7.37 -10.63 1.78
N MET A 12 -7.96 -9.75 2.59
CA MET A 12 -9.35 -9.31 2.45
C MET A 12 -9.54 -8.21 1.41
N LYS A 13 -8.71 -7.15 1.48
CA LYS A 13 -8.95 -5.85 0.84
C LYS A 13 -8.04 -5.53 -0.34
N CYS A 14 -6.88 -6.18 -0.44
CA CYS A 14 -5.70 -5.65 -1.14
C CYS A 14 -5.12 -6.62 -2.18
N SER A 15 -4.94 -7.89 -1.82
CA SER A 15 -4.38 -8.97 -2.66
C SER A 15 -5.18 -9.26 -3.93
N GLN A 16 -6.42 -8.79 -3.98
CA GLN A 16 -7.28 -8.76 -5.16
C GLN A 16 -6.73 -7.88 -6.30
N CYS A 17 -5.91 -6.89 -5.97
CA CYS A 17 -5.18 -6.04 -6.92
C CYS A 17 -3.67 -6.18 -6.82
N HIS A 18 -3.12 -6.37 -5.61
CA HIS A 18 -1.69 -6.42 -5.35
C HIS A 18 -1.12 -7.83 -5.20
N THR A 19 0.20 -7.91 -5.28
CA THR A 19 1.02 -8.90 -4.57
C THR A 19 2.03 -8.18 -3.68
N VAL A 20 2.79 -8.94 -2.88
CA VAL A 20 3.99 -8.49 -2.13
C VAL A 20 5.23 -9.35 -2.44
N GLU A 21 5.14 -10.33 -3.34
CA GLU A 21 6.09 -11.43 -3.49
C GLU A 21 7.47 -11.00 -4.06
N LYS A 22 8.53 -11.65 -3.59
CA LYS A 22 9.87 -11.61 -4.17
C LYS A 22 9.89 -11.95 -5.67
N GLY A 23 10.80 -11.32 -6.41
CA GLY A 23 10.94 -11.42 -7.87
C GLY A 23 9.81 -10.75 -8.67
N GLY A 24 8.67 -10.52 -8.05
CA GLY A 24 7.53 -9.76 -8.55
C GLY A 24 6.75 -10.32 -9.74
N LYS A 25 5.45 -9.96 -9.75
CA LYS A 25 4.41 -10.28 -10.75
C LYS A 25 3.59 -9.01 -11.10
N HIS A 26 2.59 -9.15 -11.96
CA HIS A 26 1.80 -8.00 -12.42
C HIS A 26 0.28 -8.24 -12.51
N LYS A 27 -0.47 -7.38 -11.81
CA LYS A 27 -1.94 -7.38 -11.63
C LYS A 27 -2.55 -5.99 -11.85
N THR A 28 -3.85 -5.84 -11.56
CA THR A 28 -4.57 -4.56 -11.44
C THR A 28 -3.78 -3.51 -10.63
N GLY A 29 -3.07 -3.92 -9.58
CA GLY A 29 -2.18 -3.10 -8.76
C GLY A 29 -0.72 -3.58 -8.74
N PRO A 30 0.18 -2.78 -8.15
CA PRO A 30 1.60 -3.09 -7.92
C PRO A 30 1.92 -4.43 -7.22
N ASN A 31 3.17 -4.86 -7.33
CA ASN A 31 3.76 -5.94 -6.53
C ASN A 31 4.37 -5.46 -5.19
N LEU A 32 4.45 -4.15 -4.97
CA LEU A 32 4.59 -3.47 -3.68
C LEU A 32 5.90 -3.77 -2.91
N HIS A 33 6.81 -4.57 -3.47
CA HIS A 33 7.98 -5.01 -2.76
C HIS A 33 9.04 -3.89 -2.66
N GLY A 34 9.60 -3.65 -1.47
CA GLY A 34 10.42 -2.46 -1.23
C GLY A 34 9.61 -1.17 -1.02
N LEU A 35 8.37 -1.26 -0.52
CA LEU A 35 7.48 -0.14 -0.21
C LEU A 35 8.12 0.93 0.70
N PHE A 36 8.75 0.52 1.80
CA PHE A 36 9.28 1.42 2.82
C PHE A 36 10.55 2.11 2.31
N GLY A 37 10.38 3.19 1.54
CA GLY A 37 11.46 3.92 0.84
C GLY A 37 11.08 4.50 -0.54
N ARG A 38 9.95 4.09 -1.15
CA ARG A 38 9.55 4.51 -2.52
C ARG A 38 8.42 5.55 -2.55
N LYS A 39 8.07 5.98 -3.76
CA LYS A 39 6.80 6.65 -4.14
C LYS A 39 6.26 5.94 -5.39
N THR A 40 5.02 6.18 -5.79
CA THR A 40 4.37 5.55 -6.98
C THR A 40 4.18 6.55 -8.13
N GLY A 41 3.32 6.25 -9.11
CA GLY A 41 3.00 7.16 -10.22
C GLY A 41 4.14 7.38 -11.21
N GLN A 42 5.03 6.40 -11.41
CA GLN A 42 6.31 6.58 -12.10
C GLN A 42 6.87 5.32 -12.77
N ALA A 43 6.52 4.14 -12.31
CA ALA A 43 6.96 2.86 -12.87
C ALA A 43 6.30 2.61 -14.24
N PRO A 44 7.00 2.05 -15.24
CA PRO A 44 6.44 1.72 -16.55
C PRO A 44 5.15 0.87 -16.54
N GLY A 45 4.84 0.17 -15.45
CA GLY A 45 3.57 -0.52 -15.23
C GLY A 45 2.48 0.29 -14.52
N TYR A 46 2.83 1.28 -13.69
CA TYR A 46 1.91 1.96 -12.77
C TYR A 46 2.22 3.47 -12.70
N SER A 47 2.06 4.15 -13.83
CA SER A 47 2.36 5.58 -14.05
C SER A 47 1.17 6.39 -14.60
N THR A 49 -1.25 8.39 -13.59
CA THR A 49 -0.85 9.77 -13.24
C THR A 49 0.38 9.76 -12.35
N ALA A 50 1.04 10.91 -12.16
CA ALA A 50 2.14 11.10 -11.21
C ALA A 50 1.71 11.37 -9.74
N ALA A 51 0.40 11.35 -9.44
CA ALA A 51 -0.18 11.76 -8.16
C ALA A 51 0.51 11.18 -6.91
N ASN A 52 0.80 9.88 -6.93
CA ASN A 52 1.34 9.15 -5.79
C ASN A 52 2.84 9.42 -5.54
N LYS A 53 3.50 10.27 -6.35
CA LYS A 53 4.78 10.93 -6.02
C LYS A 53 4.68 12.45 -5.87
N ASN A 54 3.50 13.05 -5.99
CA ASN A 54 3.30 14.51 -5.96
C ASN A 54 2.71 15.04 -4.65
N LYS A 55 2.69 14.23 -3.58
CA LYS A 55 2.37 14.68 -2.22
C LYS A 55 3.57 15.27 -1.48
N GLY A 56 4.74 15.35 -2.13
CA GLY A 56 5.99 15.84 -1.54
C GLY A 56 6.53 14.94 -0.42
N ILE A 57 6.15 13.67 -0.37
CA ILE A 57 6.48 12.76 0.74
C ILE A 57 6.62 11.30 0.28
N ILE A 58 7.18 10.46 1.15
CA ILE A 58 7.56 9.06 0.98
C ILE A 58 6.46 8.07 1.37
N TRP A 59 6.50 6.86 0.84
CA TRP A 59 5.86 5.72 1.50
C TRP A 59 6.66 5.26 2.73
N GLY A 60 5.97 5.25 3.87
CA GLY A 60 6.46 4.91 5.20
C GLY A 60 5.28 4.71 6.17
N GLU A 61 5.54 4.33 7.42
CA GLU A 61 4.52 3.87 8.37
C GLU A 61 3.44 4.89 8.73
N ASP A 62 3.78 6.18 8.82
CA ASP A 62 2.82 7.25 9.12
C ASP A 62 2.07 7.71 7.84
N THR A 63 2.73 7.54 6.67
CA THR A 63 2.20 7.96 5.37
C THR A 63 1.24 6.90 4.80
N LEU A 64 1.49 5.61 5.10
CA LEU A 64 0.55 4.52 4.85
C LEU A 64 -0.76 4.73 5.61
N MET A 65 -0.70 5.13 6.88
CA MET A 65 -1.89 5.15 7.72
C MET A 65 -2.83 6.28 7.33
N GLU A 66 -2.28 7.38 6.80
CA GLU A 66 -3.08 8.49 6.29
C GLU A 66 -3.62 8.23 4.88
N TYR A 67 -2.85 7.59 3.99
CA TYR A 67 -3.40 7.18 2.69
C TYR A 67 -4.53 6.17 2.84
N LEU A 68 -4.32 5.13 3.65
CA LEU A 68 -5.28 4.05 3.80
C LEU A 68 -6.54 4.46 4.56
N GLU A 69 -6.52 5.56 5.32
CA GLU A 69 -7.77 6.11 5.87
C GLU A 69 -8.79 6.48 4.77
N ASN A 70 -8.32 7.03 3.64
CA ASN A 70 -9.14 7.54 2.54
C ASN A 70 -8.28 7.86 1.27
N PRO A 71 -8.02 6.90 0.37
CA PRO A 71 -7.02 7.08 -0.69
C PRO A 71 -7.24 8.30 -1.59
N LYS A 72 -8.44 8.50 -2.18
CA LYS A 72 -8.66 9.60 -3.12
C LYS A 72 -9.00 10.95 -2.48
N LYS A 73 -9.33 11.00 -1.19
CA LYS A 73 -9.41 12.25 -0.43
C LYS A 73 -8.01 12.85 -0.18
N TYR A 74 -6.98 12.01 -0.03
CA TYR A 74 -5.59 12.46 0.12
C TYR A 74 -4.86 12.56 -1.22
N ILE A 75 -5.07 11.61 -2.14
CA ILE A 75 -4.35 11.47 -3.41
C ILE A 75 -5.39 11.23 -4.51
N PRO A 76 -6.08 12.27 -5.00
CA PRO A 76 -7.26 12.12 -5.86
C PRO A 76 -6.95 11.57 -7.26
N GLY A 77 -5.67 11.53 -7.63
CA GLY A 77 -5.17 10.84 -8.83
C GLY A 77 -4.78 9.37 -8.62
N THR A 78 -4.88 8.81 -7.41
CA THR A 78 -4.57 7.39 -7.18
C THR A 78 -5.57 6.52 -7.95
N LYS A 79 -5.06 5.60 -8.78
CA LYS A 79 -5.82 4.60 -9.54
C LYS A 79 -6.11 3.34 -8.73
N MET A 80 -5.64 3.28 -7.49
CA MET A 80 -6.18 2.42 -6.43
C MET A 80 -7.66 2.73 -6.16
N ILE A 81 -8.57 2.02 -6.83
CA ILE A 81 -10.03 2.16 -6.66
C ILE A 81 -10.45 1.51 -5.35
N PHE A 82 -10.31 2.24 -4.24
CA PHE A 82 -10.51 1.75 -2.87
C PHE A 82 -10.90 2.90 -1.93
N VAL A 83 -11.96 2.74 -1.13
CA VAL A 83 -12.57 3.85 -0.37
C VAL A 83 -11.74 4.25 0.85
N GLY A 84 -11.12 3.29 1.53
CA GLY A 84 -10.36 3.51 2.77
C GLY A 84 -10.78 2.60 3.92
N ILE A 85 -10.11 2.75 5.06
CA ILE A 85 -10.12 1.82 6.21
C ILE A 85 -10.50 2.59 7.48
N LYS A 86 -11.75 2.44 7.94
CA LYS A 86 -12.34 3.23 9.05
C LYS A 86 -11.73 2.96 10.43
N LYS A 87 -11.34 1.71 10.73
CA LYS A 87 -10.53 1.37 11.91
C LYS A 87 -9.09 1.89 11.77
N LYS A 88 -8.44 2.19 12.91
CA LYS A 88 -6.98 2.44 12.95
C LYS A 88 -6.19 1.14 13.17
N GLU A 89 -6.69 0.23 13.99
CA GLU A 89 -6.02 -1.03 14.34
C GLU A 89 -5.79 -1.95 13.13
N GLU A 90 -6.73 -1.97 12.19
CA GLU A 90 -6.59 -2.69 10.92
C GLU A 90 -5.42 -2.14 10.10
N ARG A 91 -5.26 -0.81 10.01
CA ARG A 91 -4.13 -0.19 9.33
C ARG A 91 -2.80 -0.49 10.04
N ALA A 92 -2.82 -0.51 11.37
CA ALA A 92 -1.63 -0.79 12.17
C ALA A 92 -1.16 -2.25 12.06
N ASP A 93 -2.09 -3.21 11.94
CA ASP A 93 -1.76 -4.61 11.64
C ASP A 93 -1.24 -4.75 10.20
N LEU A 94 -1.87 -4.07 9.24
CA LEU A 94 -1.44 -4.06 7.84
C LEU A 94 0.00 -3.53 7.66
N ILE A 95 0.32 -2.38 8.27
CA ILE A 95 1.68 -1.83 8.33
C ILE A 95 2.67 -2.85 8.89
N ALA A 96 2.29 -3.60 9.94
CA ALA A 96 3.16 -4.62 10.52
C ALA A 96 3.44 -5.78 9.55
N TYR A 97 2.43 -6.21 8.79
CA TYR A 97 2.59 -7.22 7.75
C TYR A 97 3.52 -6.76 6.63
N LEU A 98 3.28 -5.57 6.08
CA LEU A 98 4.11 -5.02 5.01
C LEU A 98 5.57 -4.84 5.43
N LYS A 99 5.81 -4.44 6.68
CA LYS A 99 7.16 -4.37 7.26
C LYS A 99 7.86 -5.73 7.30
N LYS A 100 7.12 -6.81 7.57
CA LYS A 100 7.71 -8.16 7.66
C LYS A 100 7.92 -8.81 6.28
N ALA A 101 7.13 -8.44 5.28
CA ALA A 101 7.05 -9.12 3.97
C ALA A 101 7.58 -8.31 2.77
N THR A 102 7.83 -7.01 2.91
CA THR A 102 8.44 -6.17 1.84
C THR A 102 9.85 -5.66 2.17
N ASN A 103 10.27 -5.74 3.44
CA ASN A 103 11.64 -5.44 3.89
C ASN A 103 12.50 -6.72 3.91
N GLU A 104 12.06 -7.76 3.20
CA GLU A 104 12.25 -9.17 3.60
C GLU A 104 13.67 -9.71 3.45
N GLY A 1 0.61 -4.88 16.96
CA GLY A 1 0.66 -4.77 15.49
C GLY A 1 1.67 -5.76 14.96
N ASP A 2 1.22 -6.84 14.30
CA ASP A 2 2.12 -7.90 13.83
C ASP A 2 1.68 -8.64 12.57
N VAL A 3 2.52 -9.57 12.14
CA VAL A 3 2.55 -10.12 10.78
C VAL A 3 1.41 -11.12 10.57
N GLU A 4 1.11 -11.95 11.56
CA GLU A 4 0.10 -13.01 11.41
C GLU A 4 -1.31 -12.44 11.41
N LYS A 5 -1.53 -11.37 12.18
CA LYS A 5 -2.71 -10.51 12.04
C LYS A 5 -2.69 -9.81 10.69
N GLY A 6 -1.53 -9.31 10.29
CA GLY A 6 -1.33 -8.46 9.12
C GLY A 6 -1.61 -9.16 7.80
N LYS A 7 -1.34 -10.47 7.70
CA LYS A 7 -1.72 -11.28 6.54
C LYS A 7 -3.18 -11.11 6.23
N LYS A 8 -4.04 -11.30 7.23
CA LYS A 8 -5.51 -11.40 7.05
C LYS A 8 -6.09 -10.10 6.48
N ILE A 9 -5.46 -8.98 6.82
CA ILE A 9 -5.86 -7.61 6.44
C ILE A 9 -5.60 -7.37 4.95
N PHE A 10 -4.42 -7.77 4.47
CA PHE A 10 -4.08 -7.68 3.06
C PHE A 10 -4.90 -8.69 2.25
N ILE A 11 -5.01 -9.92 2.74
CA ILE A 11 -5.76 -11.01 2.10
C ILE A 11 -7.25 -10.63 1.91
N MET A 12 -7.86 -9.97 2.89
CA MET A 12 -9.28 -9.59 2.88
C MET A 12 -9.64 -8.55 1.81
N LYS A 13 -8.89 -7.45 1.75
CA LYS A 13 -9.27 -6.26 0.95
C LYS A 13 -8.28 -5.85 -0.14
N CYS A 14 -7.07 -6.40 -0.18
CA CYS A 14 -5.91 -5.78 -0.85
C CYS A 14 -5.23 -6.70 -1.88
N SER A 15 -5.03 -7.97 -1.55
CA SER A 15 -4.39 -9.01 -2.38
C SER A 15 -5.10 -9.24 -3.73
N GLN A 16 -6.39 -8.91 -3.77
CA GLN A 16 -7.23 -8.85 -4.95
C GLN A 16 -6.72 -7.91 -6.05
N CYS A 17 -5.88 -6.92 -5.71
CA CYS A 17 -5.27 -6.00 -6.66
C CYS A 17 -3.76 -6.05 -6.57
N HIS A 18 -3.18 -5.82 -5.39
CA HIS A 18 -1.73 -5.87 -5.20
C HIS A 18 -1.17 -7.29 -5.13
N THR A 19 0.15 -7.38 -5.27
CA THR A 19 0.94 -8.53 -4.78
C THR A 19 2.01 -8.06 -3.80
N VAL A 20 2.60 -9.00 -3.07
CA VAL A 20 3.80 -8.83 -2.21
C VAL A 20 4.67 -10.07 -2.33
N GLU A 21 4.88 -10.52 -3.57
CA GLU A 21 5.33 -11.88 -3.86
C GLU A 21 6.83 -11.96 -4.20
N LYS A 22 7.47 -13.04 -3.75
CA LYS A 22 8.86 -13.37 -4.08
C LYS A 22 9.06 -13.53 -5.60
N GLY A 23 9.94 -12.71 -6.16
CA GLY A 23 10.26 -12.64 -7.60
C GLY A 23 9.40 -11.66 -8.42
N GLY A 24 8.34 -11.10 -7.83
CA GLY A 24 7.51 -10.06 -8.42
C GLY A 24 6.49 -10.53 -9.46
N LYS A 25 5.26 -10.80 -9.02
CA LYS A 25 4.14 -11.17 -9.91
C LYS A 25 3.32 -9.96 -10.36
N HIS A 26 2.44 -10.13 -11.35
CA HIS A 26 1.73 -9.02 -11.99
C HIS A 26 0.22 -9.27 -12.23
N LYS A 27 -0.57 -8.39 -11.62
CA LYS A 27 -2.02 -8.22 -11.69
C LYS A 27 -2.40 -6.73 -11.55
N THR A 28 -3.67 -6.42 -11.25
CA THR A 28 -4.27 -5.06 -11.31
C THR A 28 -3.47 -3.97 -10.58
N GLY A 29 -2.78 -4.32 -9.49
CA GLY A 29 -1.93 -3.43 -8.70
C GLY A 29 -0.51 -3.99 -8.51
N PRO A 30 0.49 -3.14 -8.20
CA PRO A 30 1.90 -3.52 -8.17
C PRO A 30 2.27 -4.51 -7.05
N ASN A 31 3.47 -5.09 -7.17
CA ASN A 31 4.06 -6.04 -6.21
C ASN A 31 4.65 -5.37 -4.96
N LEU A 32 4.60 -4.04 -4.87
CA LEU A 32 4.77 -3.23 -3.65
C LEU A 32 6.18 -3.24 -3.04
N HIS A 33 7.11 -4.02 -3.58
CA HIS A 33 8.39 -4.22 -2.92
C HIS A 33 9.28 -2.99 -3.06
N GLY A 34 9.78 -2.54 -1.90
CA GLY A 34 10.43 -1.24 -1.74
C GLY A 34 9.50 -0.15 -1.18
N LEU A 35 8.35 -0.50 -0.60
CA LEU A 35 7.37 0.49 -0.11
C LEU A 35 8.00 1.53 0.83
N PHE A 36 8.65 1.07 1.89
CA PHE A 36 9.15 1.88 3.01
C PHE A 36 10.45 2.64 2.63
N GLY A 37 10.30 3.60 1.72
CA GLY A 37 11.39 4.30 1.06
C GLY A 37 11.13 4.68 -0.41
N ARG A 38 9.96 4.41 -1.01
CA ARG A 38 9.66 4.84 -2.39
C ARG A 38 8.85 6.14 -2.47
N LYS A 39 9.08 6.91 -3.54
CA LYS A 39 8.01 7.69 -4.18
C LYS A 39 6.97 6.74 -4.74
N THR A 40 5.72 7.00 -4.44
CA THR A 40 4.64 6.06 -4.63
C THR A 40 4.28 5.85 -6.11
N GLY A 41 3.99 4.60 -6.50
CA GLY A 41 3.30 4.26 -7.75
C GLY A 41 4.16 3.91 -8.97
N GLN A 42 5.50 3.88 -8.90
CA GLN A 42 6.35 3.66 -10.08
C GLN A 42 7.00 2.26 -10.11
N ALA A 43 6.58 1.47 -11.10
CA ALA A 43 7.22 0.24 -11.55
C ALA A 43 6.88 0.01 -13.05
N PRO A 44 7.60 -0.87 -13.77
CA PRO A 44 7.24 -1.27 -15.14
C PRO A 44 5.82 -1.81 -15.21
N GLY A 45 5.02 -1.28 -16.12
CA GLY A 45 3.59 -1.57 -16.24
C GLY A 45 2.69 -0.84 -15.24
N TYR A 46 3.20 0.02 -14.36
CA TYR A 46 2.42 0.66 -13.30
C TYR A 46 2.60 2.18 -13.22
N SER A 47 3.53 2.78 -13.96
CA SER A 47 3.96 4.18 -13.75
C SER A 47 2.99 5.27 -14.27
N THR A 49 -0.04 6.20 -12.70
CA THR A 49 -0.61 6.95 -11.55
C THR A 49 0.28 8.08 -11.01
N ALA A 50 1.29 8.54 -11.77
CA ALA A 50 2.38 9.44 -11.37
C ALA A 50 2.00 10.75 -10.62
N ALA A 51 0.73 11.15 -10.55
CA ALA A 51 0.23 12.06 -9.51
C ALA A 51 0.68 11.64 -8.09
N ASN A 52 0.74 10.32 -7.82
CA ASN A 52 1.39 9.70 -6.67
C ASN A 52 2.87 10.15 -6.52
N LYS A 53 3.71 10.03 -7.55
CA LYS A 53 5.11 10.51 -7.55
C LYS A 53 5.24 12.00 -7.23
N ASN A 54 4.26 12.76 -7.70
CA ASN A 54 4.29 14.21 -7.77
C ASN A 54 3.81 14.89 -6.48
N LYS A 55 2.71 14.41 -5.89
CA LYS A 55 2.06 14.98 -4.70
C LYS A 55 1.63 13.87 -3.73
N GLY A 56 2.50 12.89 -3.49
CA GLY A 56 2.27 11.78 -2.56
C GLY A 56 2.91 11.97 -1.20
N ILE A 57 2.88 10.92 -0.38
CA ILE A 57 3.53 10.83 0.93
C ILE A 57 4.44 9.60 1.05
N ILE A 58 5.60 9.79 1.68
CA ILE A 58 6.62 8.76 1.91
C ILE A 58 6.16 7.74 2.96
N TRP A 59 6.33 6.45 2.67
CA TRP A 59 5.63 5.39 3.39
C TRP A 59 6.23 5.01 4.75
N GLY A 60 5.34 5.00 5.74
CA GLY A 60 5.56 4.67 7.15
C GLY A 60 4.21 4.51 7.88
N GLU A 61 4.25 4.26 9.19
CA GLU A 61 3.08 3.93 10.02
C GLU A 61 1.99 5.01 10.04
N ASP A 62 2.36 6.29 9.94
CA ASP A 62 1.41 7.40 10.02
C ASP A 62 0.99 7.95 8.64
N THR A 63 1.74 7.67 7.56
CA THR A 63 1.35 8.02 6.18
C THR A 63 0.45 6.96 5.56
N LEU A 64 0.70 5.68 5.87
CA LEU A 64 -0.21 4.60 5.49
C LEU A 64 -1.56 4.70 6.19
N MET A 65 -1.62 5.22 7.42
CA MET A 65 -2.87 5.37 8.16
C MET A 65 -3.75 6.41 7.48
N GLU A 66 -3.18 7.59 7.21
CA GLU A 66 -3.95 8.73 6.71
C GLU A 66 -4.30 8.64 5.21
N TYR A 67 -3.55 7.86 4.43
CA TYR A 67 -3.91 7.51 3.06
C TYR A 67 -5.04 6.48 3.04
N LEU A 68 -4.86 5.35 3.73
CA LEU A 68 -5.80 4.21 3.65
C LEU A 68 -7.17 4.53 4.29
N GLU A 69 -7.20 5.42 5.28
CA GLU A 69 -8.45 5.92 5.85
C GLU A 69 -9.33 6.62 4.80
N ASN A 70 -8.73 7.36 3.86
CA ASN A 70 -9.42 8.05 2.77
C ASN A 70 -8.41 8.45 1.65
N PRO A 71 -8.22 7.63 0.59
CA PRO A 71 -7.12 7.86 -0.36
C PRO A 71 -7.22 9.18 -1.13
N LYS A 72 -8.43 9.63 -1.48
CA LYS A 72 -8.63 10.90 -2.18
C LYS A 72 -8.41 12.16 -1.33
N LYS A 73 -8.16 12.04 -0.02
CA LYS A 73 -7.86 13.17 0.88
C LYS A 73 -6.50 13.84 0.58
N TYR A 74 -5.52 13.07 0.08
CA TYR A 74 -4.18 13.54 -0.31
C TYR A 74 -3.83 13.15 -1.75
N ILE A 75 -4.38 12.07 -2.33
CA ILE A 75 -4.05 11.65 -3.71
C ILE A 75 -5.31 11.37 -4.53
N PRO A 76 -6.13 12.39 -4.81
CA PRO A 76 -7.32 12.22 -5.65
C PRO A 76 -6.99 11.81 -7.11
N GLY A 77 -5.77 12.02 -7.59
CA GLY A 77 -5.25 11.51 -8.85
C GLY A 77 -4.70 10.08 -8.81
N THR A 78 -4.97 9.31 -7.75
CA THR A 78 -4.50 7.92 -7.60
C THR A 78 -5.44 6.93 -8.26
N LYS A 79 -4.89 5.92 -8.93
CA LYS A 79 -5.67 4.93 -9.69
C LYS A 79 -6.24 3.77 -8.83
N MET A 80 -5.97 3.80 -7.53
CA MET A 80 -6.60 2.93 -6.53
C MET A 80 -8.10 3.27 -6.39
N ILE A 81 -8.97 2.32 -6.72
CA ILE A 81 -10.42 2.46 -6.56
C ILE A 81 -10.84 1.85 -5.21
N PHE A 82 -10.82 2.68 -4.17
CA PHE A 82 -11.12 2.28 -2.79
C PHE A 82 -11.75 3.44 -2.00
N VAL A 83 -12.83 3.22 -1.24
CA VAL A 83 -13.57 4.30 -0.55
C VAL A 83 -12.82 4.84 0.68
N GLY A 84 -12.15 3.96 1.43
CA GLY A 84 -11.32 4.28 2.60
C GLY A 84 -11.77 3.59 3.88
N ILE A 85 -10.85 3.33 4.81
CA ILE A 85 -11.06 2.46 5.95
C ILE A 85 -11.71 3.17 7.15
N LYS A 86 -12.62 2.46 7.83
CA LYS A 86 -13.33 2.87 9.04
C LYS A 86 -12.70 2.38 10.35
N LYS A 87 -11.63 1.56 10.34
CA LYS A 87 -10.81 1.26 11.54
C LYS A 87 -9.31 1.42 11.30
N LYS A 88 -8.74 2.47 11.90
CA LYS A 88 -7.29 2.66 12.06
C LYS A 88 -6.60 1.42 12.59
N GLU A 89 -7.22 0.76 13.57
CA GLU A 89 -6.54 -0.29 14.33
C GLU A 89 -6.12 -1.51 13.50
N GLU A 90 -6.89 -1.93 12.48
CA GLU A 90 -6.44 -3.03 11.61
C GLU A 90 -5.26 -2.64 10.70
N ARG A 91 -5.13 -1.36 10.36
CA ARG A 91 -3.95 -0.90 9.59
C ARG A 91 -2.66 -1.19 10.34
N ALA A 92 -2.70 -1.20 11.68
CA ALA A 92 -1.49 -1.37 12.52
C ALA A 92 -0.87 -2.77 12.42
N ASP A 93 -1.66 -3.77 12.01
CA ASP A 93 -1.20 -5.10 11.65
C ASP A 93 -0.80 -5.18 10.17
N LEU A 94 -1.58 -4.54 9.29
CA LEU A 94 -1.29 -4.41 7.86
C LEU A 94 0.12 -3.85 7.60
N ILE A 95 0.44 -2.71 8.24
CA ILE A 95 1.76 -2.07 8.16
C ILE A 95 2.85 -3.02 8.70
N ALA A 96 2.58 -3.78 9.75
CA ALA A 96 3.53 -4.74 10.30
C ALA A 96 3.83 -5.90 9.34
N TYR A 97 2.82 -6.37 8.61
CA TYR A 97 3.03 -7.36 7.56
C TYR A 97 3.85 -6.78 6.41
N LEU A 98 3.50 -5.60 5.92
CA LEU A 98 4.24 -4.97 4.82
C LEU A 98 5.71 -4.68 5.20
N LYS A 99 6.00 -4.32 6.45
CA LYS A 99 7.37 -4.18 6.98
C LYS A 99 8.13 -5.50 7.14
N LYS A 100 7.44 -6.64 7.21
CA LYS A 100 8.07 -7.98 7.24
C LYS A 100 8.30 -8.53 5.83
N ALA A 101 7.44 -8.18 4.86
CA ALA A 101 7.51 -8.73 3.50
C ALA A 101 8.22 -7.80 2.50
N THR A 102 7.81 -6.53 2.42
CA THR A 102 8.18 -5.64 1.30
C THR A 102 9.56 -4.99 1.42
N ASN A 103 10.24 -5.22 2.55
CA ASN A 103 11.59 -4.72 2.83
C ASN A 103 12.69 -5.70 2.38
N GLU A 104 12.30 -6.91 1.93
CA GLU A 104 13.18 -8.08 1.79
C GLU A 104 13.69 -8.35 0.37
N GLY A 1 -0.37 -3.34 15.75
CA GLY A 1 0.03 -3.60 14.37
C GLY A 1 1.05 -4.73 14.30
N ASP A 2 0.65 -5.91 13.80
CA ASP A 2 1.60 -6.99 13.47
C ASP A 2 1.23 -7.78 12.21
N VAL A 3 2.11 -8.72 11.87
CA VAL A 3 2.18 -9.38 10.58
C VAL A 3 1.02 -10.35 10.40
N GLU A 4 0.62 -11.03 11.47
CA GLU A 4 -0.30 -12.17 11.39
C GLU A 4 -1.75 -11.69 11.44
N LYS A 5 -1.99 -10.62 12.20
CA LYS A 5 -3.19 -9.79 12.06
C LYS A 5 -3.22 -9.10 10.68
N GLY A 6 -2.04 -8.74 10.15
CA GLY A 6 -1.88 -7.89 8.96
C GLY A 6 -2.10 -8.59 7.63
N LYS A 7 -1.67 -9.86 7.53
CA LYS A 7 -1.94 -10.73 6.37
C LYS A 7 -3.44 -10.75 6.06
N LYS A 8 -4.29 -10.92 7.09
CA LYS A 8 -5.75 -11.04 6.95
C LYS A 8 -6.42 -9.84 6.29
N ILE A 9 -5.80 -8.66 6.40
CA ILE A 9 -6.31 -7.41 5.86
C ILE A 9 -6.05 -7.35 4.35
N PHE A 10 -4.82 -7.66 3.94
CA PHE A 10 -4.44 -7.66 2.54
C PHE A 10 -5.19 -8.75 1.77
N ILE A 11 -5.23 -9.95 2.36
CA ILE A 11 -5.96 -11.12 1.86
C ILE A 11 -7.42 -10.76 1.56
N MET A 12 -8.09 -10.06 2.47
CA MET A 12 -9.51 -9.76 2.36
C MET A 12 -9.85 -8.80 1.21
N LYS A 13 -9.14 -7.66 1.15
CA LYS A 13 -9.56 -6.51 0.33
C LYS A 13 -8.58 -6.11 -0.79
N CYS A 14 -7.35 -6.58 -0.74
CA CYS A 14 -6.20 -5.97 -1.46
C CYS A 14 -5.51 -6.91 -2.43
N SER A 15 -5.37 -8.18 -2.07
CA SER A 15 -4.74 -9.25 -2.87
C SER A 15 -5.46 -9.52 -4.19
N GLN A 16 -6.73 -9.13 -4.27
CA GLN A 16 -7.54 -9.08 -5.48
C GLN A 16 -6.98 -8.14 -6.58
N CYS A 17 -5.99 -7.30 -6.28
CA CYS A 17 -5.25 -6.46 -7.23
C CYS A 17 -3.73 -6.55 -7.07
N HIS A 18 -3.23 -6.31 -5.85
CA HIS A 18 -1.81 -6.34 -5.52
C HIS A 18 -1.28 -7.76 -5.27
N THR A 19 0.04 -7.86 -5.29
CA THR A 19 0.80 -8.92 -4.61
C THR A 19 1.84 -8.28 -3.70
N VAL A 20 2.45 -9.04 -2.79
CA VAL A 20 3.55 -8.61 -1.90
C VAL A 20 4.57 -9.75 -1.76
N GLU A 21 5.12 -10.21 -2.89
CA GLU A 21 5.87 -11.47 -2.95
C GLU A 21 7.33 -11.32 -3.44
N LYS A 22 8.25 -12.11 -2.84
CA LYS A 22 9.65 -12.22 -3.28
C LYS A 22 9.75 -12.71 -4.74
N GLY A 23 10.41 -11.93 -5.58
CA GLY A 23 10.58 -12.18 -7.01
C GLY A 23 9.45 -11.65 -7.91
N GLY A 24 8.41 -11.04 -7.34
CA GLY A 24 7.40 -10.27 -8.06
C GLY A 24 6.33 -11.09 -8.80
N LYS A 25 5.09 -10.62 -8.74
CA LYS A 25 3.95 -11.08 -9.55
C LYS A 25 3.26 -9.88 -10.19
N HIS A 26 2.54 -10.10 -11.29
CA HIS A 26 1.97 -8.99 -12.05
C HIS A 26 0.49 -9.18 -12.39
N LYS A 27 -0.32 -8.23 -11.91
CA LYS A 27 -1.78 -8.11 -11.97
C LYS A 27 -2.16 -6.62 -12.05
N THR A 28 -3.41 -6.27 -11.71
CA THR A 28 -3.96 -4.90 -11.75
C THR A 28 -3.26 -3.92 -10.80
N GLY A 29 -2.67 -4.42 -9.70
CA GLY A 29 -1.88 -3.65 -8.76
C GLY A 29 -0.37 -3.98 -8.83
N PRO A 30 0.52 -3.06 -8.41
CA PRO A 30 1.94 -3.33 -8.23
C PRO A 30 2.22 -4.40 -7.15
N ASN A 31 3.43 -4.97 -7.14
CA ASN A 31 3.87 -5.98 -6.18
C ASN A 31 4.46 -5.38 -4.88
N LEU A 32 4.58 -4.06 -4.80
CA LEU A 32 4.82 -3.28 -3.58
C LEU A 32 6.20 -3.48 -2.91
N HIS A 33 7.08 -4.34 -3.42
CA HIS A 33 8.39 -4.49 -2.81
C HIS A 33 9.24 -3.23 -3.04
N GLY A 34 9.97 -2.83 -2.00
CA GLY A 34 10.70 -1.58 -1.99
C GLY A 34 9.82 -0.34 -1.80
N LEU A 35 8.57 -0.47 -1.33
CA LEU A 35 7.71 0.67 -1.04
C LEU A 35 8.35 1.66 -0.05
N PHE A 36 8.98 1.11 1.01
CA PHE A 36 9.37 1.84 2.23
C PHE A 36 10.62 2.69 2.01
N GLY A 37 10.40 3.78 1.27
CA GLY A 37 11.39 4.77 0.85
C GLY A 37 11.32 5.19 -0.63
N ARG A 38 10.37 4.68 -1.44
CA ARG A 38 10.20 5.06 -2.86
C ARG A 38 9.19 6.19 -3.07
N LYS A 39 9.23 6.84 -4.24
CA LYS A 39 8.02 7.49 -4.79
C LYS A 39 7.27 6.49 -5.68
N THR A 40 5.95 6.44 -5.56
CA THR A 40 5.02 5.62 -6.37
C THR A 40 4.42 6.44 -7.53
N GLY A 41 3.46 5.90 -8.28
CA GLY A 41 3.19 6.33 -9.67
C GLY A 41 4.14 5.65 -10.66
N GLN A 42 4.99 4.76 -10.15
CA GLN A 42 5.97 3.93 -10.84
C GLN A 42 6.06 2.57 -10.13
N ALA A 43 6.13 1.52 -10.92
CA ALA A 43 6.81 0.25 -10.63
C ALA A 43 7.47 -0.18 -11.96
N PRO A 44 8.44 -1.12 -11.98
CA PRO A 44 9.12 -1.48 -13.22
C PRO A 44 8.13 -1.91 -14.33
N GLY A 45 8.14 -1.22 -15.46
CA GLY A 45 7.23 -1.49 -16.58
C GLY A 45 5.75 -1.18 -16.36
N TYR A 46 5.38 -0.56 -15.24
CA TYR A 46 4.02 -0.12 -14.94
C TYR A 46 3.91 1.40 -15.17
N SER A 47 2.92 1.82 -15.96
CA SER A 47 2.50 3.22 -16.07
C SER A 47 0.97 3.33 -16.07
N THR A 49 -1.10 6.17 -13.44
CA THR A 49 -1.25 7.61 -13.16
C THR A 49 -0.09 8.06 -12.27
N ALA A 50 0.80 8.92 -12.79
CA ALA A 50 2.02 9.31 -12.09
C ALA A 50 1.78 10.28 -10.91
N ALA A 51 0.55 10.77 -10.73
CA ALA A 51 0.17 11.68 -9.64
C ALA A 51 0.65 11.22 -8.26
N ASN A 52 0.63 9.91 -7.99
CA ASN A 52 1.05 9.30 -6.73
C ASN A 52 2.50 9.69 -6.30
N LYS A 53 3.39 10.08 -7.21
CA LYS A 53 4.73 10.61 -6.91
C LYS A 53 4.70 11.90 -6.09
N ASN A 54 3.64 12.68 -6.23
CA ASN A 54 3.61 14.12 -5.91
C ASN A 54 3.12 14.41 -4.47
N LYS A 55 3.44 13.51 -3.54
CA LYS A 55 3.16 13.66 -2.10
C LYS A 55 4.45 13.91 -1.33
N GLY A 56 4.41 14.84 -0.37
CA GLY A 56 5.59 15.46 0.24
C GLY A 56 6.21 14.75 1.43
N ILE A 57 5.59 13.68 1.94
CA ILE A 57 6.15 12.81 2.98
C ILE A 57 6.22 11.38 2.44
N ILE A 58 7.34 10.70 2.70
CA ILE A 58 7.65 9.35 2.20
C ILE A 58 6.74 8.26 2.78
N TRP A 59 6.62 7.13 2.07
CA TRP A 59 5.98 5.92 2.57
C TRP A 59 6.67 5.35 3.82
N GLY A 60 6.11 5.74 4.97
CA GLY A 60 6.41 5.22 6.30
C GLY A 60 5.18 5.26 7.22
N GLU A 61 5.42 4.96 8.48
CA GLU A 61 4.39 4.41 9.37
C GLU A 61 3.19 5.33 9.65
N ASP A 62 3.37 6.64 9.79
CA ASP A 62 2.26 7.60 10.03
C ASP A 62 1.62 8.11 8.73
N THR A 63 2.28 7.89 7.60
CA THR A 63 1.87 8.38 6.29
C THR A 63 1.02 7.35 5.58
N LEU A 64 1.40 6.07 5.70
CA LEU A 64 0.52 4.96 5.36
C LEU A 64 -0.69 4.86 6.30
N MET A 65 -0.64 5.37 7.53
CA MET A 65 -1.78 5.38 8.45
C MET A 65 -2.88 6.30 7.92
N GLU A 66 -2.50 7.47 7.42
CA GLU A 66 -3.45 8.45 6.94
C GLU A 66 -3.91 8.19 5.49
N TYR A 67 -3.01 7.65 4.67
CA TYR A 67 -3.38 7.03 3.40
C TYR A 67 -4.40 5.90 3.57
N LEU A 68 -4.18 4.96 4.49
CA LEU A 68 -5.10 3.84 4.67
C LEU A 68 -6.41 4.26 5.35
N GLU A 69 -6.43 5.33 6.14
CA GLU A 69 -7.69 5.88 6.61
C GLU A 69 -8.56 6.36 5.42
N ASN A 70 -7.96 6.96 4.39
CA ASN A 70 -8.65 7.45 3.18
C ASN A 70 -7.70 7.77 2.00
N PRO A 71 -7.40 6.84 1.07
CA PRO A 71 -6.36 7.08 0.07
C PRO A 71 -6.83 8.06 -1.01
N LYS A 72 -8.10 8.01 -1.40
CA LYS A 72 -8.74 9.00 -2.30
C LYS A 72 -8.75 10.44 -1.78
N LYS A 73 -8.49 10.65 -0.48
CA LYS A 73 -8.31 11.99 0.10
C LYS A 73 -6.84 12.40 0.04
N TYR A 74 -5.92 11.50 0.42
CA TYR A 74 -4.48 11.80 0.41
C TYR A 74 -3.92 11.96 -1.02
N ILE A 75 -4.42 11.18 -1.98
CA ILE A 75 -4.07 11.23 -3.41
C ILE A 75 -5.37 11.45 -4.21
N PRO A 76 -5.80 12.72 -4.42
CA PRO A 76 -7.10 13.06 -5.01
C PRO A 76 -7.10 12.95 -6.55
N GLY A 77 -6.72 11.79 -7.07
CA GLY A 77 -6.62 11.47 -8.49
C GLY A 77 -5.57 10.38 -8.75
N THR A 78 -5.98 9.12 -8.78
CA THR A 78 -5.09 7.95 -8.83
C THR A 78 -5.81 6.69 -9.33
N LYS A 79 -5.04 5.73 -9.90
CA LYS A 79 -5.53 4.38 -10.25
C LYS A 79 -5.56 3.40 -9.06
N MET A 80 -5.17 3.84 -7.86
CA MET A 80 -5.54 3.20 -6.59
C MET A 80 -7.06 3.32 -6.37
N ILE A 81 -7.79 2.24 -6.63
CA ILE A 81 -9.26 2.23 -6.52
C ILE A 81 -9.66 1.76 -5.12
N PHE A 82 -9.78 2.69 -4.18
CA PHE A 82 -10.21 2.41 -2.81
C PHE A 82 -10.78 3.63 -2.07
N VAL A 83 -11.58 3.38 -1.03
CA VAL A 83 -12.25 4.42 -0.22
C VAL A 83 -11.54 4.75 1.10
N GLY A 84 -11.02 3.75 1.81
CA GLY A 84 -10.44 3.90 3.16
C GLY A 84 -10.74 2.71 4.09
N ILE A 85 -10.04 2.65 5.23
CA ILE A 85 -10.16 1.62 6.28
C ILE A 85 -10.58 2.32 7.58
N LYS A 86 -11.83 2.09 8.03
CA LYS A 86 -12.40 2.84 9.18
C LYS A 86 -11.75 2.48 10.51
N LYS A 87 -11.37 1.21 10.72
CA LYS A 87 -10.60 0.79 11.91
C LYS A 87 -9.17 1.31 11.86
N LYS A 88 -8.65 1.80 12.98
CA LYS A 88 -7.21 2.04 13.18
C LYS A 88 -6.45 0.72 13.31
N GLU A 89 -7.03 -0.27 13.99
CA GLU A 89 -6.33 -1.54 14.26
C GLU A 89 -5.98 -2.28 12.96
N GLU A 90 -6.91 -2.39 12.01
CA GLU A 90 -6.69 -3.09 10.74
C GLU A 90 -5.56 -2.45 9.93
N ARG A 91 -5.58 -1.12 9.76
CA ARG A 91 -4.54 -0.43 8.99
C ARG A 91 -3.18 -0.42 9.69
N ALA A 92 -3.15 -0.41 11.01
CA ALA A 92 -1.91 -0.58 11.79
C ALA A 92 -1.29 -1.97 11.64
N ASP A 93 -2.12 -3.03 11.52
CA ASP A 93 -1.66 -4.39 11.21
C ASP A 93 -1.22 -4.52 9.75
N LEU A 94 -1.96 -3.91 8.82
CA LEU A 94 -1.62 -3.86 7.40
C LEU A 94 -0.22 -3.26 7.16
N ILE A 95 0.06 -2.09 7.75
CA ILE A 95 1.39 -1.44 7.72
C ILE A 95 2.48 -2.37 8.28
N ALA A 96 2.18 -3.13 9.33
CA ALA A 96 3.14 -4.04 9.92
C ALA A 96 3.46 -5.23 9.01
N TYR A 97 2.43 -5.81 8.38
CA TYR A 97 2.60 -6.84 7.35
C TYR A 97 3.43 -6.31 6.18
N LEU A 98 3.11 -5.12 5.67
CA LEU A 98 3.86 -4.51 4.58
C LEU A 98 5.33 -4.27 4.94
N LYS A 99 5.64 -3.77 6.13
CA LYS A 99 7.04 -3.66 6.59
C LYS A 99 7.74 -5.01 6.70
N LYS A 100 7.03 -6.07 7.05
CA LYS A 100 7.62 -7.40 7.18
C LYS A 100 7.84 -8.09 5.83
N ALA A 101 6.97 -7.85 4.85
CA ALA A 101 6.99 -8.49 3.54
C ALA A 101 7.76 -7.69 2.49
N THR A 102 7.45 -6.39 2.34
CA THR A 102 7.91 -5.57 1.20
C THR A 102 9.37 -5.14 1.30
N ASN A 103 10.02 -5.33 2.44
CA ASN A 103 11.46 -5.10 2.63
C ASN A 103 12.31 -6.34 2.27
N GLU A 104 11.67 -7.48 2.00
CA GLU A 104 12.34 -8.70 1.53
C GLU A 104 12.79 -8.59 0.06
N GLY A 1 -0.23 -5.13 16.50
CA GLY A 1 0.32 -4.80 15.19
C GLY A 1 1.40 -5.78 14.79
N ASP A 2 1.05 -6.91 14.15
CA ASP A 2 2.00 -7.89 13.66
C ASP A 2 1.63 -8.53 12.32
N VAL A 3 2.53 -9.38 11.85
CA VAL A 3 2.64 -9.89 10.49
C VAL A 3 1.53 -10.88 10.17
N GLU A 4 1.20 -11.74 11.14
CA GLU A 4 0.24 -12.83 10.98
C GLU A 4 -1.20 -12.33 11.07
N LYS A 5 -1.45 -11.35 11.94
CA LYS A 5 -2.66 -10.52 11.89
C LYS A 5 -2.72 -9.74 10.58
N GLY A 6 -1.58 -9.24 10.11
CA GLY A 6 -1.55 -8.28 9.01
C GLY A 6 -1.86 -8.92 7.66
N LYS A 7 -1.48 -10.19 7.48
CA LYS A 7 -1.86 -11.01 6.34
C LYS A 7 -3.38 -11.07 6.16
N LYS A 8 -4.16 -11.29 7.23
CA LYS A 8 -5.63 -11.37 7.19
C LYS A 8 -6.28 -10.11 6.59
N ILE A 9 -5.66 -8.95 6.78
CA ILE A 9 -6.14 -7.66 6.27
C ILE A 9 -5.91 -7.56 4.76
N PHE A 10 -4.70 -7.92 4.32
CA PHE A 10 -4.37 -7.93 2.90
C PHE A 10 -5.24 -8.94 2.14
N ILE A 11 -5.41 -10.13 2.72
CA ILE A 11 -6.20 -11.23 2.15
C ILE A 11 -7.67 -10.84 1.94
N MET A 12 -8.27 -10.08 2.87
CA MET A 12 -9.66 -9.63 2.81
C MET A 12 -9.93 -8.61 1.69
N LYS A 13 -9.04 -7.60 1.55
CA LYS A 13 -9.32 -6.33 0.83
C LYS A 13 -8.33 -5.97 -0.26
N CYS A 14 -7.11 -6.47 -0.20
CA CYS A 14 -5.96 -5.88 -0.90
C CYS A 14 -5.36 -6.83 -1.94
N SER A 15 -5.33 -8.13 -1.66
CA SER A 15 -4.72 -9.17 -2.50
C SER A 15 -5.36 -9.29 -3.88
N GLN A 16 -6.63 -8.89 -3.97
CA GLN A 16 -7.43 -8.74 -5.20
C GLN A 16 -6.92 -7.65 -6.17
N CYS A 17 -5.97 -6.81 -5.75
CA CYS A 17 -5.27 -5.81 -6.58
C CYS A 17 -3.76 -5.81 -6.42
N HIS A 18 -3.22 -6.27 -5.29
CA HIS A 18 -1.77 -6.29 -5.01
C HIS A 18 -1.21 -7.67 -4.74
N THR A 19 0.10 -7.77 -4.97
CA THR A 19 0.98 -8.80 -4.46
C THR A 19 2.14 -8.15 -3.68
N VAL A 20 2.87 -8.93 -2.89
CA VAL A 20 4.13 -8.52 -2.23
C VAL A 20 5.24 -9.54 -2.50
N GLU A 21 5.10 -10.28 -3.60
CA GLU A 21 5.90 -11.48 -3.91
C GLU A 21 7.35 -11.15 -4.26
N LYS A 22 8.33 -11.84 -3.66
CA LYS A 22 9.76 -11.69 -3.91
C LYS A 22 10.14 -12.26 -5.29
N GLY A 23 10.45 -11.39 -6.25
CA GLY A 23 10.60 -11.68 -7.68
C GLY A 23 9.42 -11.20 -8.54
N GLY A 24 8.30 -10.81 -7.93
CA GLY A 24 7.26 -10.02 -8.56
C GLY A 24 6.23 -10.77 -9.42
N LYS A 25 5.02 -10.22 -9.41
CA LYS A 25 3.86 -10.55 -10.25
C LYS A 25 3.18 -9.26 -10.74
N HIS A 26 2.13 -9.40 -11.55
CA HIS A 26 1.32 -8.25 -11.96
C HIS A 26 -0.18 -8.48 -11.77
N LYS A 27 -0.87 -7.39 -11.42
CA LYS A 27 -2.24 -7.34 -10.93
C LYS A 27 -2.90 -6.00 -11.30
N THR A 28 -4.09 -5.71 -10.79
CA THR A 28 -4.80 -4.43 -10.99
C THR A 28 -4.05 -3.25 -10.37
N GLY A 29 -3.20 -3.52 -9.38
CA GLY A 29 -2.27 -2.63 -8.70
C GLY A 29 -0.83 -3.18 -8.66
N PRO A 30 0.14 -2.43 -8.10
CA PRO A 30 1.56 -2.82 -8.06
C PRO A 30 1.93 -4.01 -7.14
N ASN A 31 3.17 -4.52 -7.27
CA ASN A 31 3.77 -5.58 -6.43
C ASN A 31 4.53 -5.04 -5.20
N LEU A 32 4.51 -3.73 -4.96
CA LEU A 32 4.85 -3.13 -3.66
C LEU A 32 6.30 -3.26 -3.19
N HIS A 33 7.20 -3.92 -3.94
CA HIS A 33 8.43 -4.42 -3.35
C HIS A 33 9.51 -3.33 -3.24
N GLY A 34 9.77 -2.86 -2.01
CA GLY A 34 10.53 -1.64 -1.74
C GLY A 34 9.69 -0.41 -1.34
N LEU A 35 8.40 -0.61 -1.01
CA LEU A 35 7.44 0.43 -0.58
C LEU A 35 8.05 1.49 0.34
N PHE A 36 8.64 1.06 1.45
CA PHE A 36 9.14 1.93 2.49
C PHE A 36 10.48 2.53 2.06
N GLY A 37 10.44 3.65 1.33
CA GLY A 37 11.61 4.26 0.68
C GLY A 37 11.38 4.72 -0.77
N ARG A 38 10.23 4.38 -1.39
CA ARG A 38 9.88 4.86 -2.73
C ARG A 38 8.89 6.02 -2.71
N LYS A 39 8.91 6.81 -3.78
CA LYS A 39 7.78 7.62 -4.26
C LYS A 39 6.72 6.69 -4.87
N THR A 40 5.43 6.98 -4.69
CA THR A 40 4.35 6.00 -4.93
C THR A 40 4.31 5.38 -6.32
N GLY A 41 4.04 4.07 -6.37
CA GLY A 41 3.40 3.31 -7.46
C GLY A 41 4.30 3.00 -8.65
N GLN A 42 5.10 3.98 -9.07
CA GLN A 42 6.09 3.84 -10.12
C GLN A 42 7.24 2.94 -9.65
N ALA A 43 7.45 1.87 -10.42
CA ALA A 43 8.57 0.93 -10.29
C ALA A 43 8.96 0.43 -11.70
N PRO A 44 10.11 -0.25 -11.89
CA PRO A 44 10.49 -0.81 -13.18
C PRO A 44 9.47 -1.87 -13.62
N GLY A 45 8.75 -1.60 -14.71
CA GLY A 45 7.66 -2.44 -15.22
C GLY A 45 6.28 -2.17 -14.60
N TYR A 46 6.08 -1.07 -13.84
CA TYR A 46 4.80 -0.69 -13.23
C TYR A 46 4.52 0.82 -13.39
N SER A 47 3.42 1.19 -14.05
CA SER A 47 2.99 2.59 -14.23
C SER A 47 1.46 2.72 -14.13
N THR A 49 -0.12 6.28 -12.22
CA THR A 49 -0.28 7.73 -12.15
C THR A 49 0.97 8.37 -11.58
N ALA A 50 1.60 9.25 -12.34
CA ALA A 50 2.80 9.96 -11.91
C ALA A 50 2.51 11.07 -10.87
N ALA A 51 1.26 11.53 -10.74
CA ALA A 51 0.87 12.49 -9.71
C ALA A 51 1.14 11.96 -8.30
N ASN A 52 0.93 10.66 -8.04
CA ASN A 52 1.25 10.05 -6.75
C ASN A 52 2.78 9.87 -6.52
N LYS A 53 3.58 9.90 -7.60
CA LYS A 53 5.06 9.99 -7.51
C LYS A 53 5.54 11.43 -7.25
N ASN A 54 4.81 12.46 -7.66
CA ASN A 54 5.23 13.87 -7.53
C ASN A 54 4.63 14.57 -6.30
N LYS A 55 3.41 14.17 -5.88
CA LYS A 55 2.58 14.81 -4.86
C LYS A 55 1.99 13.81 -3.84
N GLY A 56 2.54 12.59 -3.75
CA GLY A 56 2.20 11.64 -2.70
C GLY A 56 2.87 11.98 -1.37
N ILE A 57 2.88 11.06 -0.41
CA ILE A 57 3.53 11.19 0.91
C ILE A 57 4.31 9.92 1.23
N ILE A 58 5.57 10.06 1.65
CA ILE A 58 6.52 8.94 1.64
C ILE A 58 6.06 7.84 2.59
N TRP A 59 6.14 6.58 2.17
CA TRP A 59 5.49 5.47 2.84
C TRP A 59 6.10 5.14 4.22
N GLY A 60 5.26 5.13 5.26
CA GLY A 60 5.63 4.97 6.67
C GLY A 60 4.40 4.88 7.59
N GLU A 61 4.63 4.70 8.88
CA GLU A 61 3.60 4.39 9.91
C GLU A 61 2.42 5.37 9.98
N ASP A 62 2.65 6.65 9.71
CA ASP A 62 1.64 7.70 9.81
C ASP A 62 1.10 8.16 8.43
N THR A 63 1.82 7.86 7.33
CA THR A 63 1.40 8.24 5.97
C THR A 63 0.51 7.19 5.32
N LEU A 64 0.83 5.92 5.55
CA LEU A 64 -0.06 4.81 5.20
C LEU A 64 -1.40 4.90 5.95
N MET A 65 -1.39 5.48 7.16
CA MET A 65 -2.58 5.66 7.98
C MET A 65 -3.53 6.67 7.33
N GLU A 66 -3.01 7.84 6.99
CA GLU A 66 -3.82 8.96 6.51
C GLU A 66 -4.22 8.83 5.04
N TYR A 67 -3.41 8.17 4.21
CA TYR A 67 -3.79 7.80 2.84
C TYR A 67 -4.92 6.77 2.87
N LEU A 68 -4.69 5.62 3.51
CA LEU A 68 -5.64 4.51 3.44
C LEU A 68 -6.95 4.78 4.19
N GLU A 69 -7.01 5.79 5.07
CA GLU A 69 -8.28 6.29 5.60
C GLU A 69 -9.29 6.64 4.51
N ASN A 70 -8.82 7.20 3.39
CA ASN A 70 -9.62 7.64 2.25
C ASN A 70 -8.69 7.98 1.05
N PRO A 71 -8.29 7.00 0.21
CA PRO A 71 -7.06 7.07 -0.59
C PRO A 71 -7.04 8.14 -1.68
N LYS A 72 -8.20 8.64 -2.12
CA LYS A 72 -8.29 9.73 -3.08
C LYS A 72 -8.28 11.14 -2.46
N LYS A 73 -8.32 11.29 -1.12
CA LYS A 73 -8.43 12.60 -0.45
C LYS A 73 -7.14 13.42 -0.52
N TYR A 74 -5.97 12.77 -0.48
CA TYR A 74 -4.68 13.47 -0.56
C TYR A 74 -4.05 13.44 -1.96
N ILE A 75 -4.36 12.42 -2.79
CA ILE A 75 -3.92 12.35 -4.19
C ILE A 75 -5.11 11.89 -5.05
N PRO A 76 -5.97 12.81 -5.52
CA PRO A 76 -7.13 12.43 -6.33
C PRO A 76 -6.76 11.92 -7.74
N GLY A 77 -5.48 11.98 -8.14
CA GLY A 77 -4.98 11.25 -9.31
C GLY A 77 -4.90 9.71 -9.14
N THR A 78 -5.04 9.18 -7.92
CA THR A 78 -4.90 7.74 -7.61
C THR A 78 -5.88 6.86 -8.38
N LYS A 79 -5.44 5.66 -8.74
CA LYS A 79 -6.21 4.60 -9.41
C LYS A 79 -6.53 3.44 -8.46
N MET A 80 -6.25 3.61 -7.17
CA MET A 80 -6.71 2.74 -6.09
C MET A 80 -8.21 2.96 -5.82
N ILE A 81 -9.05 2.10 -6.41
CA ILE A 81 -10.51 2.19 -6.32
C ILE A 81 -11.01 1.48 -5.06
N PHE A 82 -10.73 2.08 -3.91
CA PHE A 82 -11.02 1.60 -2.55
C PHE A 82 -11.56 2.75 -1.68
N VAL A 83 -12.60 2.54 -0.88
CA VAL A 83 -13.32 3.64 -0.20
C VAL A 83 -12.60 4.12 1.05
N GLY A 84 -11.90 3.24 1.76
CA GLY A 84 -11.09 3.60 2.92
C GLY A 84 -11.19 2.61 4.09
N ILE A 85 -10.15 2.63 4.93
CA ILE A 85 -10.10 1.91 6.20
C ILE A 85 -10.67 2.84 7.28
N LYS A 86 -11.66 2.36 8.04
CA LYS A 86 -12.28 3.08 9.16
C LYS A 86 -11.71 2.62 10.50
N LYS A 87 -11.37 1.34 10.63
CA LYS A 87 -10.68 0.79 11.80
C LYS A 87 -9.30 1.45 12.01
N LYS A 88 -8.79 1.37 13.23
CA LYS A 88 -7.42 1.66 13.67
C LYS A 88 -6.58 0.37 13.83
N GLU A 89 -7.21 -0.71 14.28
CA GLU A 89 -6.55 -2.01 14.50
C GLU A 89 -6.08 -2.65 13.18
N GLU A 90 -6.92 -2.60 12.13
CA GLU A 90 -6.55 -3.07 10.78
C GLU A 90 -5.26 -2.39 10.29
N ARG A 91 -5.20 -1.06 10.39
CA ARG A 91 -4.08 -0.21 9.91
C ARG A 91 -2.76 -0.75 10.46
N ALA A 92 -2.76 -1.04 11.76
CA ALA A 92 -1.58 -1.32 12.56
C ALA A 92 -1.07 -2.78 12.44
N ASP A 93 -1.93 -3.73 12.13
CA ASP A 93 -1.45 -5.08 11.74
C ASP A 93 -0.97 -5.09 10.28
N LEU A 94 -1.67 -4.39 9.39
CA LEU A 94 -1.32 -4.27 7.96
C LEU A 94 0.05 -3.61 7.72
N ILE A 95 0.33 -2.47 8.37
CA ILE A 95 1.65 -1.80 8.35
C ILE A 95 2.77 -2.76 8.79
N ALA A 96 2.52 -3.59 9.80
CA ALA A 96 3.53 -4.54 10.28
C ALA A 96 3.83 -5.61 9.22
N TYR A 97 2.77 -6.21 8.66
CA TYR A 97 2.91 -7.17 7.57
C TYR A 97 3.66 -6.58 6.37
N LEU A 98 3.30 -5.38 5.93
CA LEU A 98 3.95 -4.76 4.78
C LEU A 98 5.42 -4.41 5.01
N LYS A 99 5.81 -3.95 6.20
CA LYS A 99 7.24 -3.79 6.55
C LYS A 99 7.95 -5.12 6.45
N LYS A 100 7.35 -6.16 7.05
CA LYS A 100 7.98 -7.49 7.14
C LYS A 100 8.07 -8.19 5.78
N ALA A 101 7.21 -7.86 4.82
CA ALA A 101 7.27 -8.41 3.47
C ALA A 101 8.13 -7.57 2.51
N THR A 102 7.98 -6.24 2.53
CA THR A 102 8.48 -5.39 1.43
C THR A 102 9.84 -4.73 1.68
N ASN A 103 10.41 -4.85 2.89
CA ASN A 103 11.73 -4.29 3.24
C ASN A 103 12.89 -5.24 2.89
N GLU A 104 12.57 -6.44 2.40
CA GLU A 104 13.51 -7.54 2.12
C GLU A 104 14.35 -7.40 0.85
N GLY A 1 -0.26 -4.50 16.25
CA GLY A 1 0.60 -4.02 15.17
C GLY A 1 1.62 -5.08 14.81
N ASP A 2 1.21 -6.16 14.13
CA ASP A 2 2.11 -7.22 13.71
C ASP A 2 1.72 -7.88 12.37
N VAL A 3 2.60 -8.79 11.94
CA VAL A 3 2.64 -9.43 10.65
C VAL A 3 1.47 -10.40 10.43
N GLU A 4 1.01 -11.02 11.51
CA GLU A 4 0.11 -12.17 11.50
C GLU A 4 -1.34 -11.76 11.71
N LYS A 5 -1.55 -10.65 12.42
CA LYS A 5 -2.73 -9.81 12.25
C LYS A 5 -2.80 -9.23 10.84
N GLY A 6 -1.66 -8.81 10.30
CA GLY A 6 -1.60 -7.98 9.11
C GLY A 6 -1.87 -8.71 7.79
N LYS A 7 -1.50 -10.00 7.70
CA LYS A 7 -1.84 -10.88 6.57
C LYS A 7 -3.35 -10.92 6.35
N LYS A 8 -4.11 -11.02 7.44
CA LYS A 8 -5.59 -11.12 7.42
C LYS A 8 -6.23 -9.89 6.75
N ILE A 9 -5.57 -8.74 6.81
CA ILE A 9 -6.03 -7.45 6.26
C ILE A 9 -5.82 -7.41 4.75
N PHE A 10 -4.59 -7.73 4.33
CA PHE A 10 -4.22 -7.74 2.92
C PHE A 10 -5.06 -8.77 2.15
N ILE A 11 -5.19 -9.97 2.72
CA ILE A 11 -5.90 -11.10 2.13
C ILE A 11 -7.41 -10.81 1.99
N MET A 12 -7.99 -10.02 2.89
CA MET A 12 -9.40 -9.63 2.83
C MET A 12 -9.70 -8.55 1.79
N LYS A 13 -8.88 -7.49 1.76
CA LYS A 13 -9.26 -6.21 1.12
C LYS A 13 -8.41 -5.84 -0.10
N CYS A 14 -7.21 -6.39 -0.19
CA CYS A 14 -6.09 -5.86 -1.01
C CYS A 14 -5.55 -6.84 -2.05
N SER A 15 -5.36 -8.11 -1.67
CA SER A 15 -4.95 -9.25 -2.50
C SER A 15 -5.72 -9.41 -3.82
N GLN A 16 -6.96 -8.92 -3.85
CA GLN A 16 -7.80 -8.83 -5.03
C GLN A 16 -7.14 -8.06 -6.20
N CYS A 17 -6.15 -7.22 -5.90
CA CYS A 17 -5.39 -6.43 -6.88
C CYS A 17 -3.88 -6.58 -6.71
N HIS A 18 -3.36 -6.31 -5.52
CA HIS A 18 -1.93 -6.33 -5.19
C HIS A 18 -1.39 -7.72 -4.87
N THR A 19 -0.07 -7.82 -4.74
CA THR A 19 0.66 -8.99 -4.22
C THR A 19 1.85 -8.52 -3.39
N VAL A 20 2.47 -9.43 -2.62
CA VAL A 20 3.83 -9.32 -2.06
C VAL A 20 4.60 -10.63 -2.26
N GLU A 21 4.82 -11.01 -3.53
CA GLU A 21 5.41 -12.29 -3.91
C GLU A 21 6.86 -12.16 -4.42
N LYS A 22 7.67 -13.19 -4.18
CA LYS A 22 9.01 -13.39 -4.76
C LYS A 22 9.09 -12.93 -6.22
N GLY A 23 10.00 -11.99 -6.51
CA GLY A 23 10.34 -11.57 -7.87
C GLY A 23 9.33 -10.66 -8.60
N GLY A 24 8.07 -10.58 -8.14
CA GLY A 24 7.03 -9.71 -8.70
C GLY A 24 6.46 -10.12 -10.07
N LYS A 25 5.14 -9.87 -10.25
CA LYS A 25 4.44 -9.88 -11.55
C LYS A 25 3.45 -8.71 -11.65
N HIS A 26 3.37 -8.10 -12.82
CA HIS A 26 2.45 -7.00 -13.10
C HIS A 26 1.00 -7.47 -13.36
N LYS A 27 0.00 -6.70 -12.89
CA LYS A 27 -1.42 -7.09 -12.79
C LYS A 27 -2.33 -5.89 -12.40
N THR A 28 -3.53 -6.14 -11.89
CA THR A 28 -4.48 -5.11 -11.40
C THR A 28 -3.92 -4.19 -10.29
N GLY A 29 -2.86 -4.58 -9.58
CA GLY A 29 -2.10 -3.71 -8.69
C GLY A 29 -0.62 -4.10 -8.55
N PRO A 30 0.24 -3.18 -8.06
CA PRO A 30 1.65 -3.45 -7.78
C PRO A 30 1.96 -4.66 -6.87
N ASN A 31 3.14 -5.26 -7.05
CA ASN A 31 3.71 -6.27 -6.14
C ASN A 31 4.35 -5.66 -4.87
N LEU A 32 4.33 -4.33 -4.73
CA LEU A 32 4.47 -3.61 -3.47
C LEU A 32 5.86 -3.69 -2.83
N HIS A 33 6.83 -4.36 -3.45
CA HIS A 33 8.14 -4.54 -2.82
C HIS A 33 8.94 -3.23 -2.78
N GLY A 34 9.68 -3.02 -1.69
CA GLY A 34 10.48 -1.80 -1.48
C GLY A 34 9.67 -0.52 -1.22
N LEU A 35 8.37 -0.63 -0.94
CA LEU A 35 7.47 0.53 -0.78
C LEU A 35 7.91 1.50 0.32
N PHE A 36 8.41 0.98 1.45
CA PHE A 36 8.63 1.80 2.63
C PHE A 36 9.85 2.70 2.45
N GLY A 37 9.71 4.00 2.74
CA GLY A 37 10.80 4.97 2.56
C GLY A 37 10.91 5.60 1.17
N ARG A 38 9.93 5.43 0.27
CA ARG A 38 9.90 6.08 -1.06
C ARG A 38 8.55 6.74 -1.37
N LYS A 39 8.53 7.61 -2.38
CA LYS A 39 7.35 7.81 -3.23
C LYS A 39 7.48 6.95 -4.50
N THR A 40 6.37 6.38 -4.97
CA THR A 40 6.29 5.46 -6.14
C THR A 40 5.87 6.25 -7.40
N GLY A 41 4.98 5.72 -8.25
CA GLY A 41 4.32 6.48 -9.31
C GLY A 41 5.20 6.82 -10.52
N GLN A 42 6.09 5.91 -10.92
CA GLN A 42 7.19 6.21 -11.86
C GLN A 42 7.76 5.05 -12.67
N ALA A 43 7.34 3.80 -12.44
CA ALA A 43 7.96 2.63 -13.07
C ALA A 43 6.98 1.88 -14.00
N PRO A 44 7.33 1.65 -15.28
CA PRO A 44 6.56 0.82 -16.20
C PRO A 44 6.36 -0.63 -15.75
N GLY A 45 7.19 -1.13 -14.83
CA GLY A 45 7.00 -2.41 -14.14
C GLY A 45 5.89 -2.36 -13.06
N TYR A 46 5.88 -1.34 -12.19
CA TYR A 46 4.91 -1.25 -11.10
C TYR A 46 4.60 0.22 -10.75
N SER A 47 3.34 0.63 -10.87
CA SER A 47 2.86 2.00 -10.61
C SER A 47 3.55 3.07 -11.48
N THR A 49 1.75 6.20 -12.48
CA THR A 49 1.11 7.52 -12.34
C THR A 49 1.84 8.45 -11.38
N ALA A 50 2.23 9.63 -11.87
CA ALA A 50 3.02 10.57 -11.10
C ALA A 50 2.29 11.20 -9.89
N ALA A 51 1.00 10.95 -9.70
CA ALA A 51 0.29 11.35 -8.48
C ALA A 51 0.93 10.70 -7.23
N ASN A 52 1.26 9.42 -7.32
CA ASN A 52 1.97 8.71 -6.25
C ASN A 52 3.42 9.22 -6.05
N LYS A 53 4.03 9.81 -7.09
CA LYS A 53 5.33 10.50 -7.03
C LYS A 53 5.24 11.92 -6.43
N ASN A 54 4.11 12.63 -6.57
CA ASN A 54 4.03 14.06 -6.29
C ASN A 54 3.16 14.49 -5.09
N LYS A 55 2.00 13.88 -4.85
CA LYS A 55 1.12 14.28 -3.74
C LYS A 55 1.42 13.47 -2.47
N GLY A 56 1.40 14.14 -1.32
CA GLY A 56 1.94 13.64 -0.05
C GLY A 56 3.47 13.51 -0.05
N ILE A 57 4.02 13.00 1.06
CA ILE A 57 5.42 12.56 1.18
C ILE A 57 5.51 11.03 0.95
N ILE A 58 6.58 10.37 1.40
CA ILE A 58 6.79 8.91 1.25
C ILE A 58 5.63 8.02 1.74
N TRP A 59 5.72 6.72 1.44
CA TRP A 59 5.03 5.66 2.16
C TRP A 59 5.77 5.26 3.45
N GLY A 60 5.09 5.41 4.58
CA GLY A 60 5.55 5.11 5.95
C GLY A 60 4.39 4.92 6.93
N GLU A 61 4.69 4.70 8.21
CA GLU A 61 3.69 4.34 9.24
C GLU A 61 2.61 5.40 9.56
N ASP A 62 2.86 6.66 9.27
CA ASP A 62 1.89 7.74 9.40
C ASP A 62 1.13 8.02 8.10
N THR A 63 1.82 7.91 6.97
CA THR A 63 1.31 8.37 5.67
C THR A 63 0.41 7.33 5.02
N LEU A 64 0.76 6.05 5.18
CA LEU A 64 -0.14 4.96 4.89
C LEU A 64 -1.34 4.95 5.83
N MET A 65 -1.25 5.52 7.04
CA MET A 65 -2.38 5.55 7.96
C MET A 65 -3.41 6.58 7.52
N GLU A 66 -2.98 7.72 6.97
CA GLU A 66 -3.90 8.69 6.37
C GLU A 66 -4.37 8.28 4.97
N TYR A 67 -3.53 7.65 4.15
CA TYR A 67 -3.92 7.09 2.85
C TYR A 67 -4.97 5.99 3.03
N LEU A 68 -4.75 5.06 3.95
CA LEU A 68 -5.72 4.00 4.21
C LEU A 68 -6.93 4.49 5.01
N GLU A 69 -6.92 5.69 5.59
CA GLU A 69 -8.16 6.32 6.07
C GLU A 69 -9.04 6.80 4.91
N ASN A 70 -8.46 7.32 3.84
CA ASN A 70 -9.17 7.84 2.66
C ASN A 70 -8.15 8.15 1.54
N PRO A 71 -7.91 7.24 0.58
CA PRO A 71 -6.77 7.37 -0.33
C PRO A 71 -6.93 8.58 -1.27
N LYS A 72 -8.18 8.89 -1.64
CA LYS A 72 -8.54 10.06 -2.45
C LYS A 72 -8.33 11.43 -1.80
N LYS A 73 -7.93 11.49 -0.53
CA LYS A 73 -7.53 12.71 0.16
C LYS A 73 -6.00 12.87 0.06
N TYR A 74 -5.26 11.77 0.24
CA TYR A 74 -3.79 11.74 0.15
C TYR A 74 -3.24 11.71 -1.29
N ILE A 75 -4.00 11.17 -2.25
CA ILE A 75 -3.67 11.10 -3.67
C ILE A 75 -4.97 11.41 -4.44
N PRO A 76 -5.17 12.64 -4.95
CA PRO A 76 -6.49 13.09 -5.39
C PRO A 76 -6.91 12.58 -6.78
N GLY A 77 -6.04 11.82 -7.46
CA GLY A 77 -6.38 10.98 -8.60
C GLY A 77 -5.48 9.75 -8.70
N THR A 78 -6.04 8.56 -8.57
CA THR A 78 -5.37 7.24 -8.64
C THR A 78 -6.41 6.14 -8.90
N LYS A 79 -6.00 5.03 -9.53
CA LYS A 79 -6.82 3.81 -9.69
C LYS A 79 -6.67 2.82 -8.52
N MET A 80 -6.18 3.27 -7.38
CA MET A 80 -6.56 2.73 -6.08
C MET A 80 -8.09 2.90 -5.88
N ILE A 81 -8.87 1.93 -6.35
CA ILE A 81 -10.34 1.94 -6.27
C ILE A 81 -10.75 1.42 -4.89
N PHE A 82 -10.83 2.34 -3.93
CA PHE A 82 -11.04 2.02 -2.52
C PHE A 82 -11.61 3.21 -1.73
N VAL A 83 -12.58 2.97 -0.84
CA VAL A 83 -13.17 4.04 -0.01
C VAL A 83 -12.30 4.32 1.21
N GLY A 84 -11.80 3.27 1.87
CA GLY A 84 -10.86 3.35 3.00
C GLY A 84 -11.09 2.28 4.05
N ILE A 85 -10.24 2.29 5.08
CA ILE A 85 -10.24 1.38 6.23
C ILE A 85 -10.74 2.15 7.45
N LYS A 86 -11.74 1.60 8.17
CA LYS A 86 -12.47 2.28 9.25
C LYS A 86 -11.84 2.07 10.63
N LYS A 87 -11.38 0.85 10.94
CA LYS A 87 -10.67 0.55 12.20
C LYS A 87 -9.32 1.26 12.25
N LYS A 88 -8.95 1.73 13.45
CA LYS A 88 -7.61 2.24 13.75
C LYS A 88 -6.58 1.11 13.85
N GLU A 89 -7.01 -0.07 14.29
CA GLU A 89 -6.16 -1.26 14.42
C GLU A 89 -5.71 -1.83 13.06
N GLU A 90 -6.64 -2.05 12.12
CA GLU A 90 -6.36 -2.75 10.85
C GLU A 90 -5.23 -2.10 10.06
N ARG A 91 -5.24 -0.77 9.90
CA ARG A 91 -4.22 -0.05 9.13
C ARG A 91 -2.83 -0.30 9.71
N ALA A 92 -2.74 -0.34 11.03
CA ALA A 92 -1.48 -0.43 11.76
C ALA A 92 -0.88 -1.86 11.74
N ASP A 93 -1.72 -2.90 11.65
CA ASP A 93 -1.29 -4.27 11.35
C ASP A 93 -0.95 -4.47 9.87
N LEU A 94 -1.70 -3.87 8.97
CA LEU A 94 -1.40 -3.87 7.53
C LEU A 94 -0.01 -3.27 7.26
N ILE A 95 0.27 -2.09 7.82
CA ILE A 95 1.59 -1.45 7.82
C ILE A 95 2.65 -2.38 8.43
N ALA A 96 2.34 -3.10 9.51
CA ALA A 96 3.29 -4.02 10.14
C ALA A 96 3.63 -5.23 9.24
N TYR A 97 2.62 -5.86 8.66
CA TYR A 97 2.79 -6.95 7.70
C TYR A 97 3.63 -6.50 6.51
N LEU A 98 3.33 -5.34 5.94
CA LEU A 98 4.09 -4.83 4.82
C LEU A 98 5.53 -4.45 5.19
N LYS A 99 5.80 -3.96 6.39
CA LYS A 99 7.17 -3.69 6.86
C LYS A 99 7.99 -4.97 6.99
N LYS A 100 7.37 -6.11 7.32
CA LYS A 100 8.06 -7.41 7.25
C LYS A 100 8.15 -7.93 5.81
N ALA A 101 7.07 -7.85 5.03
CA ALA A 101 6.89 -8.63 3.81
C ALA A 101 7.36 -7.90 2.56
N THR A 102 7.18 -6.58 2.46
CA THR A 102 7.72 -5.79 1.33
C THR A 102 9.25 -5.71 1.35
N ASN A 103 9.85 -6.11 2.47
CA ASN A 103 11.29 -6.18 2.69
C ASN A 103 11.90 -7.60 2.65
N GLU A 104 11.14 -8.69 2.46
CA GLU A 104 11.74 -10.05 2.38
C GLU A 104 12.87 -10.15 1.34
N GLY A 1 1.14 -3.02 15.82
CA GLY A 1 0.63 -4.34 15.37
C GLY A 1 1.74 -5.28 14.92
N ASP A 2 1.41 -6.43 14.33
CA ASP A 2 2.36 -7.47 13.88
C ASP A 2 1.87 -8.29 12.67
N VAL A 3 2.66 -9.31 12.31
CA VAL A 3 2.76 -9.90 10.98
C VAL A 3 1.65 -10.92 10.75
N GLU A 4 1.47 -11.84 11.69
CA GLU A 4 0.43 -12.86 11.65
C GLU A 4 -0.95 -12.21 11.60
N LYS A 5 -1.16 -11.22 12.47
CA LYS A 5 -2.39 -10.43 12.54
C LYS A 5 -2.57 -9.62 11.25
N GLY A 6 -1.47 -9.08 10.72
CA GLY A 6 -1.46 -8.21 9.55
C GLY A 6 -1.76 -8.91 8.22
N LYS A 7 -1.34 -10.17 8.07
CA LYS A 7 -1.64 -11.01 6.89
C LYS A 7 -3.15 -11.09 6.67
N LYS A 8 -3.92 -11.31 7.74
CA LYS A 8 -5.39 -11.43 7.68
C LYS A 8 -6.08 -10.16 7.18
N ILE A 9 -5.45 -8.99 7.26
CA ILE A 9 -6.00 -7.71 6.78
C ILE A 9 -5.74 -7.54 5.28
N PHE A 10 -4.55 -7.93 4.83
CA PHE A 10 -4.21 -7.92 3.41
C PHE A 10 -5.09 -8.91 2.64
N ILE A 11 -5.27 -10.10 3.21
CA ILE A 11 -6.08 -11.19 2.63
C ILE A 11 -7.57 -10.79 2.49
N MET A 12 -8.07 -9.90 3.35
CA MET A 12 -9.44 -9.41 3.29
C MET A 12 -9.67 -8.45 2.11
N LYS A 13 -8.88 -7.37 2.04
CA LYS A 13 -9.18 -6.21 1.17
C LYS A 13 -8.17 -5.91 0.06
N CYS A 14 -7.00 -6.54 0.08
CA CYS A 14 -5.80 -6.07 -0.62
C CYS A 14 -5.20 -7.12 -1.59
N SER A 15 -5.22 -8.40 -1.22
CA SER A 15 -4.66 -9.53 -1.99
C SER A 15 -5.38 -9.78 -3.32
N GLN A 16 -6.58 -9.23 -3.47
CA GLN A 16 -7.34 -9.20 -4.72
C GLN A 16 -6.71 -8.33 -5.82
N CYS A 17 -5.70 -7.52 -5.51
CA CYS A 17 -5.01 -6.64 -6.45
C CYS A 17 -3.48 -6.68 -6.35
N HIS A 18 -2.94 -6.76 -5.12
CA HIS A 18 -1.50 -6.79 -4.83
C HIS A 18 -0.97 -8.20 -4.52
N THR A 19 0.34 -8.39 -4.66
CA THR A 19 1.04 -9.61 -4.19
C THR A 19 2.48 -9.24 -3.82
N VAL A 20 2.88 -9.41 -2.56
CA VAL A 20 4.07 -8.79 -1.94
C VAL A 20 5.32 -9.64 -2.17
N GLU A 21 5.50 -10.01 -3.43
CA GLU A 21 6.35 -11.11 -3.83
C GLU A 21 7.72 -10.63 -4.31
N LYS A 22 8.77 -11.31 -3.85
CA LYS A 22 10.16 -11.15 -4.32
C LYS A 22 10.30 -11.68 -5.76
N GLY A 23 9.86 -10.86 -6.71
CA GLY A 23 9.64 -11.23 -8.11
C GLY A 23 8.19 -11.00 -8.58
N GLY A 24 7.57 -9.88 -8.18
CA GLY A 24 6.18 -9.55 -8.48
C GLY A 24 5.82 -9.61 -9.97
N LYS A 25 4.63 -10.13 -10.30
CA LYS A 25 4.12 -10.27 -11.68
C LYS A 25 2.77 -9.59 -11.87
N HIS A 26 2.60 -8.97 -13.03
CA HIS A 26 1.59 -7.97 -13.32
C HIS A 26 0.15 -8.52 -13.33
N LYS A 27 -0.79 -7.69 -12.85
CA LYS A 27 -2.20 -8.03 -12.60
C LYS A 27 -3.03 -6.75 -12.39
N THR A 28 -4.12 -6.77 -11.62
CA THR A 28 -4.95 -5.57 -11.36
C THR A 28 -4.14 -4.43 -10.74
N GLY A 29 -3.29 -4.71 -9.76
CA GLY A 29 -2.48 -3.71 -9.03
C GLY A 29 -1.00 -4.08 -8.90
N PRO A 30 -0.17 -3.19 -8.33
CA PRO A 30 1.28 -3.32 -8.35
C PRO A 30 1.83 -4.36 -7.35
N ASN A 31 3.11 -4.68 -7.50
CA ASN A 31 3.80 -5.69 -6.69
C ASN A 31 3.88 -5.32 -5.20
N LEU A 32 4.21 -4.07 -4.86
CA LEU A 32 4.32 -3.58 -3.49
C LEU A 32 5.50 -4.19 -2.71
N HIS A 33 6.26 -5.14 -3.28
CA HIS A 33 7.53 -5.57 -2.67
C HIS A 33 8.65 -4.52 -2.90
N GLY A 34 9.39 -4.19 -1.85
CA GLY A 34 10.35 -3.06 -1.83
C GLY A 34 9.73 -1.69 -1.49
N LEU A 35 8.54 -1.65 -0.86
CA LEU A 35 7.77 -0.41 -0.66
C LEU A 35 8.47 0.66 0.19
N PHE A 36 9.15 0.27 1.26
CA PHE A 36 9.65 1.19 2.27
C PHE A 36 11.04 1.73 1.89
N GLY A 37 11.12 3.05 1.69
CA GLY A 37 12.27 3.73 1.09
C GLY A 37 12.02 4.29 -0.32
N ARG A 38 10.78 4.28 -0.84
CA ARG A 38 10.43 4.90 -2.13
C ARG A 38 9.21 5.83 -2.04
N LYS A 39 9.19 6.85 -2.90
CA LYS A 39 8.06 7.77 -3.14
C LYS A 39 7.46 7.42 -4.49
N THR A 40 6.39 6.62 -4.48
CA THR A 40 5.91 5.92 -5.68
C THR A 40 5.29 6.84 -6.74
N GLY A 41 5.14 6.31 -7.95
CA GLY A 41 4.75 7.08 -9.13
C GLY A 41 5.94 7.39 -10.05
N GLN A 42 6.73 6.37 -10.35
CA GLN A 42 8.07 6.47 -10.94
C GLN A 42 8.43 5.33 -11.90
N ALA A 43 7.55 4.34 -12.11
CA ALA A 43 7.82 3.13 -12.89
C ALA A 43 6.58 2.70 -13.70
N PRO A 44 6.61 2.66 -15.04
CA PRO A 44 5.42 2.39 -15.86
C PRO A 44 4.73 1.06 -15.56
N GLY A 45 5.51 0.03 -15.22
CA GLY A 45 4.99 -1.30 -14.92
C GLY A 45 4.25 -1.39 -13.57
N TYR A 46 4.67 -0.65 -12.54
CA TYR A 46 4.04 -0.64 -11.21
C TYR A 46 4.05 0.78 -10.63
N SER A 47 2.91 1.48 -10.68
CA SER A 47 2.74 2.88 -10.28
C SER A 47 3.51 3.87 -11.20
N THR A 49 2.57 7.08 -12.68
CA THR A 49 2.41 8.55 -12.62
C THR A 49 2.73 9.13 -11.23
N ALA A 50 3.38 10.30 -11.16
CA ALA A 50 3.97 10.84 -9.92
C ALA A 50 2.98 11.45 -8.89
N ALA A 51 1.67 11.25 -9.04
CA ALA A 51 0.64 11.79 -8.16
C ALA A 51 0.85 11.46 -6.68
N ASN A 52 1.28 10.24 -6.40
CA ASN A 52 1.55 9.77 -5.05
C ASN A 52 2.76 10.50 -4.43
N LYS A 53 3.93 10.52 -5.09
CA LYS A 53 5.09 11.32 -4.62
C LYS A 53 4.81 12.83 -4.56
N ASN A 54 3.92 13.36 -5.41
CA ASN A 54 3.49 14.76 -5.39
C ASN A 54 2.65 15.15 -4.16
N LYS A 55 2.17 14.21 -3.35
CA LYS A 55 1.63 14.52 -2.01
C LYS A 55 2.74 14.72 -0.95
N GLY A 56 3.99 14.55 -1.35
CA GLY A 56 5.17 14.63 -0.49
C GLY A 56 5.43 13.37 0.34
N ILE A 57 4.68 12.28 0.13
CA ILE A 57 4.72 11.09 1.00
C ILE A 57 5.77 10.06 0.60
N ILE A 58 6.56 9.64 1.59
CA ILE A 58 7.33 8.40 1.63
C ILE A 58 6.50 7.33 2.35
N TRP A 59 6.56 6.07 1.90
CA TRP A 59 5.79 5.01 2.53
C TRP A 59 6.32 4.64 3.94
N GLY A 60 5.41 4.64 4.91
CA GLY A 60 5.70 4.47 6.34
C GLY A 60 4.44 4.48 7.20
N GLU A 61 4.59 4.43 8.52
CA GLU A 61 3.46 4.18 9.44
C GLU A 61 2.37 5.25 9.42
N ASP A 62 2.74 6.53 9.35
CA ASP A 62 1.74 7.60 9.38
C ASP A 62 1.20 7.95 7.98
N THR A 63 1.95 7.64 6.93
CA THR A 63 1.64 8.00 5.53
C THR A 63 0.75 6.99 4.85
N LEU A 64 0.96 5.70 5.15
CA LEU A 64 0.04 4.64 4.76
C LEU A 64 -1.32 4.81 5.44
N MET A 65 -1.35 5.29 6.69
CA MET A 65 -2.59 5.40 7.47
C MET A 65 -3.49 6.52 6.93
N GLU A 66 -2.90 7.67 6.60
CA GLU A 66 -3.61 8.84 6.11
C GLU A 66 -3.99 8.77 4.61
N TYR A 67 -3.23 8.01 3.80
CA TYR A 67 -3.64 7.62 2.46
C TYR A 67 -4.80 6.63 2.50
N LEU A 68 -4.65 5.54 3.27
CA LEU A 68 -5.65 4.46 3.28
C LEU A 68 -6.98 4.86 3.92
N GLU A 69 -7.01 5.87 4.80
CA GLU A 69 -8.25 6.40 5.35
C GLU A 69 -9.20 6.86 4.22
N ASN A 70 -8.67 7.49 3.15
CA ASN A 70 -9.46 7.88 1.97
C ASN A 70 -8.56 8.23 0.74
N PRO A 71 -8.19 7.25 -0.11
CA PRO A 71 -7.10 7.42 -1.10
C PRO A 71 -7.28 8.58 -2.07
N LYS A 72 -8.39 8.62 -2.81
CA LYS A 72 -8.65 9.67 -3.82
C LYS A 72 -9.25 10.97 -3.27
N LYS A 73 -9.48 11.03 -1.95
CA LYS A 73 -9.67 12.29 -1.23
C LYS A 73 -8.33 12.88 -0.84
N TYR A 74 -7.36 12.06 -0.43
CA TYR A 74 -6.03 12.52 -0.07
C TYR A 74 -5.16 12.87 -1.28
N ILE A 75 -5.30 12.13 -2.40
CA ILE A 75 -4.52 12.28 -3.64
C ILE A 75 -5.46 12.06 -4.84
N PRO A 76 -6.12 13.12 -5.37
CA PRO A 76 -7.20 12.98 -6.34
C PRO A 76 -6.77 12.60 -7.78
N GLY A 77 -5.48 12.30 -7.98
CA GLY A 77 -4.90 11.71 -9.19
C GLY A 77 -4.23 10.33 -8.97
N THR A 78 -4.36 9.74 -7.78
CA THR A 78 -3.96 8.34 -7.54
C THR A 78 -4.91 7.39 -8.25
N LYS A 79 -4.43 6.24 -8.73
CA LYS A 79 -5.22 5.31 -9.58
C LYS A 79 -5.67 4.03 -8.86
N MET A 80 -5.43 3.92 -7.55
CA MET A 80 -6.02 2.87 -6.71
C MET A 80 -7.55 3.06 -6.61
N ILE A 81 -8.32 2.09 -7.10
CA ILE A 81 -9.78 2.06 -6.97
C ILE A 81 -10.14 1.51 -5.58
N PHE A 82 -10.23 2.41 -4.62
CA PHE A 82 -10.54 2.09 -3.22
C PHE A 82 -11.21 3.29 -2.54
N VAL A 83 -12.34 3.08 -1.87
CA VAL A 83 -13.12 4.19 -1.27
C VAL A 83 -12.44 4.75 -0.02
N GLY A 84 -12.15 3.90 0.98
CA GLY A 84 -11.40 4.31 2.19
C GLY A 84 -11.74 3.48 3.44
N ILE A 85 -10.90 3.64 4.48
CA ILE A 85 -10.94 2.90 5.75
C ILE A 85 -11.28 3.80 6.95
N LYS A 86 -12.03 3.26 7.93
CA LYS A 86 -12.31 3.91 9.23
C LYS A 86 -11.43 3.39 10.39
N LYS A 87 -11.03 2.12 10.32
CA LYS A 87 -10.27 1.45 11.38
C LYS A 87 -8.76 1.67 11.28
N LYS A 88 -8.25 2.52 12.17
CA LYS A 88 -6.84 2.58 12.58
C LYS A 88 -6.35 1.19 13.01
N GLU A 89 -7.16 0.43 13.76
CA GLU A 89 -6.71 -0.84 14.34
C GLU A 89 -6.33 -1.90 13.29
N GLU A 90 -7.00 -1.90 12.13
CA GLU A 90 -6.75 -2.89 11.07
C GLU A 90 -5.46 -2.53 10.35
N ARG A 91 -5.23 -1.23 10.07
CA ARG A 91 -3.97 -0.78 9.48
C ARG A 91 -2.78 -0.99 10.41
N ALA A 92 -2.99 -0.90 11.71
CA ALA A 92 -1.93 -1.04 12.71
C ALA A 92 -1.26 -2.42 12.69
N ASP A 93 -1.96 -3.48 12.27
CA ASP A 93 -1.37 -4.78 11.97
C ASP A 93 -0.97 -4.92 10.49
N LEU A 94 -1.76 -4.37 9.55
CA LEU A 94 -1.44 -4.37 8.11
C LEU A 94 -0.06 -3.77 7.81
N ILE A 95 0.23 -2.56 8.28
CA ILE A 95 1.53 -1.89 8.06
C ILE A 95 2.68 -2.73 8.64
N ALA A 96 2.45 -3.44 9.75
CA ALA A 96 3.48 -4.31 10.34
C ALA A 96 3.81 -5.49 9.45
N TYR A 97 2.78 -6.14 8.90
CA TYR A 97 2.95 -7.20 7.90
C TYR A 97 3.73 -6.69 6.68
N LEU A 98 3.36 -5.52 6.15
CA LEU A 98 4.06 -4.91 5.02
C LEU A 98 5.54 -4.67 5.30
N LYS A 99 5.89 -4.13 6.47
CA LYS A 99 7.29 -3.91 6.88
C LYS A 99 8.06 -5.22 7.02
N LYS A 100 7.42 -6.32 7.39
CA LYS A 100 8.10 -7.63 7.52
C LYS A 100 8.25 -8.31 6.16
N ALA A 101 7.24 -8.25 5.31
CA ALA A 101 7.15 -9.02 4.07
C ALA A 101 7.83 -8.33 2.89
N THR A 102 7.82 -7.00 2.83
CA THR A 102 8.30 -6.25 1.66
C THR A 102 9.78 -5.86 1.72
N ASN A 103 10.38 -5.85 2.92
CA ASN A 103 11.78 -5.47 3.16
C ASN A 103 12.78 -6.65 3.05
N GLU A 104 12.33 -7.82 2.56
CA GLU A 104 13.17 -9.00 2.36
C GLU A 104 14.22 -8.84 1.26
N GLY A 1 -0.72 -4.67 16.28
CA GLY A 1 0.03 -4.28 15.07
C GLY A 1 1.14 -5.28 14.77
N ASP A 2 0.83 -6.37 14.05
CA ASP A 2 1.82 -7.32 13.56
C ASP A 2 1.41 -8.01 12.24
N VAL A 3 2.26 -8.93 11.79
CA VAL A 3 2.28 -9.56 10.47
C VAL A 3 1.20 -10.61 10.32
N GLU A 4 0.98 -11.40 11.37
CA GLU A 4 0.04 -12.50 11.35
C GLU A 4 -1.40 -11.98 11.35
N LYS A 5 -1.65 -10.92 12.10
CA LYS A 5 -2.90 -10.15 12.03
C LYS A 5 -2.96 -9.32 10.74
N GLY A 6 -1.81 -8.91 10.24
CA GLY A 6 -1.65 -7.98 9.12
C GLY A 6 -2.02 -8.58 7.78
N LYS A 7 -1.69 -9.86 7.57
CA LYS A 7 -2.05 -10.55 6.33
C LYS A 7 -3.55 -10.74 6.19
N LYS A 8 -4.25 -10.98 7.31
CA LYS A 8 -5.72 -11.09 7.37
C LYS A 8 -6.41 -9.84 6.84
N ILE A 9 -5.72 -8.69 6.85
CA ILE A 9 -6.22 -7.40 6.36
C ILE A 9 -6.00 -7.27 4.86
N PHE A 10 -4.81 -7.65 4.39
CA PHE A 10 -4.46 -7.66 2.97
C PHE A 10 -5.38 -8.62 2.21
N ILE A 11 -5.52 -9.84 2.74
CA ILE A 11 -6.35 -10.91 2.20
C ILE A 11 -7.82 -10.49 2.10
N MET A 12 -8.32 -9.75 3.09
CA MET A 12 -9.67 -9.21 3.06
C MET A 12 -9.82 -8.08 2.04
N LYS A 13 -8.97 -7.05 2.10
CA LYS A 13 -9.28 -5.72 1.53
C LYS A 13 -8.47 -5.34 0.28
N CYS A 14 -7.36 -6.05 0.02
CA CYS A 14 -6.24 -5.58 -0.81
C CYS A 14 -5.74 -6.60 -1.84
N SER A 15 -5.73 -7.90 -1.51
CA SER A 15 -5.19 -9.00 -2.33
C SER A 15 -5.92 -9.17 -3.66
N GLN A 16 -7.15 -8.67 -3.73
CA GLN A 16 -7.97 -8.45 -4.92
C GLN A 16 -7.30 -7.59 -6.02
N CYS A 17 -6.21 -6.89 -5.69
CA CYS A 17 -5.43 -6.04 -6.60
C CYS A 17 -3.90 -6.18 -6.46
N HIS A 18 -3.37 -6.41 -5.26
CA HIS A 18 -1.92 -6.43 -4.96
C HIS A 18 -1.37 -7.82 -4.59
N THR A 19 -0.04 -7.89 -4.48
CA THR A 19 0.77 -8.94 -3.81
C THR A 19 1.97 -8.31 -3.10
N VAL A 20 2.77 -9.10 -2.39
CA VAL A 20 4.02 -8.73 -1.70
C VAL A 20 5.11 -9.82 -1.87
N GLU A 21 5.34 -10.26 -3.11
CA GLU A 21 6.11 -11.48 -3.42
C GLU A 21 7.55 -11.24 -3.94
N LYS A 22 8.52 -12.01 -3.43
CA LYS A 22 9.91 -12.03 -3.95
C LYS A 22 9.96 -12.73 -5.31
N GLY A 23 10.68 -12.14 -6.28
CA GLY A 23 10.67 -12.54 -7.70
C GLY A 23 9.56 -11.89 -8.55
N GLY A 24 8.53 -11.31 -7.92
CA GLY A 24 7.58 -10.37 -8.53
C GLY A 24 6.39 -10.98 -9.27
N LYS A 25 5.31 -10.21 -9.37
CA LYS A 25 4.04 -10.53 -10.07
C LYS A 25 3.46 -9.29 -10.72
N HIS A 26 2.65 -9.47 -11.76
CA HIS A 26 1.82 -8.39 -12.30
C HIS A 26 0.33 -8.66 -12.08
N LYS A 27 -0.35 -7.61 -11.59
CA LYS A 27 -1.75 -7.61 -11.16
C LYS A 27 -2.37 -6.24 -11.44
N THR A 28 -3.66 -6.04 -11.13
CA THR A 28 -4.36 -4.76 -11.27
C THR A 28 -3.67 -3.61 -10.50
N GLY A 29 -3.04 -3.96 -9.37
CA GLY A 29 -2.18 -3.12 -8.55
C GLY A 29 -0.75 -3.69 -8.47
N PRO A 30 0.24 -2.91 -8.00
CA PRO A 30 1.63 -3.34 -7.89
C PRO A 30 1.87 -4.52 -6.91
N ASN A 31 2.95 -5.26 -7.13
CA ASN A 31 3.48 -6.29 -6.20
C ASN A 31 4.30 -5.70 -5.03
N LEU A 32 4.38 -4.37 -4.95
CA LEU A 32 4.64 -3.62 -3.71
C LEU A 32 6.07 -3.78 -3.13
N HIS A 33 6.97 -4.50 -3.78
CA HIS A 33 8.11 -5.16 -3.12
C HIS A 33 9.36 -4.27 -2.92
N GLY A 34 9.13 -3.08 -2.38
CA GLY A 34 10.12 -2.04 -2.12
C GLY A 34 9.42 -0.72 -1.78
N LEU A 35 8.30 -0.78 -1.06
CA LEU A 35 7.45 0.37 -0.79
C LEU A 35 8.12 1.36 0.19
N PHE A 36 8.82 0.85 1.19
CA PHE A 36 9.33 1.64 2.31
C PHE A 36 10.69 2.24 1.90
N GLY A 37 10.69 3.55 1.66
CA GLY A 37 11.84 4.30 1.13
C GLY A 37 11.59 5.11 -0.17
N ARG A 38 10.35 5.16 -0.71
CA ARG A 38 10.05 5.85 -1.99
C ARG A 38 8.87 6.84 -1.96
N LYS A 39 8.87 7.74 -2.94
CA LYS A 39 7.68 8.37 -3.53
C LYS A 39 6.84 7.33 -4.29
N THR A 40 5.53 7.51 -4.21
CA THR A 40 4.51 6.81 -5.01
C THR A 40 4.61 7.11 -6.52
N GLY A 41 3.87 6.37 -7.35
CA GLY A 41 3.66 6.65 -8.79
C GLY A 41 4.76 6.14 -9.72
N GLN A 42 5.99 6.07 -9.18
CA GLN A 42 7.01 5.10 -9.58
C GLN A 42 6.91 3.87 -8.67
N ALA A 43 5.75 3.22 -8.65
CA ALA A 43 5.44 2.14 -7.71
C ALA A 43 6.45 0.96 -7.82
N PRO A 44 6.58 0.11 -6.79
CA PRO A 44 7.60 -0.96 -6.79
C PRO A 44 7.51 -1.91 -8.00
N GLY A 45 8.46 -1.76 -8.93
CA GLY A 45 8.49 -2.49 -10.21
C GLY A 45 7.38 -2.13 -11.20
N TYR A 46 6.70 -0.97 -11.07
CA TYR A 46 5.38 -0.76 -11.67
C TYR A 46 5.08 0.73 -11.91
N SER A 47 4.17 1.02 -12.85
CA SER A 47 3.56 2.35 -13.07
C SER A 47 4.51 3.50 -13.43
N THR A 49 3.50 7.39 -13.22
CA THR A 49 2.78 8.66 -12.97
C THR A 49 3.58 9.54 -12.01
N ALA A 50 3.92 10.74 -12.48
CA ALA A 50 4.56 11.76 -11.67
C ALA A 50 3.53 12.58 -10.89
N ALA A 51 2.28 12.67 -11.34
CA ALA A 51 1.20 13.35 -10.62
C ALA A 51 0.91 12.75 -9.23
N ASN A 52 1.02 11.42 -9.07
CA ASN A 52 0.96 10.80 -7.75
C ASN A 52 2.16 11.26 -6.87
N LYS A 53 3.40 11.16 -7.40
CA LYS A 53 4.64 11.59 -6.74
C LYS A 53 4.58 13.06 -6.26
N ASN A 54 3.98 13.93 -7.05
CA ASN A 54 3.98 15.37 -6.80
C ASN A 54 3.05 15.80 -5.64
N LYS A 55 2.29 14.87 -5.06
CA LYS A 55 1.46 15.08 -3.85
C LYS A 55 1.69 14.04 -2.75
N GLY A 56 2.07 12.81 -3.09
CA GLY A 56 2.37 11.77 -2.10
C GLY A 56 3.62 12.06 -1.27
N ILE A 57 3.61 11.63 -0.01
CA ILE A 57 4.75 11.69 0.94
C ILE A 57 5.18 10.26 1.33
N ILE A 58 6.38 10.11 1.89
CA ILE A 58 7.09 8.82 1.98
C ILE A 58 6.28 7.74 2.70
N TRP A 59 6.22 6.54 2.13
CA TRP A 59 5.39 5.45 2.65
C TRP A 59 5.86 4.90 4.00
N GLY A 60 5.06 5.13 5.04
CA GLY A 60 5.33 4.77 6.44
C GLY A 60 4.07 4.91 7.31
N GLU A 61 4.19 4.64 8.61
CA GLU A 61 3.07 4.66 9.56
C GLU A 61 2.36 6.01 9.67
N ASP A 62 3.07 7.10 9.38
CA ASP A 62 2.58 8.47 9.44
C ASP A 62 1.93 8.93 8.13
N THR A 63 1.85 8.07 7.11
CA THR A 63 1.43 8.44 5.74
C THR A 63 0.50 7.42 5.11
N LEU A 64 0.81 6.14 5.30
CA LEU A 64 -0.06 5.03 4.93
C LEU A 64 -1.37 5.02 5.73
N MET A 65 -1.45 5.63 6.92
CA MET A 65 -2.72 5.69 7.64
C MET A 65 -3.63 6.75 7.04
N GLU A 66 -3.13 7.95 6.76
CA GLU A 66 -3.96 9.01 6.17
C GLU A 66 -4.34 8.73 4.71
N TYR A 67 -3.50 7.97 3.98
CA TYR A 67 -3.83 7.40 2.68
C TYR A 67 -4.84 6.26 2.79
N LEU A 68 -4.54 5.21 3.55
CA LEU A 68 -5.36 4.00 3.53
C LEU A 68 -6.67 4.18 4.29
N GLU A 69 -6.78 5.14 5.21
CA GLU A 69 -8.08 5.51 5.77
C GLU A 69 -9.04 6.00 4.67
N ASN A 70 -8.55 6.74 3.66
CA ASN A 70 -9.35 7.29 2.56
C ASN A 70 -8.46 7.88 1.43
N PRO A 71 -8.11 7.12 0.38
CA PRO A 71 -7.04 7.51 -0.54
C PRO A 71 -7.27 8.83 -1.28
N LYS A 72 -8.51 9.10 -1.73
CA LYS A 72 -8.82 10.36 -2.41
C LYS A 72 -8.59 11.63 -1.59
N LYS A 73 -8.60 11.55 -0.25
CA LYS A 73 -8.26 12.66 0.67
C LYS A 73 -6.75 12.89 0.82
N TYR A 74 -5.94 12.03 0.22
CA TYR A 74 -4.48 12.08 0.19
C TYR A 74 -3.91 12.34 -1.23
N ILE A 75 -4.48 11.71 -2.25
CA ILE A 75 -4.20 11.94 -3.68
C ILE A 75 -5.55 11.78 -4.41
N PRO A 76 -6.12 12.86 -4.98
CA PRO A 76 -7.44 12.81 -5.59
C PRO A 76 -7.41 12.27 -7.03
N GLY A 77 -6.23 11.98 -7.58
CA GLY A 77 -6.04 11.19 -8.81
C GLY A 77 -5.94 9.69 -8.48
N THR A 78 -4.89 9.04 -8.99
CA THR A 78 -4.51 7.63 -8.80
C THR A 78 -5.52 6.56 -9.24
N LYS A 79 -4.99 5.42 -9.71
CA LYS A 79 -5.72 4.17 -10.01
C LYS A 79 -5.90 3.24 -8.79
N MET A 80 -5.59 3.74 -7.59
CA MET A 80 -6.03 3.15 -6.32
C MET A 80 -7.56 3.30 -6.18
N ILE A 81 -8.32 2.37 -6.74
CA ILE A 81 -9.81 2.36 -6.67
C ILE A 81 -10.27 1.67 -5.38
N PHE A 82 -9.69 2.13 -4.27
CA PHE A 82 -9.96 1.68 -2.91
C PHE A 82 -10.59 2.81 -2.09
N VAL A 83 -11.64 2.49 -1.33
CA VAL A 83 -12.47 3.44 -0.60
C VAL A 83 -11.79 3.91 0.68
N GLY A 84 -11.35 2.99 1.53
CA GLY A 84 -10.83 3.30 2.86
C GLY A 84 -10.89 2.10 3.82
N ILE A 85 -9.87 1.95 4.66
CA ILE A 85 -9.87 1.03 5.81
C ILE A 85 -10.73 1.70 6.90
N LYS A 86 -11.73 1.00 7.44
CA LYS A 86 -12.65 1.58 8.42
C LYS A 86 -12.07 1.62 9.84
N LYS A 87 -11.16 0.72 10.19
CA LYS A 87 -10.51 0.64 11.52
C LYS A 87 -9.12 1.29 11.57
N LYS A 88 -8.76 1.86 12.72
CA LYS A 88 -7.40 2.34 13.05
C LYS A 88 -6.49 1.21 13.57
N GLU A 89 -7.09 0.17 14.15
CA GLU A 89 -6.42 -1.08 14.54
C GLU A 89 -5.87 -1.83 13.32
N GLU A 90 -6.71 -2.10 12.33
CA GLU A 90 -6.37 -2.97 11.22
C GLU A 90 -5.25 -2.41 10.34
N ARG A 91 -5.24 -1.09 10.11
CA ARG A 91 -4.17 -0.44 9.34
C ARG A 91 -2.79 -0.59 10.00
N ALA A 92 -2.76 -0.65 11.33
CA ALA A 92 -1.53 -0.85 12.11
C ALA A 92 -1.03 -2.30 12.11
N ASP A 93 -1.91 -3.29 11.92
CA ASP A 93 -1.52 -4.67 11.58
C ASP A 93 -1.06 -4.75 10.11
N LEU A 94 -1.78 -4.11 9.19
CA LEU A 94 -1.48 -4.12 7.76
C LEU A 94 -0.07 -3.59 7.45
N ILE A 95 0.27 -2.40 7.96
CA ILE A 95 1.58 -1.77 7.76
C ILE A 95 2.71 -2.64 8.32
N ALA A 96 2.47 -3.41 9.39
CA ALA A 96 3.45 -4.35 9.92
C ALA A 96 3.74 -5.50 8.93
N TYR A 97 2.68 -6.06 8.35
CA TYR A 97 2.79 -7.08 7.31
C TYR A 97 3.52 -6.56 6.07
N LEU A 98 3.16 -5.37 5.60
CA LEU A 98 3.80 -4.76 4.44
C LEU A 98 5.31 -4.57 4.64
N LYS A 99 5.72 -4.03 5.80
CA LYS A 99 7.14 -3.88 6.14
C LYS A 99 7.85 -5.22 6.17
N LYS A 100 7.22 -6.24 6.76
CA LYS A 100 7.87 -7.54 6.94
C LYS A 100 8.22 -8.20 5.60
N ALA A 101 7.29 -8.16 4.64
CA ALA A 101 7.42 -8.87 3.37
C ALA A 101 8.13 -8.05 2.30
N THR A 102 7.80 -6.76 2.16
CA THR A 102 8.29 -5.96 1.01
C THR A 102 9.78 -5.61 1.11
N ASN A 103 10.34 -5.66 2.32
CA ASN A 103 11.76 -5.42 2.58
C ASN A 103 12.66 -6.64 2.28
N GLU A 104 12.10 -7.83 1.98
CA GLU A 104 12.88 -9.09 1.85
C GLU A 104 13.82 -9.20 0.65
N GLY A 1 0.48 -5.10 16.16
CA GLY A 1 1.20 -4.78 14.92
C GLY A 1 2.17 -5.87 14.55
N ASP A 2 1.69 -7.00 14.02
CA ASP A 2 2.56 -8.07 13.53
C ASP A 2 2.07 -8.71 12.22
N VAL A 3 2.84 -9.70 11.77
CA VAL A 3 2.86 -10.20 10.39
C VAL A 3 1.73 -11.19 10.15
N GLU A 4 1.49 -12.08 11.11
CA GLU A 4 0.52 -13.17 10.99
C GLU A 4 -0.91 -12.68 11.21
N LYS A 5 -1.05 -11.69 12.08
CA LYS A 5 -2.26 -10.89 12.23
C LYS A 5 -2.43 -9.96 11.01
N GLY A 6 -1.33 -9.45 10.48
CA GLY A 6 -1.31 -8.45 9.40
C GLY A 6 -1.65 -9.00 8.02
N LYS A 7 -1.26 -10.26 7.76
CA LYS A 7 -1.64 -11.04 6.57
C LYS A 7 -3.13 -10.97 6.34
N LYS A 8 -3.94 -11.19 7.37
CA LYS A 8 -5.41 -11.25 7.23
C LYS A 8 -6.03 -9.93 6.81
N ILE A 9 -5.42 -8.80 7.16
CA ILE A 9 -5.90 -7.44 6.83
C ILE A 9 -5.67 -7.12 5.36
N PHE A 10 -4.52 -7.57 4.84
CA PHE A 10 -4.23 -7.51 3.41
C PHE A 10 -5.09 -8.51 2.64
N ILE A 11 -5.24 -9.74 3.15
CA ILE A 11 -5.90 -10.83 2.43
C ILE A 11 -7.43 -10.58 2.32
N MET A 12 -8.03 -9.83 3.25
CA MET A 12 -9.44 -9.46 3.21
C MET A 12 -9.77 -8.48 2.08
N LYS A 13 -9.00 -7.39 1.94
CA LYS A 13 -9.37 -6.22 1.10
C LYS A 13 -8.38 -5.85 0.00
N CYS A 14 -7.15 -6.33 0.06
CA CYS A 14 -5.99 -5.80 -0.68
C CYS A 14 -5.37 -6.79 -1.67
N SER A 15 -5.37 -8.09 -1.34
CA SER A 15 -4.84 -9.20 -2.14
C SER A 15 -5.47 -9.31 -3.52
N GLN A 16 -6.73 -8.88 -3.63
CA GLN A 16 -7.52 -8.83 -4.85
C GLN A 16 -6.96 -7.93 -5.96
N CYS A 17 -5.93 -7.12 -5.64
CA CYS A 17 -5.21 -6.26 -6.58
C CYS A 17 -3.69 -6.32 -6.43
N HIS A 18 -3.17 -6.31 -5.20
CA HIS A 18 -1.74 -6.37 -4.88
C HIS A 18 -1.30 -7.78 -4.44
N THR A 19 -0.05 -8.17 -4.68
CA THR A 19 0.56 -9.35 -4.03
C THR A 19 2.05 -9.11 -3.85
N VAL A 20 2.58 -9.42 -2.66
CA VAL A 20 3.81 -8.82 -2.09
C VAL A 20 5.00 -9.76 -2.08
N GLU A 21 4.78 -11.00 -2.52
CA GLU A 21 5.76 -12.05 -2.66
C GLU A 21 7.01 -11.61 -3.45
N LYS A 22 8.12 -12.30 -3.19
CA LYS A 22 9.39 -12.14 -3.89
C LYS A 22 9.26 -12.36 -5.40
N GLY A 23 9.93 -11.53 -6.18
CA GLY A 23 9.90 -11.50 -7.65
C GLY A 23 8.69 -10.76 -8.23
N GLY A 24 7.49 -10.91 -7.66
CA GLY A 24 6.27 -10.23 -8.11
C GLY A 24 5.67 -10.74 -9.43
N LYS A 25 4.35 -10.64 -9.60
CA LYS A 25 3.63 -10.79 -10.85
C LYS A 25 2.61 -9.65 -11.01
N HIS A 26 2.69 -8.90 -12.09
CA HIS A 26 1.80 -7.77 -12.37
C HIS A 26 0.34 -8.24 -12.56
N LYS A 27 -0.62 -7.49 -12.00
CA LYS A 27 -2.08 -7.69 -12.20
C LYS A 27 -2.81 -6.34 -12.05
N THR A 28 -4.00 -6.31 -11.45
CA THR A 28 -4.85 -5.11 -11.25
C THR A 28 -4.18 -4.01 -10.40
N GLY A 29 -3.19 -4.36 -9.59
CA GLY A 29 -2.36 -3.45 -8.80
C GLY A 29 -0.89 -3.91 -8.74
N PRO A 30 0.02 -3.05 -8.29
CA PRO A 30 1.45 -3.34 -8.25
C PRO A 30 1.86 -4.43 -7.24
N ASN A 31 3.07 -4.95 -7.40
CA ASN A 31 3.65 -5.95 -6.48
C ASN A 31 3.96 -5.37 -5.09
N LEU A 32 4.26 -4.08 -5.00
CA LEU A 32 4.43 -3.34 -3.75
C LEU A 32 5.70 -3.73 -2.96
N HIS A 33 6.44 -4.73 -3.43
CA HIS A 33 7.72 -5.08 -2.85
C HIS A 33 8.73 -3.91 -2.96
N GLY A 34 9.58 -3.71 -1.95
CA GLY A 34 10.51 -2.56 -1.88
C GLY A 34 9.88 -1.19 -1.56
N LEU A 35 8.63 -1.12 -1.09
CA LEU A 35 7.88 0.12 -0.86
C LEU A 35 8.51 1.08 0.16
N PHE A 36 8.94 0.55 1.30
CA PHE A 36 9.34 1.38 2.44
C PHE A 36 10.70 2.03 2.17
N GLY A 37 10.81 3.35 2.33
CA GLY A 37 12.00 4.13 1.98
C GLY A 37 12.02 4.71 0.57
N ARG A 38 10.95 4.53 -0.24
CA ARG A 38 10.78 5.20 -1.55
C ARG A 38 9.48 5.99 -1.68
N LYS A 39 9.47 6.96 -2.60
CA LYS A 39 8.26 7.40 -3.29
C LYS A 39 7.94 6.42 -4.44
N THR A 40 6.69 6.42 -4.91
CA THR A 40 6.23 5.58 -6.04
C THR A 40 5.59 6.46 -7.11
N GLY A 41 4.59 5.97 -7.86
CA GLY A 41 3.87 6.74 -8.87
C GLY A 41 4.66 7.06 -10.13
N GLN A 42 5.85 6.49 -10.29
CA GLN A 42 6.91 6.99 -11.17
C GLN A 42 7.46 5.96 -12.16
N ALA A 43 6.83 4.79 -12.31
CA ALA A 43 7.30 3.75 -13.22
C ALA A 43 6.13 3.06 -13.94
N PRO A 44 6.15 2.98 -15.28
CA PRO A 44 5.25 2.10 -16.04
C PRO A 44 5.35 0.62 -15.62
N GLY A 45 6.52 0.22 -15.09
CA GLY A 45 6.74 -1.09 -14.47
C GLY A 45 5.84 -1.36 -13.27
N TYR A 46 5.75 -0.42 -12.30
CA TYR A 46 4.79 -0.48 -11.19
C TYR A 46 4.49 0.92 -10.62
N SER A 47 3.21 1.24 -10.46
CA SER A 47 2.66 2.52 -10.01
C SER A 47 3.02 3.71 -10.91
N THR A 49 0.99 6.92 -11.09
CA THR A 49 0.18 8.09 -10.70
C THR A 49 1.14 9.06 -10.01
N ALA A 50 1.61 10.09 -10.72
CA ALA A 50 2.79 10.83 -10.29
C ALA A 50 2.63 11.62 -8.98
N ALA A 51 1.40 11.83 -8.49
CA ALA A 51 1.12 12.34 -7.15
C ALA A 51 1.90 11.60 -6.05
N ASN A 52 2.14 10.29 -6.18
CA ASN A 52 2.88 9.53 -5.18
C ASN A 52 4.39 9.94 -5.13
N LYS A 53 4.94 10.55 -6.20
CA LYS A 53 6.23 11.27 -6.19
C LYS A 53 6.08 12.76 -5.85
N ASN A 54 5.00 13.42 -6.27
CA ASN A 54 4.87 14.88 -6.30
C ASN A 54 4.16 15.49 -5.07
N LYS A 55 3.50 14.70 -4.22
CA LYS A 55 2.81 15.15 -2.99
C LYS A 55 3.78 15.46 -1.84
N GLY A 56 5.01 14.96 -1.89
CA GLY A 56 6.03 15.23 -0.88
C GLY A 56 5.90 14.40 0.39
N ILE A 57 5.30 13.21 0.29
CA ILE A 57 5.12 12.21 1.36
C ILE A 57 5.90 10.92 1.05
N ILE A 58 6.24 10.11 2.07
CA ILE A 58 7.06 8.90 1.97
C ILE A 58 6.44 7.72 2.74
N TRP A 59 6.50 6.51 2.19
CA TRP A 59 5.68 5.38 2.63
C TRP A 59 6.07 4.76 3.99
N GLY A 60 5.19 4.95 4.97
CA GLY A 60 5.26 4.44 6.36
C GLY A 60 3.98 4.76 7.15
N GLU A 61 3.95 4.63 8.48
CA GLU A 61 2.74 4.83 9.30
C GLU A 61 2.09 6.22 9.13
N ASP A 62 2.92 7.26 9.02
CA ASP A 62 2.49 8.65 8.91
C ASP A 62 2.05 9.05 7.48
N THR A 63 1.86 8.06 6.60
CA THR A 63 1.41 8.26 5.20
C THR A 63 0.48 7.16 4.72
N LEU A 64 0.72 5.90 5.11
CA LEU A 64 -0.09 4.76 4.72
C LEU A 64 -1.45 4.74 5.40
N MET A 65 -1.55 5.10 6.68
CA MET A 65 -2.85 5.17 7.37
C MET A 65 -3.72 6.28 6.77
N GLU A 66 -3.11 7.42 6.44
CA GLU A 66 -3.83 8.59 5.93
C GLU A 66 -4.18 8.49 4.44
N TYR A 67 -3.37 7.82 3.63
CA TYR A 67 -3.76 7.35 2.30
C TYR A 67 -4.94 6.37 2.39
N LEU A 68 -4.81 5.31 3.20
CA LEU A 68 -5.80 4.23 3.26
C LEU A 68 -7.15 4.65 3.85
N GLU A 69 -7.17 5.65 4.73
CA GLU A 69 -8.41 6.24 5.25
C GLU A 69 -9.36 6.73 4.13
N ASN A 70 -8.79 7.25 3.04
CA ASN A 70 -9.53 7.79 1.90
C ASN A 70 -8.60 8.04 0.68
N PRO A 71 -8.24 7.02 -0.13
CA PRO A 71 -7.18 7.15 -1.13
C PRO A 71 -7.58 8.09 -2.27
N LYS A 72 -8.83 8.01 -2.74
CA LYS A 72 -9.43 8.91 -3.76
C LYS A 72 -9.55 10.39 -3.36
N LYS A 73 -9.23 10.71 -2.12
CA LYS A 73 -9.19 12.05 -1.52
C LYS A 73 -7.75 12.49 -1.28
N TYR A 74 -6.94 11.59 -0.73
CA TYR A 74 -5.53 11.84 -0.42
C TYR A 74 -4.68 11.99 -1.70
N ILE A 75 -5.04 11.24 -2.74
CA ILE A 75 -4.54 11.37 -4.10
C ILE A 75 -5.76 11.55 -5.00
N PRO A 76 -6.16 12.79 -5.33
CA PRO A 76 -7.34 13.05 -6.13
C PRO A 76 -7.01 12.79 -7.61
N GLY A 77 -6.92 11.51 -7.96
CA GLY A 77 -6.42 11.00 -9.23
C GLY A 77 -5.73 9.63 -9.20
N THR A 78 -5.68 8.93 -8.05
CA THR A 78 -5.24 7.52 -7.96
C THR A 78 -6.27 6.57 -8.55
N LYS A 79 -5.74 5.59 -9.29
CA LYS A 79 -6.49 4.54 -9.99
C LYS A 79 -6.85 3.36 -9.07
N MET A 80 -6.48 3.44 -7.78
CA MET A 80 -6.93 2.52 -6.74
C MET A 80 -8.44 2.67 -6.51
N ILE A 81 -9.21 1.68 -7.01
CA ILE A 81 -10.67 1.60 -6.84
C ILE A 81 -10.99 1.06 -5.45
N PHE A 82 -10.87 1.95 -4.48
CA PHE A 82 -11.12 1.73 -3.05
C PHE A 82 -11.59 3.03 -2.41
N VAL A 83 -12.66 2.99 -1.61
CA VAL A 83 -13.30 4.21 -1.08
C VAL A 83 -12.61 4.72 0.19
N GLY A 84 -12.25 3.85 1.13
CA GLY A 84 -11.51 4.23 2.34
C GLY A 84 -11.75 3.33 3.56
N ILE A 85 -10.87 3.43 4.55
CA ILE A 85 -10.90 2.74 5.84
C ILE A 85 -11.35 3.66 6.99
N LYS A 86 -11.91 3.07 8.04
CA LYS A 86 -12.24 3.73 9.33
C LYS A 86 -11.27 3.40 10.44
N LYS A 87 -10.86 2.13 10.60
CA LYS A 87 -9.95 1.67 11.65
C LYS A 87 -8.47 1.83 11.31
N LYS A 88 -7.84 2.75 12.04
CA LYS A 88 -6.38 2.87 12.15
C LYS A 88 -5.75 1.61 12.76
N GLU A 89 -6.44 0.96 13.71
CA GLU A 89 -5.84 -0.17 14.43
C GLU A 89 -5.68 -1.44 13.57
N GLU A 90 -6.48 -1.59 12.50
CA GLU A 90 -6.28 -2.72 11.58
C GLU A 90 -5.09 -2.45 10.65
N ARG A 91 -4.93 -1.21 10.20
CA ARG A 91 -3.73 -0.81 9.45
C ARG A 91 -2.44 -1.02 10.25
N ALA A 92 -2.52 -0.95 11.57
CA ALA A 92 -1.37 -1.16 12.44
C ALA A 92 -0.85 -2.62 12.44
N ASP A 93 -1.66 -3.62 12.05
CA ASP A 93 -1.14 -4.96 11.68
C ASP A 93 -0.82 -5.04 10.17
N LEU A 94 -1.62 -4.41 9.30
CA LEU A 94 -1.38 -4.37 7.86
C LEU A 94 0.03 -3.84 7.50
N ILE A 95 0.40 -2.66 8.00
CA ILE A 95 1.72 -2.05 7.81
C ILE A 95 2.83 -2.93 8.42
N ALA A 96 2.57 -3.65 9.52
CA ALA A 96 3.54 -4.59 10.09
C ALA A 96 3.84 -5.77 9.16
N TYR A 97 2.79 -6.35 8.56
CA TYR A 97 2.91 -7.35 7.52
C TYR A 97 3.66 -6.81 6.30
N LEU A 98 3.28 -5.63 5.79
CA LEU A 98 3.95 -5.03 4.64
C LEU A 98 5.44 -4.75 4.90
N LYS A 99 5.80 -4.21 6.06
CA LYS A 99 7.21 -4.02 6.44
C LYS A 99 7.97 -5.35 6.51
N LYS A 100 7.33 -6.44 6.93
CA LYS A 100 8.00 -7.74 6.96
C LYS A 100 8.11 -8.36 5.57
N ALA A 101 7.07 -8.26 4.75
CA ALA A 101 7.00 -8.93 3.46
C ALA A 101 7.76 -8.18 2.37
N THR A 102 7.82 -6.85 2.43
CA THR A 102 8.33 -6.02 1.34
C THR A 102 9.75 -5.50 1.54
N ASN A 103 10.33 -5.67 2.73
CA ASN A 103 11.70 -5.23 3.07
C ASN A 103 12.72 -6.40 2.99
N GLU A 104 12.24 -7.62 2.69
CA GLU A 104 13.01 -8.87 2.72
C GLU A 104 13.03 -9.59 1.38
N GLY A 1 0.14 -3.93 16.16
CA GLY A 1 0.48 -3.83 14.74
C GLY A 1 1.55 -4.84 14.42
N ASP A 2 1.19 -6.04 13.97
CA ASP A 2 2.14 -7.09 13.59
C ASP A 2 1.69 -7.94 12.40
N VAL A 3 2.58 -8.86 12.00
CA VAL A 3 2.63 -9.49 10.69
C VAL A 3 1.53 -10.53 10.54
N GLU A 4 1.37 -11.38 11.55
CA GLU A 4 0.45 -12.51 11.52
C GLU A 4 -1.02 -12.08 11.59
N LYS A 5 -1.31 -10.96 12.24
CA LYS A 5 -2.61 -10.29 12.15
C LYS A 5 -2.72 -9.53 10.83
N GLY A 6 -1.61 -8.96 10.36
CA GLY A 6 -1.56 -8.16 9.14
C GLY A 6 -1.91 -8.95 7.87
N LYS A 7 -1.62 -10.27 7.87
CA LYS A 7 -2.08 -11.22 6.86
C LYS A 7 -3.58 -11.04 6.57
N LYS A 8 -4.40 -11.05 7.63
CA LYS A 8 -5.87 -11.10 7.53
C LYS A 8 -6.43 -9.91 6.77
N ILE A 9 -5.76 -8.77 6.84
CA ILE A 9 -6.24 -7.50 6.30
C ILE A 9 -5.92 -7.37 4.82
N PHE A 10 -4.69 -7.74 4.44
CA PHE A 10 -4.27 -7.77 3.05
C PHE A 10 -5.07 -8.84 2.28
N ILE A 11 -5.20 -10.03 2.86
CA ILE A 11 -5.93 -11.16 2.27
C ILE A 11 -7.42 -10.85 2.11
N MET A 12 -8.02 -10.03 3.01
CA MET A 12 -9.43 -9.66 2.90
C MET A 12 -9.69 -8.69 1.75
N LYS A 13 -9.06 -7.51 1.72
CA LYS A 13 -9.43 -6.43 0.77
C LYS A 13 -8.44 -6.21 -0.37
N CYS A 14 -7.20 -6.67 -0.25
CA CYS A 14 -6.05 -6.08 -0.96
C CYS A 14 -5.40 -7.05 -1.95
N SER A 15 -5.24 -8.33 -1.59
CA SER A 15 -4.52 -9.36 -2.36
C SER A 15 -5.13 -9.62 -3.73
N GLN A 16 -6.44 -9.38 -3.84
CA GLN A 16 -7.17 -9.42 -5.09
C GLN A 16 -6.69 -8.39 -6.13
N CYS A 17 -6.00 -7.32 -5.71
CA CYS A 17 -5.33 -6.35 -6.59
C CYS A 17 -3.82 -6.32 -6.43
N HIS A 18 -3.28 -6.35 -5.21
CA HIS A 18 -1.84 -6.26 -4.90
C HIS A 18 -1.15 -7.61 -4.70
N THR A 19 0.18 -7.59 -4.75
CA THR A 19 1.07 -8.67 -4.33
C THR A 19 2.22 -8.05 -3.50
N VAL A 20 2.98 -8.85 -2.73
CA VAL A 20 4.19 -8.41 -2.00
C VAL A 20 5.43 -9.28 -2.23
N GLU A 21 5.32 -10.30 -3.09
CA GLU A 21 6.32 -11.35 -3.35
C GLU A 21 7.63 -10.81 -3.94
N LYS A 22 8.77 -11.46 -3.66
CA LYS A 22 10.04 -11.13 -4.34
C LYS A 22 9.99 -11.48 -5.85
N GLY A 23 10.80 -10.79 -6.65
CA GLY A 23 10.91 -10.98 -8.11
C GLY A 23 9.76 -10.37 -8.93
N GLY A 24 8.54 -10.44 -8.41
CA GLY A 24 7.39 -9.67 -8.88
C GLY A 24 6.47 -10.36 -9.90
N LYS A 25 5.18 -10.04 -9.78
CA LYS A 25 4.09 -10.37 -10.70
C LYS A 25 3.06 -9.22 -10.73
N HIS A 26 2.74 -8.79 -11.93
CA HIS A 26 1.83 -7.67 -12.21
C HIS A 26 0.42 -8.17 -12.52
N LYS A 27 -0.57 -7.54 -11.88
CA LYS A 27 -2.01 -7.80 -12.03
C LYS A 27 -2.77 -6.47 -12.02
N THR A 28 -3.96 -6.39 -11.41
CA THR A 28 -4.79 -5.17 -11.30
C THR A 28 -4.09 -4.04 -10.55
N GLY A 29 -3.25 -4.38 -9.56
CA GLY A 29 -2.40 -3.46 -8.80
C GLY A 29 -0.94 -3.94 -8.71
N PRO A 30 -0.08 -3.14 -8.06
CA PRO A 30 1.36 -3.38 -8.00
C PRO A 30 1.80 -4.46 -7.02
N ASN A 31 3.06 -4.90 -7.17
CA ASN A 31 3.73 -5.91 -6.35
C ASN A 31 4.55 -5.31 -5.18
N LEU A 32 4.55 -3.98 -5.02
CA LEU A 32 4.79 -3.26 -3.76
C LEU A 32 6.22 -3.34 -3.18
N HIS A 33 7.17 -4.05 -3.81
CA HIS A 33 8.32 -4.62 -3.09
C HIS A 33 9.51 -3.67 -2.90
N GLY A 34 9.32 -2.61 -2.12
CA GLY A 34 10.38 -1.68 -1.70
C GLY A 34 9.83 -0.40 -1.08
N LEU A 35 8.65 -0.50 -0.46
CA LEU A 35 7.76 0.62 -0.22
C LEU A 35 8.28 1.60 0.85
N PHE A 36 8.81 1.09 1.94
CA PHE A 36 9.03 1.87 3.16
C PHE A 36 10.26 2.78 3.00
N GLY A 37 10.04 4.08 2.78
CA GLY A 37 11.10 5.00 2.35
C GLY A 37 11.10 5.34 0.84
N ARG A 38 10.04 5.00 0.07
CA ARG A 38 9.89 5.40 -1.34
C ARG A 38 8.76 6.40 -1.59
N LYS A 39 8.78 6.97 -2.79
CA LYS A 39 7.62 7.52 -3.51
C LYS A 39 7.60 6.97 -4.94
N THR A 40 6.41 6.78 -5.52
CA THR A 40 6.19 5.89 -6.68
C THR A 40 5.61 6.62 -7.90
N GLY A 41 5.40 5.96 -9.05
CA GLY A 41 4.88 6.62 -10.27
C GLY A 41 5.97 6.99 -11.27
N GLN A 42 6.70 5.97 -11.74
CA GLN A 42 7.95 6.12 -12.50
C GLN A 42 8.39 4.85 -13.25
N ALA A 43 8.07 3.67 -12.71
CA ALA A 43 8.56 2.39 -13.22
C ALA A 43 7.67 1.84 -14.36
N PRO A 44 8.23 1.50 -15.54
CA PRO A 44 7.51 0.79 -16.60
C PRO A 44 6.93 -0.58 -16.20
N GLY A 45 7.31 -1.13 -15.03
CA GLY A 45 6.71 -2.34 -14.47
C GLY A 45 5.41 -2.13 -13.68
N TYR A 46 5.26 -1.03 -12.92
CA TYR A 46 4.24 -0.94 -11.87
C TYR A 46 3.84 0.51 -11.46
N SER A 47 2.70 0.67 -10.78
CA SER A 47 2.09 1.92 -10.30
C SER A 47 1.98 3.01 -11.37
N THR A 49 0.59 5.97 -12.12
CA THR A 49 0.25 7.37 -11.92
C THR A 49 1.46 8.11 -11.35
N ALA A 50 1.88 9.20 -11.98
CA ALA A 50 3.01 9.98 -11.48
C ALA A 50 2.71 10.73 -10.16
N ALA A 51 1.42 10.78 -9.77
CA ALA A 51 0.94 11.41 -8.54
C ALA A 51 1.60 10.87 -7.27
N ASN A 52 1.89 9.56 -7.21
CA ASN A 52 2.51 8.89 -6.06
C ASN A 52 3.94 9.41 -5.74
N LYS A 53 4.52 10.27 -6.60
CA LYS A 53 5.77 11.01 -6.37
C LYS A 53 5.58 12.51 -6.55
N ASN A 54 4.96 12.95 -7.65
CA ASN A 54 4.92 14.36 -8.04
C ASN A 54 3.96 15.20 -7.18
N LYS A 55 2.99 14.56 -6.50
CA LYS A 55 2.29 15.12 -5.32
C LYS A 55 2.17 14.01 -4.26
N GLY A 56 3.25 13.26 -4.07
CA GLY A 56 3.25 11.97 -3.38
C GLY A 56 3.24 12.07 -1.85
N ILE A 57 3.06 10.93 -1.18
CA ILE A 57 3.28 10.79 0.26
C ILE A 57 4.31 9.68 0.49
N ILE A 58 5.29 9.94 1.36
CA ILE A 58 6.44 9.07 1.53
C ILE A 58 6.14 7.96 2.54
N TRP A 59 6.10 6.74 2.03
CA TRP A 59 5.40 5.64 2.67
C TRP A 59 6.09 5.14 3.96
N GLY A 60 5.29 5.09 5.02
CA GLY A 60 5.65 4.76 6.40
C GLY A 60 4.39 4.62 7.26
N GLU A 61 4.55 4.39 8.56
CA GLU A 61 3.47 4.03 9.49
C GLU A 61 2.31 5.01 9.55
N ASP A 62 2.57 6.33 9.64
CA ASP A 62 1.48 7.30 9.76
C ASP A 62 0.96 7.80 8.41
N THR A 63 1.78 7.70 7.36
CA THR A 63 1.42 8.15 6.01
C THR A 63 0.54 7.12 5.31
N LEU A 64 0.83 5.84 5.50
CA LEU A 64 -0.07 4.76 5.14
C LEU A 64 -1.37 4.78 5.95
N MET A 65 -1.37 5.23 7.21
CA MET A 65 -2.56 5.23 8.05
C MET A 65 -3.56 6.29 7.59
N GLU A 66 -3.06 7.48 7.22
CA GLU A 66 -3.93 8.56 6.73
C GLU A 66 -4.29 8.43 5.24
N TYR A 67 -3.47 7.74 4.44
CA TYR A 67 -3.86 7.29 3.10
C TYR A 67 -5.00 6.27 3.21
N LEU A 68 -4.78 5.19 3.96
CA LEU A 68 -5.74 4.10 4.02
C LEU A 68 -7.04 4.46 4.76
N GLU A 69 -7.08 5.53 5.56
CA GLU A 69 -8.35 6.01 6.12
C GLU A 69 -9.34 6.44 5.02
N ASN A 70 -8.86 7.05 3.92
CA ASN A 70 -9.68 7.60 2.83
C ASN A 70 -8.78 8.16 1.68
N PRO A 71 -8.25 7.35 0.76
CA PRO A 71 -7.00 7.65 0.04
C PRO A 71 -7.04 8.88 -0.89
N LYS A 72 -8.21 9.23 -1.41
CA LYS A 72 -8.39 10.43 -2.22
C LYS A 72 -8.21 11.76 -1.46
N LYS A 73 -8.06 11.74 -0.13
CA LYS A 73 -7.72 12.94 0.66
C LYS A 73 -6.26 13.38 0.47
N TYR A 74 -5.38 12.50 0.01
CA TYR A 74 -3.99 12.83 -0.34
C TYR A 74 -3.65 12.56 -1.81
N ILE A 75 -4.16 11.46 -2.39
CA ILE A 75 -3.85 11.04 -3.76
C ILE A 75 -5.16 10.65 -4.46
N PRO A 76 -5.93 11.62 -4.97
CA PRO A 76 -7.12 11.32 -5.76
C PRO A 76 -6.79 10.79 -7.16
N GLY A 77 -5.62 11.13 -7.72
CA GLY A 77 -5.13 10.69 -9.03
C GLY A 77 -4.59 9.26 -9.06
N THR A 78 -5.38 8.29 -8.59
CA THR A 78 -5.06 6.85 -8.59
C THR A 78 -6.26 6.02 -9.07
N LYS A 79 -5.97 4.85 -9.66
CA LYS A 79 -6.95 3.80 -10.02
C LYS A 79 -7.27 2.84 -8.88
N MET A 80 -6.69 3.05 -7.69
CA MET A 80 -7.18 2.47 -6.43
C MET A 80 -8.51 3.13 -6.02
N ILE A 81 -9.60 2.67 -6.62
CA ILE A 81 -10.96 3.12 -6.28
C ILE A 81 -11.43 2.34 -5.04
N PHE A 82 -11.09 2.89 -3.87
CA PHE A 82 -11.22 2.22 -2.57
C PHE A 82 -11.62 3.24 -1.49
N VAL A 83 -12.75 3.01 -0.82
CA VAL A 83 -13.40 4.00 0.07
C VAL A 83 -12.53 4.43 1.26
N GLY A 84 -11.80 3.48 1.86
CA GLY A 84 -11.00 3.69 3.07
C GLY A 84 -11.38 2.76 4.22
N ILE A 85 -10.51 2.71 5.23
CA ILE A 85 -10.52 1.73 6.33
C ILE A 85 -10.82 2.49 7.64
N LYS A 86 -12.09 2.50 8.05
CA LYS A 86 -12.56 3.27 9.23
C LYS A 86 -11.95 2.84 10.56
N LYS A 87 -11.54 1.57 10.73
CA LYS A 87 -10.79 1.10 11.90
C LYS A 87 -9.31 1.51 11.86
N LYS A 88 -8.78 1.91 13.02
CA LYS A 88 -7.34 2.10 13.26
C LYS A 88 -6.62 0.74 13.38
N GLU A 89 -7.24 -0.22 14.06
CA GLU A 89 -6.72 -1.57 14.31
C GLU A 89 -6.36 -2.33 13.02
N GLU A 90 -7.21 -2.29 12.00
CA GLU A 90 -6.96 -3.02 10.74
C GLU A 90 -5.71 -2.47 10.03
N ARG A 91 -5.65 -1.15 9.86
CA ARG A 91 -4.50 -0.47 9.26
C ARG A 91 -3.21 -0.74 10.03
N ALA A 92 -3.28 -0.70 11.36
CA ALA A 92 -2.12 -0.88 12.24
C ALA A 92 -1.46 -2.25 12.09
N ASP A 93 -2.23 -3.32 11.91
CA ASP A 93 -1.66 -4.64 11.63
C ASP A 93 -1.26 -4.82 10.15
N LEU A 94 -2.03 -4.26 9.22
CA LEU A 94 -1.72 -4.25 7.78
C LEU A 94 -0.32 -3.67 7.49
N ILE A 95 -0.03 -2.47 8.02
CA ILE A 95 1.26 -1.76 7.91
C ILE A 95 2.43 -2.68 8.32
N ALA A 96 2.25 -3.55 9.31
CA ALA A 96 3.31 -4.43 9.76
C ALA A 96 3.55 -5.61 8.82
N TYR A 97 2.48 -6.22 8.29
CA TYR A 97 2.64 -7.25 7.26
C TYR A 97 3.35 -6.70 6.02
N LEU A 98 3.00 -5.48 5.62
CA LEU A 98 3.64 -4.80 4.50
C LEU A 98 5.14 -4.59 4.70
N LYS A 99 5.59 -4.09 5.86
CA LYS A 99 7.02 -4.00 6.16
C LYS A 99 7.68 -5.37 6.04
N LYS A 100 7.11 -6.37 6.71
CA LYS A 100 7.75 -7.69 6.84
C LYS A 100 7.89 -8.41 5.49
N ALA A 101 6.96 -8.19 4.56
CA ALA A 101 7.00 -8.79 3.24
C ALA A 101 7.79 -7.97 2.20
N THR A 102 7.95 -6.66 2.40
CA THR A 102 8.60 -5.77 1.40
C THR A 102 10.03 -5.36 1.75
N ASN A 103 10.46 -5.49 3.01
CA ASN A 103 11.82 -5.18 3.47
C ASN A 103 12.80 -6.38 3.38
N GLU A 104 12.42 -7.46 2.70
CA GLU A 104 13.13 -8.75 2.66
C GLU A 104 14.45 -8.73 1.90
N GLY A 1 -0.35 -4.08 16.18
CA GLY A 1 0.20 -3.78 14.85
C GLY A 1 1.26 -4.80 14.47
N ASP A 2 0.86 -5.98 13.95
CA ASP A 2 1.80 -7.06 13.62
C ASP A 2 1.41 -7.93 12.41
N VAL A 3 2.23 -8.94 12.13
CA VAL A 3 2.42 -9.52 10.81
C VAL A 3 1.32 -10.53 10.49
N GLU A 4 1.01 -11.39 11.46
CA GLU A 4 -0.04 -12.41 11.36
C GLU A 4 -1.42 -11.77 11.19
N LYS A 5 -1.67 -10.74 12.00
CA LYS A 5 -2.86 -9.90 11.94
C LYS A 5 -2.93 -9.16 10.61
N GLY A 6 -1.79 -8.65 10.17
CA GLY A 6 -1.71 -7.77 9.00
C GLY A 6 -1.92 -8.49 7.66
N LYS A 7 -1.58 -9.78 7.59
CA LYS A 7 -1.90 -10.64 6.44
C LYS A 7 -3.40 -10.64 6.16
N LYS A 8 -4.23 -10.80 7.20
CA LYS A 8 -5.69 -10.93 7.07
C LYS A 8 -6.31 -9.73 6.35
N ILE A 9 -5.74 -8.55 6.56
CA ILE A 9 -6.17 -7.27 5.97
C ILE A 9 -5.81 -7.22 4.49
N PHE A 10 -4.55 -7.56 4.16
CA PHE A 10 -4.09 -7.59 2.78
C PHE A 10 -4.85 -8.63 1.96
N ILE A 11 -5.17 -9.77 2.57
CA ILE A 11 -5.96 -10.85 1.97
C ILE A 11 -7.36 -10.35 1.61
N MET A 12 -8.08 -9.74 2.55
CA MET A 12 -9.48 -9.35 2.38
C MET A 12 -9.72 -8.11 1.51
N LYS A 13 -8.79 -7.15 1.58
CA LYS A 13 -9.01 -5.79 1.04
C LYS A 13 -8.16 -5.46 -0.18
N CYS A 14 -7.05 -6.17 -0.39
CA CYS A 14 -5.91 -5.65 -1.19
C CYS A 14 -5.40 -6.62 -2.25
N SER A 15 -5.43 -7.93 -1.98
CA SER A 15 -4.80 -8.98 -2.80
C SER A 15 -5.39 -9.07 -4.20
N GLN A 16 -6.64 -8.64 -4.34
CA GLN A 16 -7.36 -8.46 -5.61
C GLN A 16 -6.62 -7.57 -6.62
N CYS A 17 -5.71 -6.70 -6.16
CA CYS A 17 -4.97 -5.72 -6.99
C CYS A 17 -3.46 -5.69 -6.75
N HIS A 18 -2.94 -6.17 -5.62
CA HIS A 18 -1.50 -6.27 -5.34
C HIS A 18 -1.07 -7.67 -4.87
N THR A 19 0.19 -8.06 -5.11
CA THR A 19 0.77 -9.26 -4.49
C THR A 19 2.28 -9.12 -4.24
N VAL A 20 2.71 -9.22 -2.98
CA VAL A 20 4.09 -8.98 -2.49
C VAL A 20 4.94 -10.26 -2.52
N GLU A 21 4.49 -11.23 -3.31
CA GLU A 21 4.93 -12.60 -3.34
C GLU A 21 6.20 -12.79 -4.18
N LYS A 22 7.04 -13.74 -3.79
CA LYS A 22 8.26 -14.15 -4.50
C LYS A 22 7.93 -14.65 -5.91
N GLY A 23 8.51 -13.98 -6.89
CA GLY A 23 8.13 -14.03 -8.29
C GLY A 23 7.82 -12.63 -8.82
N GLY A 24 7.31 -11.74 -7.97
CA GLY A 24 7.27 -10.29 -8.17
C GLY A 24 6.15 -9.78 -9.07
N LYS A 25 5.05 -10.54 -9.20
CA LYS A 25 4.02 -10.29 -10.21
C LYS A 25 3.13 -9.09 -9.89
N HIS A 26 2.90 -8.26 -10.91
CA HIS A 26 1.82 -7.25 -10.95
C HIS A 26 0.45 -7.90 -11.16
N LYS A 27 -0.62 -7.09 -11.25
CA LYS A 27 -1.96 -7.49 -11.76
C LYS A 27 -2.73 -6.24 -12.25
N THR A 28 -3.88 -5.89 -11.66
CA THR A 28 -4.46 -4.53 -11.80
C THR A 28 -3.44 -3.50 -11.31
N GLY A 29 -2.83 -3.73 -10.14
CA GLY A 29 -1.89 -2.83 -9.49
C GLY A 29 -0.44 -3.36 -9.40
N PRO A 30 0.43 -2.60 -8.72
CA PRO A 30 1.83 -2.96 -8.44
C PRO A 30 2.02 -4.28 -7.68
N ASN A 31 3.23 -4.83 -7.77
CA ASN A 31 3.71 -5.95 -6.94
C ASN A 31 3.87 -5.54 -5.46
N LEU A 32 4.28 -4.31 -5.21
CA LEU A 32 4.38 -3.64 -3.91
C LEU A 32 5.52 -4.15 -3.01
N HIS A 33 6.25 -5.20 -3.41
CA HIS A 33 7.42 -5.65 -2.68
C HIS A 33 8.62 -4.71 -2.91
N GLY A 34 8.76 -3.72 -2.03
CA GLY A 34 9.82 -2.71 -2.03
C GLY A 34 9.26 -1.30 -1.77
N LEU A 35 8.33 -1.20 -0.81
CA LEU A 35 7.53 -0.01 -0.56
C LEU A 35 8.29 1.05 0.27
N PHE A 36 9.00 0.60 1.29
CA PHE A 36 9.59 1.46 2.33
C PHE A 36 10.92 2.05 1.85
N GLY A 37 10.82 3.21 1.20
CA GLY A 37 11.92 3.82 0.45
C GLY A 37 11.74 3.81 -1.06
N ARG A 38 10.50 3.81 -1.58
CA ARG A 38 10.22 4.20 -2.99
C ARG A 38 9.44 5.51 -3.11
N LYS A 39 9.62 6.19 -4.25
CA LYS A 39 8.64 7.11 -4.83
C LYS A 39 7.39 6.35 -5.24
N THR A 40 6.24 7.03 -5.25
CA THR A 40 4.95 6.40 -5.59
C THR A 40 4.42 6.77 -6.98
N GLY A 41 3.73 5.83 -7.63
CA GLY A 41 3.12 5.97 -8.97
C GLY A 41 3.54 4.90 -9.99
N GLN A 42 4.64 4.17 -9.76
CA GLN A 42 5.21 3.20 -10.69
C GLN A 42 4.64 1.80 -10.49
N ALA A 43 4.26 1.13 -11.58
CA ALA A 43 4.00 -0.31 -11.59
C ALA A 43 5.02 -1.04 -12.50
N PRO A 44 5.29 -2.34 -12.28
CA PRO A 44 6.29 -3.07 -13.05
C PRO A 44 5.92 -3.18 -14.53
N GLY A 45 6.83 -2.78 -15.42
CA GLY A 45 6.63 -2.77 -16.86
C GLY A 45 5.50 -1.86 -17.39
N TYR A 46 4.97 -0.94 -16.57
CA TYR A 46 3.75 -0.16 -16.81
C TYR A 46 3.97 1.36 -16.69
N SER A 47 3.06 2.19 -17.21
CA SER A 47 3.11 3.67 -17.04
C SER A 47 3.15 4.11 -15.57
N THR A 49 2.30 7.03 -12.56
CA THR A 49 1.43 8.08 -12.02
C THR A 49 2.18 8.98 -11.03
N ALA A 50 3.16 9.75 -11.50
CA ALA A 50 3.99 10.61 -10.65
C ALA A 50 3.22 11.75 -9.92
N ALA A 51 1.98 12.04 -10.31
CA ALA A 51 1.03 12.84 -9.54
C ALA A 51 0.84 12.31 -8.11
N ASN A 52 0.99 11.00 -7.91
CA ASN A 52 0.94 10.38 -6.59
C ASN A 52 2.16 10.82 -5.76
N LYS A 53 3.38 10.85 -6.31
CA LYS A 53 4.60 11.36 -5.64
C LYS A 53 4.49 12.86 -5.33
N ASN A 54 3.84 13.63 -6.21
CA ASN A 54 3.69 15.09 -6.09
C ASN A 54 2.53 15.53 -5.17
N LYS A 55 1.75 14.57 -4.63
CA LYS A 55 0.75 14.74 -3.55
C LYS A 55 0.97 13.82 -2.34
N GLY A 56 1.94 12.90 -2.42
CA GLY A 56 2.29 11.93 -1.39
C GLY A 56 3.43 12.37 -0.48
N ILE A 57 3.56 11.68 0.65
CA ILE A 57 4.72 11.73 1.56
C ILE A 57 5.22 10.29 1.75
N ILE A 58 6.55 10.11 1.76
CA ILE A 58 7.23 8.82 1.52
C ILE A 58 6.76 7.70 2.45
N TRP A 59 6.60 6.48 1.91
CA TRP A 59 6.08 5.34 2.66
C TRP A 59 6.88 4.98 3.93
N GLY A 60 6.13 4.98 5.02
CA GLY A 60 6.46 4.67 6.41
C GLY A 60 5.14 4.57 7.19
N GLU A 61 5.17 4.42 8.51
CA GLU A 61 3.93 4.28 9.28
C GLU A 61 3.04 5.53 9.21
N ASP A 62 3.57 6.71 9.51
CA ASP A 62 2.79 7.94 9.62
C ASP A 62 2.56 8.66 8.28
N THR A 63 2.68 7.90 7.19
CA THR A 63 2.25 8.27 5.83
C THR A 63 1.28 7.25 5.27
N LEU A 64 1.52 5.95 5.50
CA LEU A 64 0.58 4.91 5.11
C LEU A 64 -0.70 4.94 5.95
N MET A 65 -0.65 5.26 7.25
CA MET A 65 -1.83 5.19 8.10
C MET A 65 -2.85 6.28 7.73
N GLU A 66 -2.36 7.42 7.24
CA GLU A 66 -3.18 8.53 6.75
C GLU A 66 -3.56 8.42 5.28
N TYR A 67 -2.78 7.71 4.46
CA TYR A 67 -3.17 7.31 3.10
C TYR A 67 -4.30 6.28 3.12
N LEU A 68 -4.12 5.20 3.88
CA LEU A 68 -5.07 4.09 4.00
C LEU A 68 -6.37 4.50 4.70
N GLU A 69 -6.35 5.59 5.47
CA GLU A 69 -7.56 6.22 5.98
C GLU A 69 -8.55 6.53 4.84
N ASN A 70 -8.12 7.21 3.77
CA ASN A 70 -8.96 7.55 2.63
C ASN A 70 -8.19 7.68 1.29
N PRO A 71 -7.81 6.59 0.61
CA PRO A 71 -6.83 6.63 -0.49
C PRO A 71 -7.20 7.58 -1.64
N LYS A 72 -8.44 7.49 -2.16
CA LYS A 72 -8.95 8.35 -3.23
C LYS A 72 -9.06 9.84 -2.89
N LYS A 73 -9.13 10.17 -1.60
CA LYS A 73 -9.13 11.56 -1.11
C LYS A 73 -7.71 12.04 -0.92
N TYR A 74 -6.84 11.18 -0.38
CA TYR A 74 -5.42 11.49 -0.18
C TYR A 74 -4.70 11.75 -1.51
N ILE A 75 -4.97 10.94 -2.53
CA ILE A 75 -4.47 11.09 -3.90
C ILE A 75 -5.68 11.19 -4.84
N PRO A 76 -5.98 12.37 -5.40
CA PRO A 76 -7.15 12.56 -6.23
C PRO A 76 -6.81 12.38 -7.72
N GLY A 77 -6.67 11.12 -8.16
CA GLY A 77 -6.62 10.73 -9.59
C GLY A 77 -6.20 9.27 -9.85
N THR A 78 -5.50 8.68 -8.88
CA THR A 78 -5.02 7.29 -8.86
C THR A 78 -6.06 6.23 -9.22
N LYS A 79 -5.57 5.15 -9.82
CA LYS A 79 -6.32 3.91 -10.12
C LYS A 79 -6.42 2.94 -8.92
N MET A 80 -5.91 3.35 -7.75
CA MET A 80 -6.26 2.81 -6.43
C MET A 80 -7.73 3.12 -6.12
N ILE A 81 -8.63 2.20 -6.49
CA ILE A 81 -10.06 2.31 -6.18
C ILE A 81 -10.32 1.67 -4.81
N PHE A 82 -10.25 2.49 -3.76
CA PHE A 82 -10.44 2.10 -2.36
C PHE A 82 -10.98 3.29 -1.54
N VAL A 83 -12.10 3.10 -0.82
CA VAL A 83 -12.72 4.15 0.01
C VAL A 83 -11.79 4.53 1.15
N GLY A 84 -11.39 3.55 1.95
CA GLY A 84 -10.68 3.82 3.20
C GLY A 84 -10.90 2.75 4.25
N ILE A 85 -9.84 2.47 5.01
CA ILE A 85 -9.83 1.54 6.14
C ILE A 85 -10.35 2.30 7.36
N LYS A 86 -11.54 1.96 7.83
CA LYS A 86 -12.31 2.69 8.86
C LYS A 86 -11.64 2.63 10.24
N LYS A 87 -11.21 1.44 10.65
CA LYS A 87 -10.38 1.24 11.86
C LYS A 87 -8.98 1.83 11.72
N LYS A 88 -8.46 2.40 12.81
CA LYS A 88 -7.03 2.66 13.00
C LYS A 88 -6.25 1.35 13.20
N GLU A 89 -6.78 0.44 14.03
CA GLU A 89 -6.09 -0.80 14.41
C GLU A 89 -5.78 -1.73 13.21
N GLU A 90 -6.71 -1.88 12.26
CA GLU A 90 -6.53 -2.74 11.08
C GLU A 90 -5.45 -2.20 10.13
N ARG A 91 -5.45 -0.89 9.84
CA ARG A 91 -4.42 -0.30 8.99
C ARG A 91 -3.05 -0.30 9.67
N ALA A 92 -3.02 -0.22 10.99
CA ALA A 92 -1.80 -0.38 11.79
C ALA A 92 -1.27 -1.83 11.82
N ASP A 93 -2.13 -2.84 11.67
CA ASP A 93 -1.69 -4.23 11.43
C ASP A 93 -1.19 -4.44 10.00
N LEU A 94 -1.91 -3.91 9.01
CA LEU A 94 -1.54 -3.97 7.59
C LEU A 94 -0.12 -3.45 7.34
N ILE A 95 0.19 -2.24 7.84
CA ILE A 95 1.52 -1.62 7.70
C ILE A 95 2.61 -2.50 8.34
N ALA A 96 2.31 -3.16 9.46
CA ALA A 96 3.27 -4.02 10.13
C ALA A 96 3.61 -5.26 9.31
N TYR A 97 2.59 -5.87 8.69
CA TYR A 97 2.78 -6.97 7.74
C TYR A 97 3.65 -6.51 6.58
N LEU A 98 3.35 -5.36 5.97
CA LEU A 98 4.15 -4.84 4.85
C LEU A 98 5.62 -4.58 5.25
N LYS A 99 5.89 -4.08 6.46
CA LYS A 99 7.27 -3.92 6.97
C LYS A 99 8.02 -5.23 7.23
N LYS A 100 7.32 -6.36 7.37
CA LYS A 100 7.93 -7.69 7.45
C LYS A 100 7.99 -8.43 6.11
N ALA A 101 7.10 -8.09 5.17
CA ALA A 101 6.85 -8.87 3.95
C ALA A 101 7.33 -8.19 2.66
N THR A 102 7.55 -6.87 2.67
CA THR A 102 8.16 -6.11 1.57
C THR A 102 9.65 -5.78 1.81
N ASN A 103 10.15 -6.14 3.00
CA ASN A 103 11.54 -6.03 3.41
C ASN A 103 12.18 -7.41 3.66
N GLU A 104 11.70 -8.48 3.01
CA GLU A 104 12.29 -9.85 3.10
C GLU A 104 13.67 -9.95 2.44
N GLY A 1 -0.72 -4.60 16.81
CA GLY A 1 -0.17 -4.34 15.47
C GLY A 1 0.83 -5.42 15.12
N ASP A 2 0.40 -6.52 14.51
CA ASP A 2 1.28 -7.63 14.14
C ASP A 2 0.91 -8.34 12.83
N VAL A 3 1.77 -9.28 12.46
CA VAL A 3 1.89 -9.89 11.14
C VAL A 3 0.82 -10.95 10.90
N GLU A 4 0.49 -11.75 11.92
CA GLU A 4 -0.46 -12.85 11.78
C GLU A 4 -1.90 -12.35 11.75
N LYS A 5 -2.17 -11.26 12.48
CA LYS A 5 -3.38 -10.46 12.31
C LYS A 5 -3.35 -9.69 10.98
N GLY A 6 -2.18 -9.16 10.63
CA GLY A 6 -1.93 -8.33 9.45
C GLY A 6 -2.16 -9.06 8.13
N LYS A 7 -1.83 -10.37 8.07
CA LYS A 7 -2.19 -11.27 6.97
C LYS A 7 -3.68 -11.16 6.66
N LYS A 8 -4.54 -11.26 7.68
CA LYS A 8 -6.00 -11.35 7.52
C LYS A 8 -6.59 -10.08 6.87
N ILE A 9 -5.94 -8.93 7.05
CA ILE A 9 -6.34 -7.64 6.43
C ILE A 9 -6.02 -7.63 4.94
N PHE A 10 -4.79 -8.01 4.60
CA PHE A 10 -4.34 -8.03 3.21
C PHE A 10 -5.09 -9.10 2.41
N ILE A 11 -5.23 -10.28 3.02
CA ILE A 11 -5.99 -11.41 2.48
C ILE A 11 -7.42 -11.00 2.16
N MET A 12 -8.09 -10.25 3.04
CA MET A 12 -9.46 -9.80 2.82
C MET A 12 -9.58 -8.75 1.70
N LYS A 13 -8.77 -7.69 1.74
CA LYS A 13 -9.06 -6.45 0.97
C LYS A 13 -8.05 -6.11 -0.13
N CYS A 14 -6.86 -6.72 -0.10
CA CYS A 14 -5.68 -6.20 -0.80
C CYS A 14 -5.05 -7.19 -1.80
N SER A 15 -5.08 -8.49 -1.47
CA SER A 15 -4.56 -9.61 -2.29
C SER A 15 -5.23 -9.72 -3.67
N GLN A 16 -6.45 -9.19 -3.76
CA GLN A 16 -7.21 -9.02 -4.99
C GLN A 16 -6.53 -8.11 -6.04
N CYS A 17 -5.51 -7.33 -5.67
CA CYS A 17 -4.75 -6.46 -6.58
C CYS A 17 -3.23 -6.54 -6.43
N HIS A 18 -2.73 -6.62 -5.20
CA HIS A 18 -1.31 -6.68 -4.85
C HIS A 18 -0.82 -8.10 -4.52
N THR A 19 0.47 -8.38 -4.70
CA THR A 19 1.13 -9.62 -4.22
C THR A 19 2.60 -9.33 -3.92
N VAL A 20 3.03 -9.58 -2.69
CA VAL A 20 4.27 -9.04 -2.10
C VAL A 20 5.46 -9.95 -2.37
N GLU A 21 5.58 -10.38 -3.62
CA GLU A 21 6.64 -11.27 -4.08
C GLU A 21 7.94 -10.49 -4.31
N LYS A 22 9.04 -10.97 -3.72
CA LYS A 22 10.41 -10.53 -3.93
C LYS A 22 10.95 -11.00 -5.29
N GLY A 23 10.29 -10.57 -6.35
CA GLY A 23 10.41 -11.08 -7.72
C GLY A 23 9.14 -10.79 -8.51
N GLY A 24 8.57 -9.60 -8.28
CA GLY A 24 7.18 -9.26 -8.54
C GLY A 24 6.75 -9.42 -9.99
N LYS A 25 5.55 -9.96 -10.19
CA LYS A 25 4.78 -9.89 -11.44
C LYS A 25 3.87 -8.66 -11.46
N HIS A 26 3.46 -8.23 -12.65
CA HIS A 26 2.57 -7.07 -12.83
C HIS A 26 1.12 -7.54 -12.87
N LYS A 27 0.24 -6.87 -12.11
CA LYS A 27 -1.16 -7.26 -11.90
C LYS A 27 -2.06 -6.00 -11.80
N THR A 28 -3.31 -6.15 -11.34
CA THR A 28 -4.27 -5.03 -11.16
C THR A 28 -3.75 -3.91 -10.24
N GLY A 29 -2.84 -4.23 -9.32
CA GLY A 29 -2.05 -3.25 -8.57
C GLY A 29 -0.55 -3.47 -8.75
N PRO A 30 0.28 -2.58 -8.18
CA PRO A 30 1.70 -2.81 -8.00
C PRO A 30 2.04 -4.12 -7.27
N ASN A 31 3.31 -4.48 -7.27
CA ASN A 31 3.84 -5.62 -6.52
C ASN A 31 3.87 -5.37 -5.00
N LEU A 32 4.18 -4.15 -4.55
CA LEU A 32 4.21 -3.71 -3.16
C LEU A 32 5.35 -4.35 -2.32
N HIS A 33 6.06 -5.36 -2.83
CA HIS A 33 7.38 -5.67 -2.27
C HIS A 33 8.34 -4.49 -2.50
N GLY A 34 9.10 -4.09 -1.47
CA GLY A 34 9.95 -2.89 -1.50
C GLY A 34 9.23 -1.57 -1.18
N LEU A 35 8.04 -1.61 -0.59
CA LEU A 35 7.21 -0.44 -0.31
C LEU A 35 7.89 0.66 0.53
N PHE A 36 8.57 0.30 1.62
CA PHE A 36 9.02 1.24 2.64
C PHE A 36 10.20 2.09 2.13
N GLY A 37 9.89 3.23 1.50
CA GLY A 37 10.85 4.20 0.95
C GLY A 37 10.45 4.83 -0.39
N ARG A 38 9.54 4.22 -1.16
CA ARG A 38 9.34 4.61 -2.57
C ARG A 38 8.32 5.74 -2.79
N LYS A 39 8.43 6.42 -3.94
CA LYS A 39 7.51 7.44 -4.46
C LYS A 39 7.02 7.04 -5.87
N THR A 40 5.94 6.28 -5.97
CA THR A 40 5.55 5.61 -7.23
C THR A 40 5.03 6.57 -8.31
N GLY A 41 4.91 6.10 -9.55
CA GLY A 41 4.54 6.91 -10.72
C GLY A 41 5.76 7.52 -11.42
N GLN A 42 6.86 6.78 -11.49
CA GLN A 42 8.14 7.23 -12.06
C GLN A 42 8.71 6.32 -13.16
N ALA A 43 8.09 5.17 -13.44
CA ALA A 43 8.46 4.26 -14.53
C ALA A 43 7.25 3.43 -15.00
N PRO A 44 7.17 2.99 -16.28
CA PRO A 44 6.08 2.12 -16.77
C PRO A 44 5.85 0.80 -16.02
N GLY A 45 6.84 0.31 -15.25
CA GLY A 45 6.82 -0.99 -14.60
C GLY A 45 5.74 -1.18 -13.53
N TYR A 46 5.42 -0.15 -12.74
CA TYR A 46 4.32 -0.20 -11.76
C TYR A 46 3.62 1.16 -11.63
N SER A 47 2.39 1.15 -11.12
CA SER A 47 1.50 2.33 -10.96
C SER A 47 1.27 3.12 -12.27
N THR A 49 -0.16 7.32 -12.23
CA THR A 49 -0.02 8.77 -12.00
C THR A 49 1.15 9.12 -11.07
N ALA A 50 1.99 10.08 -11.49
CA ALA A 50 3.06 10.63 -10.65
C ALA A 50 2.54 11.51 -9.50
N ALA A 51 1.23 11.66 -9.30
CA ALA A 51 0.70 12.23 -8.06
C ALA A 51 1.07 11.39 -6.83
N ASN A 52 1.24 10.07 -7.00
CA ASN A 52 1.80 9.15 -6.00
C ASN A 52 3.29 9.43 -5.64
N LYS A 53 3.89 10.45 -6.25
CA LYS A 53 5.20 11.04 -5.92
C LYS A 53 5.08 12.53 -5.60
N ASN A 54 4.43 13.31 -6.46
CA ASN A 54 4.51 14.77 -6.41
C ASN A 54 3.61 15.42 -5.35
N LYS A 55 2.58 14.73 -4.84
CA LYS A 55 1.61 15.30 -3.89
C LYS A 55 2.09 15.24 -2.41
N GLY A 56 3.38 15.51 -2.18
CA GLY A 56 4.00 15.55 -0.84
C GLY A 56 4.29 14.19 -0.18
N ILE A 57 4.14 13.10 -0.93
CA ILE A 57 4.05 11.71 -0.45
C ILE A 57 5.38 10.93 -0.58
N ILE A 58 5.61 10.03 0.37
CA ILE A 58 6.53 8.88 0.36
C ILE A 58 5.78 7.70 0.95
N TRP A 59 5.98 6.49 0.44
CA TRP A 59 5.46 5.30 1.11
C TRP A 59 6.28 4.91 2.35
N GLY A 60 5.64 5.02 3.51
CA GLY A 60 6.14 4.65 4.83
C GLY A 60 4.98 4.56 5.82
N GLU A 61 5.23 4.27 7.10
CA GLU A 61 4.16 3.96 8.05
C GLU A 61 3.21 5.14 8.35
N ASP A 62 3.73 6.35 8.58
CA ASP A 62 2.93 7.53 8.90
C ASP A 62 2.28 8.17 7.65
N THR A 63 2.48 7.57 6.49
CA THR A 63 1.91 7.94 5.19
C THR A 63 0.95 6.86 4.67
N LEU A 64 1.26 5.58 4.92
CA LEU A 64 0.34 4.45 4.77
C LEU A 64 -0.94 4.64 5.58
N MET A 65 -0.84 5.06 6.84
CA MET A 65 -1.98 5.16 7.74
C MET A 65 -3.00 6.18 7.23
N GLU A 66 -2.50 7.34 6.80
CA GLU A 66 -3.27 8.49 6.35
C GLU A 66 -3.82 8.34 4.92
N TYR A 67 -3.05 7.74 4.01
CA TYR A 67 -3.57 7.33 2.70
C TYR A 67 -4.68 6.29 2.85
N LEU A 68 -4.44 5.23 3.61
CA LEU A 68 -5.40 4.14 3.76
C LEU A 68 -6.64 4.54 4.57
N GLU A 69 -6.61 5.63 5.36
CA GLU A 69 -7.84 6.18 5.94
C GLU A 69 -8.85 6.58 4.86
N ASN A 70 -8.40 7.08 3.71
CA ASN A 70 -9.23 7.43 2.55
C ASN A 70 -8.39 7.66 1.26
N PRO A 71 -8.11 6.60 0.45
CA PRO A 71 -7.17 6.69 -0.67
C PRO A 71 -7.52 7.77 -1.71
N LYS A 72 -8.78 7.79 -2.13
CA LYS A 72 -9.33 8.78 -3.09
C LYS A 72 -9.27 10.24 -2.64
N LYS A 73 -9.17 10.49 -1.33
CA LYS A 73 -9.04 11.83 -0.73
C LYS A 73 -7.59 12.25 -0.60
N TYR A 74 -6.69 11.30 -0.38
CA TYR A 74 -5.27 11.57 -0.27
C TYR A 74 -4.62 11.88 -1.64
N ILE A 75 -4.91 11.05 -2.65
CA ILE A 75 -4.45 11.24 -4.03
C ILE A 75 -5.70 11.32 -4.93
N PRO A 76 -6.29 12.51 -5.15
CA PRO A 76 -7.54 12.69 -5.89
C PRO A 76 -7.32 12.58 -7.41
N GLY A 77 -6.92 11.36 -7.80
CA GLY A 77 -6.39 10.97 -9.09
C GLY A 77 -5.80 9.56 -9.14
N THR A 78 -5.54 8.87 -8.00
CA THR A 78 -4.98 7.51 -7.97
C THR A 78 -5.91 6.47 -8.59
N LYS A 79 -5.31 5.47 -9.21
CA LYS A 79 -5.94 4.28 -9.81
C LYS A 79 -6.45 3.27 -8.77
N MET A 80 -6.06 3.42 -7.50
CA MET A 80 -6.61 2.66 -6.39
C MET A 80 -8.01 3.18 -6.05
N ILE A 81 -9.02 2.58 -6.67
CA ILE A 81 -10.43 2.96 -6.51
C ILE A 81 -10.96 2.31 -5.22
N PHE A 82 -10.86 3.04 -4.10
CA PHE A 82 -11.08 2.54 -2.75
C PHE A 82 -11.55 3.67 -1.81
N VAL A 83 -12.56 3.40 -0.97
CA VAL A 83 -13.21 4.41 -0.10
C VAL A 83 -12.31 4.78 1.09
N GLY A 84 -12.02 3.83 1.98
CA GLY A 84 -11.22 4.11 3.18
C GLY A 84 -11.34 3.09 4.33
N ILE A 85 -10.30 3.04 5.16
CA ILE A 85 -10.18 2.19 6.35
C ILE A 85 -10.29 3.08 7.60
N LYS A 86 -11.50 3.26 8.12
CA LYS A 86 -11.82 4.18 9.23
C LYS A 86 -11.02 3.92 10.50
N LYS A 87 -10.84 2.65 10.87
CA LYS A 87 -10.11 2.23 12.09
C LYS A 87 -8.59 2.28 11.92
N LYS A 88 -7.88 2.76 12.95
CA LYS A 88 -6.42 2.65 13.07
C LYS A 88 -5.99 1.21 13.37
N GLU A 89 -6.78 0.47 14.14
CA GLU A 89 -6.37 -0.83 14.69
C GLU A 89 -6.06 -1.87 13.61
N GLU A 90 -6.82 -1.89 12.51
CA GLU A 90 -6.53 -2.78 11.38
C GLU A 90 -5.40 -2.26 10.49
N ARG A 91 -5.33 -0.95 10.25
CA ARG A 91 -4.22 -0.34 9.52
C ARG A 91 -2.89 -0.63 10.24
N ALA A 92 -2.89 -0.67 11.56
CA ALA A 92 -1.71 -0.95 12.37
C ALA A 92 -1.22 -2.41 12.21
N ASP A 93 -2.14 -3.38 12.14
CA ASP A 93 -1.82 -4.79 11.84
C ASP A 93 -1.35 -4.95 10.39
N LEU A 94 -2.02 -4.29 9.45
CA LEU A 94 -1.65 -4.27 8.03
C LEU A 94 -0.22 -3.75 7.83
N ILE A 95 0.11 -2.58 8.36
CA ILE A 95 1.45 -1.96 8.32
C ILE A 95 2.50 -2.90 8.95
N ALA A 96 2.15 -3.66 9.99
CA ALA A 96 3.07 -4.63 10.59
C ALA A 96 3.41 -5.78 9.63
N TYR A 97 2.39 -6.35 8.99
CA TYR A 97 2.57 -7.38 7.95
C TYR A 97 3.39 -6.84 6.77
N LEU A 98 3.09 -5.62 6.30
CA LEU A 98 3.82 -5.02 5.20
C LEU A 98 5.32 -4.86 5.52
N LYS A 99 5.70 -4.36 6.70
CA LYS A 99 7.13 -4.30 7.06
C LYS A 99 7.75 -5.69 7.08
N LYS A 100 7.03 -6.67 7.64
CA LYS A 100 7.58 -8.02 7.80
C LYS A 100 7.80 -8.70 6.44
N ALA A 101 6.90 -8.51 5.47
CA ALA A 101 6.87 -9.25 4.21
C ALA A 101 7.35 -8.48 2.98
N THR A 102 7.69 -7.18 3.11
CA THR A 102 8.20 -6.36 1.98
C THR A 102 9.65 -5.88 2.16
N ASN A 103 10.23 -6.03 3.35
CA ASN A 103 11.62 -5.70 3.67
C ASN A 103 12.57 -6.93 3.64
N GLU A 104 12.14 -8.08 3.09
CA GLU A 104 12.82 -9.39 3.23
C GLU A 104 14.20 -9.50 2.58
N GLY A 1 -1.05 -4.29 16.62
CA GLY A 1 -0.12 -4.08 15.49
C GLY A 1 0.93 -5.19 15.43
N ASP A 2 0.67 -6.29 14.74
CA ASP A 2 1.69 -7.29 14.37
C ASP A 2 1.37 -8.04 13.09
N VAL A 3 2.33 -8.85 12.67
CA VAL A 3 2.46 -9.46 11.34
C VAL A 3 1.37 -10.48 11.08
N GLU A 4 1.08 -11.28 12.09
CA GLU A 4 0.17 -12.40 11.96
C GLU A 4 -1.27 -11.94 11.85
N LYS A 5 -1.62 -10.92 12.64
CA LYS A 5 -2.89 -10.22 12.57
C LYS A 5 -2.98 -9.42 11.28
N GLY A 6 -1.85 -8.84 10.85
CA GLY A 6 -1.73 -7.97 9.69
C GLY A 6 -1.96 -8.67 8.34
N LYS A 7 -1.57 -9.95 8.23
CA LYS A 7 -1.84 -10.76 7.04
C LYS A 7 -3.31 -10.75 6.68
N LYS A 8 -4.20 -10.94 7.65
CA LYS A 8 -5.63 -11.10 7.36
C LYS A 8 -6.28 -9.86 6.73
N ILE A 9 -5.71 -8.68 7.00
CA ILE A 9 -6.11 -7.40 6.39
C ILE A 9 -5.73 -7.38 4.91
N PHE A 10 -4.50 -7.76 4.59
CA PHE A 10 -4.02 -7.85 3.22
C PHE A 10 -4.75 -8.97 2.44
N ILE A 11 -5.04 -10.08 3.11
CA ILE A 11 -5.76 -11.20 2.52
C ILE A 11 -7.18 -10.76 2.14
N MET A 12 -7.90 -10.07 3.02
CA MET A 12 -9.28 -9.65 2.75
C MET A 12 -9.40 -8.61 1.64
N LYS A 13 -8.61 -7.53 1.74
CA LYS A 13 -8.92 -6.27 1.02
C LYS A 13 -8.00 -5.96 -0.15
N CYS A 14 -6.83 -6.60 -0.19
CA CYS A 14 -5.65 -6.13 -0.93
C CYS A 14 -5.08 -7.15 -1.93
N SER A 15 -5.11 -8.44 -1.58
CA SER A 15 -4.54 -9.57 -2.35
C SER A 15 -5.19 -9.75 -3.73
N GLN A 16 -6.42 -9.27 -3.86
CA GLN A 16 -7.18 -9.19 -5.10
C GLN A 16 -6.48 -8.33 -6.18
N CYS A 17 -5.54 -7.47 -5.80
CA CYS A 17 -4.78 -6.61 -6.72
C CYS A 17 -3.27 -6.63 -6.51
N HIS A 18 -2.77 -6.85 -5.29
CA HIS A 18 -1.35 -6.93 -4.94
C HIS A 18 -0.89 -8.32 -4.49
N THR A 19 0.40 -8.63 -4.67
CA THR A 19 1.06 -9.82 -4.08
C THR A 19 2.52 -9.49 -3.82
N VAL A 20 2.96 -9.61 -2.56
CA VAL A 20 4.19 -9.05 -1.97
C VAL A 20 5.34 -10.03 -2.10
N GLU A 21 5.32 -10.82 -3.16
CA GLU A 21 6.40 -11.72 -3.50
C GLU A 21 7.52 -10.96 -4.21
N LYS A 22 8.77 -11.20 -3.82
CA LYS A 22 9.92 -10.67 -4.55
C LYS A 22 10.01 -11.31 -5.95
N GLY A 23 9.81 -10.50 -6.98
CA GLY A 23 9.64 -10.88 -8.39
C GLY A 23 8.47 -10.10 -8.97
N GLY A 24 7.27 -10.43 -8.51
CA GLY A 24 6.05 -9.64 -8.70
C GLY A 24 5.46 -9.56 -10.11
N LYS A 25 4.24 -9.03 -10.17
CA LYS A 25 3.41 -8.82 -11.36
C LYS A 25 2.65 -7.50 -11.30
N HIS A 26 2.25 -7.03 -12.48
CA HIS A 26 1.46 -5.81 -12.67
C HIS A 26 -0.06 -6.04 -12.63
N LYS A 27 -0.54 -7.21 -13.11
CA LYS A 27 -1.88 -7.81 -12.87
C LYS A 27 -3.04 -6.78 -12.75
N THR A 28 -3.82 -6.76 -11.68
CA THR A 28 -4.78 -5.66 -11.40
C THR A 28 -4.15 -4.52 -10.58
N GLY A 29 -3.00 -4.76 -9.93
CA GLY A 29 -2.21 -3.71 -9.30
C GLY A 29 -0.75 -4.14 -9.03
N PRO A 30 0.09 -3.21 -8.55
CA PRO A 30 1.53 -3.44 -8.38
C PRO A 30 1.94 -4.59 -7.46
N ASN A 31 3.24 -4.86 -7.44
CA ASN A 31 3.87 -5.87 -6.61
C ASN A 31 3.79 -5.58 -5.10
N LEU A 32 4.09 -4.36 -4.66
CA LEU A 32 4.10 -3.88 -3.29
C LEU A 32 5.23 -4.47 -2.42
N HIS A 33 5.97 -5.47 -2.89
CA HIS A 33 7.28 -5.78 -2.32
C HIS A 33 8.26 -4.62 -2.55
N GLY A 34 9.12 -4.31 -1.58
CA GLY A 34 10.10 -3.22 -1.67
C GLY A 34 9.55 -1.81 -1.38
N LEU A 35 8.37 -1.71 -0.74
CA LEU A 35 7.61 -0.46 -0.60
C LEU A 35 8.21 0.60 0.34
N PHE A 36 8.78 0.20 1.46
CA PHE A 36 9.25 1.16 2.47
C PHE A 36 10.47 1.97 1.99
N GLY A 37 10.41 3.28 2.22
CA GLY A 37 11.46 4.27 1.91
C GLY A 37 11.37 4.92 0.52
N ARG A 38 10.34 4.63 -0.28
CA ARG A 38 10.14 5.20 -1.64
C ARG A 38 8.77 5.87 -1.79
N LYS A 39 8.59 6.69 -2.84
CA LYS A 39 7.28 7.18 -3.31
C LYS A 39 6.69 6.26 -4.37
N THR A 40 5.37 6.29 -4.48
CA THR A 40 4.53 5.73 -5.57
C THR A 40 4.38 6.68 -6.79
N GLY A 41 3.50 6.32 -7.74
CA GLY A 41 3.17 7.07 -8.97
C GLY A 41 4.19 6.97 -10.12
N GLN A 42 5.11 6.00 -10.09
CA GLN A 42 6.41 6.14 -10.77
C GLN A 42 7.18 4.85 -11.13
N ALA A 43 6.66 3.67 -10.78
CA ALA A 43 7.47 2.45 -10.84
C ALA A 43 7.86 2.08 -12.29
N PRO A 44 9.02 1.41 -12.53
CA PRO A 44 9.52 1.17 -13.89
C PRO A 44 8.59 0.37 -14.81
N GLY A 45 7.71 -0.46 -14.25
CA GLY A 45 6.64 -1.17 -14.93
C GLY A 45 5.24 -0.81 -14.43
N TYR A 46 5.06 0.25 -13.62
CA TYR A 46 3.71 0.75 -13.30
C TYR A 46 3.68 2.28 -13.19
N SER A 47 4.27 2.97 -14.18
CA SER A 47 4.19 4.42 -14.36
C SER A 47 2.92 4.81 -15.11
N THR A 49 0.73 7.76 -13.14
CA THR A 49 0.01 8.78 -12.35
C THR A 49 0.97 9.58 -11.47
N ALA A 50 1.72 10.52 -12.06
CA ALA A 50 2.71 11.30 -11.30
C ALA A 50 2.08 12.24 -10.25
N ALA A 51 0.80 12.59 -10.36
CA ALA A 51 0.04 13.21 -9.26
C ALA A 51 0.14 12.42 -7.94
N ASN A 52 0.20 11.08 -8.01
CA ASN A 52 0.42 10.18 -6.87
C ASN A 52 1.85 10.32 -6.30
N LYS A 53 2.87 10.48 -7.16
CA LYS A 53 4.25 10.84 -6.77
C LYS A 53 4.33 12.21 -6.08
N ASN A 54 3.43 13.13 -6.38
CA ASN A 54 3.56 14.54 -5.96
C ASN A 54 2.72 14.89 -4.72
N LYS A 55 1.49 14.37 -4.64
CA LYS A 55 0.64 14.51 -3.46
C LYS A 55 1.03 13.56 -2.32
N GLY A 56 1.63 12.40 -2.64
CA GLY A 56 2.17 11.49 -1.64
C GLY A 56 3.53 11.94 -1.09
N ILE A 57 3.77 11.64 0.18
CA ILE A 57 5.11 11.54 0.80
C ILE A 57 5.58 10.07 0.71
N ILE A 58 6.85 9.76 0.95
CA ILE A 58 7.35 8.37 0.94
C ILE A 58 6.57 7.42 1.84
N TRP A 59 6.54 6.13 1.51
CA TRP A 59 5.99 5.11 2.37
C TRP A 59 6.82 4.88 3.64
N GLY A 60 6.22 5.26 4.76
CA GLY A 60 6.53 4.92 6.15
C GLY A 60 5.26 4.49 6.89
N GLU A 61 5.28 4.51 8.23
CA GLU A 61 4.09 4.12 9.02
C GLU A 61 2.98 5.18 8.98
N ASP A 62 3.37 6.45 8.92
CA ASP A 62 2.45 7.59 8.94
C ASP A 62 1.69 7.77 7.62
N THR A 63 2.33 7.49 6.49
CA THR A 63 1.84 7.77 5.14
C THR A 63 0.92 6.66 4.63
N LEU A 64 1.25 5.41 4.96
CA LEU A 64 0.31 4.29 4.77
C LEU A 64 -0.98 4.50 5.56
N MET A 65 -0.94 5.08 6.76
CA MET A 65 -2.13 5.26 7.58
C MET A 65 -3.11 6.25 6.96
N GLU A 66 -2.58 7.33 6.40
CA GLU A 66 -3.37 8.45 5.90
C GLU A 66 -3.76 8.32 4.42
N TYR A 67 -2.96 7.65 3.60
CA TYR A 67 -3.38 7.18 2.28
C TYR A 67 -4.54 6.19 2.42
N LEU A 68 -4.39 5.18 3.28
CA LEU A 68 -5.37 4.10 3.38
C LEU A 68 -6.64 4.49 4.14
N GLU A 69 -6.67 5.57 4.93
CA GLU A 69 -7.93 6.05 5.48
C GLU A 69 -8.92 6.44 4.38
N ASN A 70 -8.46 7.13 3.33
CA ASN A 70 -9.27 7.62 2.23
C ASN A 70 -8.38 8.12 1.05
N PRO A 71 -8.04 7.27 0.06
CA PRO A 71 -7.05 7.61 -0.96
C PRO A 71 -7.41 8.84 -1.81
N LYS A 72 -8.65 8.94 -2.33
CA LYS A 72 -9.17 10.09 -3.12
C LYS A 72 -9.05 11.45 -2.44
N LYS A 73 -9.01 11.46 -1.10
CA LYS A 73 -8.87 12.68 -0.29
C LYS A 73 -7.40 13.06 -0.10
N TYR A 74 -6.55 12.06 0.15
CA TYR A 74 -5.10 12.28 0.26
C TYR A 74 -4.42 12.56 -1.10
N ILE A 75 -4.89 11.90 -2.17
CA ILE A 75 -4.34 11.89 -3.53
C ILE A 75 -5.51 11.71 -4.52
N PRO A 76 -6.10 12.80 -5.04
CA PRO A 76 -7.24 12.75 -5.97
C PRO A 76 -6.85 12.35 -7.41
N GLY A 77 -5.75 11.61 -7.61
CA GLY A 77 -5.15 11.34 -8.92
C GLY A 77 -4.27 10.09 -8.99
N THR A 78 -4.72 8.98 -8.39
CA THR A 78 -4.04 7.67 -8.41
C THR A 78 -4.88 6.63 -9.18
N LYS A 79 -4.22 5.57 -9.66
CA LYS A 79 -4.85 4.39 -10.29
C LYS A 79 -5.63 3.52 -9.30
N MET A 80 -5.39 3.65 -7.99
CA MET A 80 -6.05 2.86 -6.96
C MET A 80 -7.47 3.37 -6.66
N ILE A 81 -8.47 2.61 -7.11
CA ILE A 81 -9.88 2.85 -6.79
C ILE A 81 -10.23 2.02 -5.55
N PHE A 82 -10.31 2.69 -4.40
CA PHE A 82 -10.49 2.07 -3.09
C PHE A 82 -11.07 3.12 -2.12
N VAL A 83 -12.17 2.82 -1.44
CA VAL A 83 -12.91 3.81 -0.61
C VAL A 83 -12.07 4.28 0.59
N GLY A 84 -11.55 3.33 1.37
CA GLY A 84 -10.81 3.63 2.61
C GLY A 84 -10.96 2.55 3.69
N ILE A 85 -10.18 2.70 4.77
CA ILE A 85 -10.14 1.79 5.93
C ILE A 85 -10.53 2.56 7.20
N LYS A 86 -11.79 2.43 7.63
CA LYS A 86 -12.37 3.25 8.71
C LYS A 86 -11.68 3.07 10.06
N LYS A 87 -11.21 1.85 10.40
CA LYS A 87 -10.41 1.59 11.62
C LYS A 87 -8.93 2.00 11.49
N LYS A 88 -8.37 2.49 12.60
CA LYS A 88 -6.90 2.58 12.81
C LYS A 88 -6.31 1.21 13.13
N GLU A 89 -7.01 0.37 13.91
CA GLU A 89 -6.50 -0.95 14.34
C GLU A 89 -6.16 -1.88 13.17
N GLU A 90 -6.90 -1.84 12.06
CA GLU A 90 -6.59 -2.60 10.84
C GLU A 90 -5.31 -2.11 10.20
N ARG A 91 -5.21 -0.80 9.93
CA ARG A 91 -4.06 -0.18 9.27
C ARG A 91 -2.77 -0.44 10.06
N ALA A 92 -2.85 -0.40 11.39
CA ALA A 92 -1.71 -0.61 12.28
C ALA A 92 -1.23 -2.08 12.35
N ASP A 93 -2.11 -3.07 12.13
CA ASP A 93 -1.69 -4.46 11.90
C ASP A 93 -1.15 -4.66 10.46
N LEU A 94 -1.82 -4.08 9.46
CA LEU A 94 -1.41 -4.13 8.04
C LEU A 94 0.03 -3.63 7.82
N ILE A 95 0.34 -2.43 8.33
CA ILE A 95 1.68 -1.83 8.30
C ILE A 95 2.73 -2.75 8.94
N ALA A 96 2.37 -3.48 10.01
CA ALA A 96 3.28 -4.41 10.66
C ALA A 96 3.60 -5.61 9.76
N TYR A 97 2.58 -6.19 9.12
CA TYR A 97 2.75 -7.28 8.17
C TYR A 97 3.65 -6.87 7.01
N LEU A 98 3.38 -5.72 6.39
CA LEU A 98 4.21 -5.23 5.29
C LEU A 98 5.67 -5.03 5.70
N LYS A 99 5.95 -4.55 6.92
CA LYS A 99 7.32 -4.39 7.44
C LYS A 99 8.09 -5.70 7.63
N LYS A 100 7.39 -6.83 7.72
CA LYS A 100 8.02 -8.17 7.84
C LYS A 100 8.05 -8.95 6.51
N ALA A 101 7.22 -8.55 5.53
CA ALA A 101 7.04 -9.26 4.26
C ALA A 101 7.57 -8.51 3.01
N THR A 102 7.79 -7.19 3.10
CA THR A 102 8.24 -6.37 1.96
C THR A 102 9.67 -5.83 2.09
N ASN A 103 10.29 -5.95 3.28
CA ASN A 103 11.66 -5.49 3.56
C ASN A 103 12.71 -6.61 3.46
N GLU A 104 12.36 -7.74 2.86
CA GLU A 104 13.25 -8.90 2.67
C GLU A 104 14.53 -8.53 1.91
N GLY A 1 -1.18 -4.94 16.22
CA GLY A 1 -0.40 -4.48 15.06
C GLY A 1 0.78 -5.38 14.82
N ASP A 2 0.55 -6.57 14.26
CA ASP A 2 1.59 -7.46 13.78
C ASP A 2 1.23 -8.07 12.43
N VAL A 3 2.17 -8.88 11.95
CA VAL A 3 2.29 -9.43 10.62
C VAL A 3 1.23 -10.50 10.38
N GLU A 4 0.93 -11.31 11.40
CA GLU A 4 0.10 -12.50 11.28
C GLU A 4 -1.39 -12.16 11.33
N LYS A 5 -1.75 -11.12 12.08
CA LYS A 5 -3.05 -10.43 11.93
C LYS A 5 -3.09 -9.60 10.65
N GLY A 6 -1.95 -9.03 10.27
CA GLY A 6 -1.82 -8.12 9.12
C GLY A 6 -2.10 -8.80 7.79
N LYS A 7 -1.78 -10.10 7.67
CA LYS A 7 -2.22 -10.98 6.59
C LYS A 7 -3.72 -10.84 6.33
N LYS A 8 -4.54 -11.02 7.36
CA LYS A 8 -6.01 -11.13 7.25
C LYS A 8 -6.62 -9.89 6.59
N ILE A 9 -6.01 -8.74 6.79
CA ILE A 9 -6.46 -7.44 6.26
C ILE A 9 -6.15 -7.32 4.77
N PHE A 10 -4.89 -7.61 4.41
CA PHE A 10 -4.46 -7.58 3.01
C PHE A 10 -5.20 -8.64 2.19
N ILE A 11 -5.30 -9.85 2.73
CA ILE A 11 -6.00 -10.97 2.10
C ILE A 11 -7.47 -10.61 1.84
N MET A 12 -8.15 -10.04 2.84
CA MET A 12 -9.57 -9.68 2.76
C MET A 12 -9.88 -8.61 1.72
N LYS A 13 -9.09 -7.53 1.69
CA LYS A 13 -9.46 -6.28 1.00
C LYS A 13 -8.55 -5.87 -0.17
N CYS A 14 -7.35 -6.43 -0.24
CA CYS A 14 -6.20 -5.83 -0.95
C CYS A 14 -5.54 -6.74 -2.00
N SER A 15 -5.39 -8.03 -1.70
CA SER A 15 -4.70 -9.05 -2.52
C SER A 15 -5.28 -9.19 -3.93
N GLN A 16 -6.56 -8.83 -4.07
CA GLN A 16 -7.29 -8.72 -5.33
C GLN A 16 -6.66 -7.74 -6.33
N CYS A 17 -5.81 -6.82 -5.86
CA CYS A 17 -5.09 -5.86 -6.70
C CYS A 17 -3.61 -5.69 -6.30
N HIS A 18 -3.06 -6.57 -5.47
CA HIS A 18 -1.68 -6.51 -5.00
C HIS A 18 -1.09 -7.89 -4.66
N THR A 19 0.20 -8.05 -4.92
CA THR A 19 1.08 -9.13 -4.41
C THR A 19 2.35 -8.46 -3.86
N VAL A 20 3.10 -9.09 -2.95
CA VAL A 20 4.26 -8.47 -2.26
C VAL A 20 5.59 -9.16 -2.58
N GLU A 21 5.58 -10.13 -3.49
CA GLU A 21 6.61 -11.16 -3.66
C GLU A 21 7.95 -10.62 -4.21
N LYS A 22 9.02 -11.37 -3.96
CA LYS A 22 10.35 -11.14 -4.52
C LYS A 22 10.39 -11.51 -6.00
N GLY A 23 11.14 -10.76 -6.81
CA GLY A 23 11.02 -10.81 -8.28
C GLY A 23 9.60 -10.46 -8.76
N GLY A 24 8.83 -9.77 -7.91
CA GLY A 24 7.37 -9.78 -7.90
C GLY A 24 6.67 -9.18 -9.10
N LYS A 25 5.44 -9.66 -9.31
CA LYS A 25 4.48 -9.18 -10.30
C LYS A 25 3.05 -9.39 -9.82
N HIS A 26 2.14 -8.59 -10.36
CA HIS A 26 0.71 -8.61 -10.11
C HIS A 26 -0.01 -8.01 -11.35
N LYS A 27 -1.31 -7.74 -11.22
CA LYS A 27 -2.28 -7.66 -12.31
C LYS A 27 -2.94 -6.27 -12.42
N THR A 28 -3.93 -6.02 -11.56
CA THR A 28 -4.75 -4.78 -11.52
C THR A 28 -4.01 -3.62 -10.85
N GLY A 29 -3.06 -3.93 -9.98
CA GLY A 29 -2.19 -2.96 -9.32
C GLY A 29 -0.72 -3.42 -9.23
N PRO A 30 0.15 -2.62 -8.60
CA PRO A 30 1.58 -2.89 -8.52
C PRO A 30 1.93 -4.08 -7.60
N ASN A 31 3.06 -4.75 -7.87
CA ASN A 31 3.70 -5.59 -6.86
C ASN A 31 4.45 -4.72 -5.84
N LEU A 32 4.34 -5.06 -4.56
CA LEU A 32 4.72 -4.19 -3.44
C LEU A 32 6.15 -4.38 -2.90
N HIS A 33 6.96 -5.31 -3.41
CA HIS A 33 8.37 -5.35 -3.01
C HIS A 33 9.08 -4.05 -3.42
N GLY A 34 9.61 -3.30 -2.44
CA GLY A 34 9.98 -1.90 -2.66
C GLY A 34 8.79 -0.95 -2.50
N LEU A 35 8.24 -0.86 -1.29
CA LEU A 35 7.30 0.19 -0.89
C LEU A 35 7.98 1.28 -0.06
N PHE A 36 8.85 0.94 0.88
CA PHE A 36 9.32 1.92 1.87
C PHE A 36 10.47 2.80 1.33
N GLY A 37 10.58 4.04 1.81
CA GLY A 37 11.69 4.94 1.43
C GLY A 37 11.61 5.66 0.07
N ARG A 38 10.44 5.72 -0.59
CA ARG A 38 10.30 6.09 -2.02
C ARG A 38 9.12 7.00 -2.37
N LYS A 39 9.16 7.56 -3.59
CA LYS A 39 7.96 8.10 -4.28
C LYS A 39 7.04 6.96 -4.70
N THR A 40 5.79 7.05 -4.24
CA THR A 40 4.64 6.27 -4.71
C THR A 40 4.41 6.36 -6.23
N GLY A 41 3.71 5.37 -6.81
CA GLY A 41 3.41 5.24 -8.24
C GLY A 41 4.38 4.33 -8.99
N GLN A 42 5.66 4.68 -9.05
CA GLN A 42 6.68 3.89 -9.77
C GLN A 42 7.39 2.94 -8.80
N ALA A 43 6.80 1.76 -8.64
CA ALA A 43 7.39 0.61 -7.94
C ALA A 43 8.30 -0.19 -8.90
N PRO A 44 9.17 -1.11 -8.42
CA PRO A 44 9.99 -1.95 -9.28
C PRO A 44 9.15 -2.73 -10.31
N GLY A 45 9.31 -2.38 -11.59
CA GLY A 45 8.58 -3.00 -12.71
C GLY A 45 7.11 -2.57 -12.86
N TYR A 46 6.61 -1.64 -12.06
CA TYR A 46 5.22 -1.14 -12.14
C TYR A 46 5.18 0.38 -12.07
N SER A 47 4.40 0.99 -12.96
CA SER A 47 4.33 2.45 -13.10
C SER A 47 2.88 2.88 -13.17
N THR A 49 1.52 6.44 -12.95
CA THR A 49 1.64 7.88 -13.17
C THR A 49 2.76 8.63 -12.44
N ALA A 50 3.44 9.51 -13.19
CA ALA A 50 4.35 10.50 -12.62
C ALA A 50 3.62 11.54 -11.73
N ALA A 51 2.29 11.63 -11.74
CA ALA A 51 1.54 12.43 -10.76
C ALA A 51 1.82 11.99 -9.32
N ASN A 52 1.89 10.68 -9.08
CA ASN A 52 2.23 10.09 -7.80
C ASN A 52 3.69 10.37 -7.38
N LYS A 53 4.59 10.56 -8.36
CA LYS A 53 5.97 11.00 -8.17
C LYS A 53 6.09 12.49 -7.80
N ASN A 54 4.98 13.25 -7.86
CA ASN A 54 4.94 14.69 -7.63
C ASN A 54 3.97 15.13 -6.50
N LYS A 55 2.89 14.40 -6.23
CA LYS A 55 2.05 14.54 -5.04
C LYS A 55 1.89 13.16 -4.37
N GLY A 56 2.50 13.02 -3.20
CA GLY A 56 2.67 11.75 -2.47
C GLY A 56 3.35 11.96 -1.11
N ILE A 57 3.33 10.93 -0.26
CA ILE A 57 3.67 11.02 1.18
C ILE A 57 4.51 9.82 1.64
N ILE A 58 5.82 10.03 1.79
CA ILE A 58 6.83 8.96 1.87
C ILE A 58 6.46 7.81 2.82
N TRP A 59 6.41 6.60 2.29
CA TRP A 59 5.84 5.45 2.97
C TRP A 59 6.56 5.09 4.27
N GLY A 60 5.75 4.92 5.31
CA GLY A 60 6.08 4.68 6.71
C GLY A 60 4.84 4.20 7.46
N GLU A 61 4.80 4.32 8.78
CA GLU A 61 3.62 3.95 9.57
C GLU A 61 2.51 5.01 9.45
N ASP A 62 2.82 6.29 9.67
CA ASP A 62 1.79 7.34 9.77
C ASP A 62 1.25 7.79 8.40
N THR A 63 2.08 7.68 7.35
CA THR A 63 1.71 8.03 5.97
C THR A 63 0.84 6.95 5.33
N LEU A 64 1.10 5.68 5.65
CA LEU A 64 0.17 4.62 5.36
C LEU A 64 -1.11 4.73 6.20
N MET A 65 -1.06 5.20 7.44
CA MET A 65 -2.24 5.26 8.30
C MET A 65 -3.27 6.24 7.73
N GLU A 66 -2.80 7.39 7.23
CA GLU A 66 -3.65 8.41 6.63
C GLU A 66 -4.08 8.09 5.18
N TYR A 67 -3.24 7.37 4.42
CA TYR A 67 -3.61 6.86 3.09
C TYR A 67 -4.72 5.80 3.20
N LEU A 68 -4.48 4.78 4.05
CA LEU A 68 -5.39 3.65 4.24
C LEU A 68 -6.70 4.09 4.90
N GLU A 69 -6.69 5.16 5.70
CA GLU A 69 -7.92 5.74 6.24
C GLU A 69 -8.88 6.22 5.13
N ASN A 70 -8.33 6.91 4.13
CA ASN A 70 -9.09 7.58 3.07
C ASN A 70 -8.15 8.03 1.94
N PRO A 71 -7.96 7.24 0.87
CA PRO A 71 -6.92 7.54 -0.12
C PRO A 71 -7.12 8.87 -0.85
N LYS A 72 -8.36 9.26 -1.15
CA LYS A 72 -8.70 10.52 -1.83
C LYS A 72 -8.24 11.80 -1.14
N LYS A 73 -7.82 11.76 0.12
CA LYS A 73 -7.24 12.92 0.83
C LYS A 73 -5.79 13.20 0.44
N TYR A 74 -5.14 12.27 -0.25
CA TYR A 74 -3.81 12.51 -0.81
C TYR A 74 -3.58 12.00 -2.25
N ILE A 75 -4.28 10.95 -2.70
CA ILE A 75 -4.25 10.45 -4.08
C ILE A 75 -5.69 10.33 -4.63
N PRO A 76 -6.34 11.45 -4.98
CA PRO A 76 -7.68 11.47 -5.59
C PRO A 76 -7.70 11.13 -7.09
N GLY A 77 -6.55 10.85 -7.71
CA GLY A 77 -6.46 10.36 -9.09
C GLY A 77 -6.75 8.86 -9.16
N THR A 78 -5.68 8.05 -9.22
CA THR A 78 -5.59 6.59 -8.96
C THR A 78 -6.58 5.64 -9.65
N LYS A 79 -6.08 4.48 -10.04
CA LYS A 79 -6.91 3.34 -10.48
C LYS A 79 -7.37 2.46 -9.30
N MET A 80 -6.92 2.74 -8.08
CA MET A 80 -7.35 2.09 -6.83
C MET A 80 -8.80 2.46 -6.49
N ILE A 81 -9.73 1.59 -6.89
CA ILE A 81 -11.16 1.70 -6.55
C ILE A 81 -11.33 1.31 -5.07
N PHE A 82 -11.05 2.27 -4.19
CA PHE A 82 -11.01 2.12 -2.73
C PHE A 82 -11.39 3.43 -2.02
N VAL A 83 -12.22 3.35 -0.96
CA VAL A 83 -12.79 4.48 -0.21
C VAL A 83 -12.13 4.68 1.16
N GLY A 84 -11.56 3.63 1.75
CA GLY A 84 -10.75 3.69 2.97
C GLY A 84 -11.15 2.70 4.07
N ILE A 85 -10.37 2.63 5.14
CA ILE A 85 -10.53 1.76 6.30
C ILE A 85 -10.81 2.63 7.54
N LYS A 86 -11.95 2.45 8.21
CA LYS A 86 -12.34 3.25 9.38
C LYS A 86 -11.46 2.94 10.59
N LYS A 87 -11.32 1.65 10.94
CA LYS A 87 -10.52 1.19 12.09
C LYS A 87 -9.05 1.56 11.98
N LYS A 88 -8.44 2.09 13.05
CA LYS A 88 -6.97 2.24 13.16
C LYS A 88 -6.25 0.97 13.61
N GLU A 89 -6.95 0.06 14.30
CA GLU A 89 -6.36 -1.22 14.75
C GLU A 89 -6.07 -2.18 13.58
N GLU A 90 -7.02 -2.32 12.64
CA GLU A 90 -6.84 -3.12 11.41
C GLU A 90 -5.69 -2.54 10.55
N ARG A 91 -5.63 -1.21 10.42
CA ARG A 91 -4.56 -0.52 9.68
C ARG A 91 -3.18 -0.77 10.28
N ALA A 92 -3.08 -0.88 11.61
CA ALA A 92 -1.82 -1.10 12.31
C ALA A 92 -1.28 -2.53 12.17
N ASP A 93 -2.16 -3.52 12.01
CA ASP A 93 -1.76 -4.88 11.60
C ASP A 93 -1.29 -4.88 10.14
N LEU A 94 -2.04 -4.20 9.26
CA LEU A 94 -1.69 -4.04 7.84
C LEU A 94 -0.30 -3.43 7.62
N ILE A 95 -0.02 -2.29 8.27
CA ILE A 95 1.29 -1.61 8.26
C ILE A 95 2.41 -2.54 8.75
N ALA A 96 2.16 -3.32 9.80
CA ALA A 96 3.18 -4.23 10.34
C ALA A 96 3.55 -5.32 9.33
N TYR A 97 2.52 -5.91 8.72
CA TYR A 97 2.67 -6.91 7.67
C TYR A 97 3.43 -6.34 6.46
N LEU A 98 3.01 -5.19 5.94
CA LEU A 98 3.65 -4.60 4.77
C LEU A 98 5.12 -4.29 5.04
N LYS A 99 5.48 -3.73 6.21
CA LYS A 99 6.89 -3.52 6.54
C LYS A 99 7.66 -4.84 6.61
N LYS A 100 7.07 -5.91 7.16
CA LYS A 100 7.80 -7.19 7.28
C LYS A 100 8.01 -7.89 5.94
N ALA A 101 7.06 -7.76 5.01
CA ALA A 101 7.07 -8.51 3.76
C ALA A 101 7.70 -7.73 2.59
N THR A 102 7.66 -6.40 2.60
CA THR A 102 8.22 -5.58 1.50
C THR A 102 9.68 -5.18 1.71
N ASN A 103 10.21 -5.29 2.95
CA ASN A 103 11.62 -5.03 3.28
C ASN A 103 12.49 -6.30 3.36
N GLU A 104 12.00 -7.44 2.84
CA GLU A 104 12.77 -8.68 2.63
C GLU A 104 14.01 -8.48 1.77
N GLY A 1 1.33 -3.63 16.30
CA GLY A 1 0.72 -4.67 15.45
C GLY A 1 1.76 -5.66 14.96
N ASP A 2 1.34 -6.78 14.38
CA ASP A 2 2.24 -7.83 13.90
C ASP A 2 1.75 -8.54 12.62
N VAL A 3 2.51 -9.55 12.22
CA VAL A 3 2.58 -10.08 10.88
C VAL A 3 1.44 -11.05 10.60
N GLU A 4 1.13 -11.96 11.52
CA GLU A 4 0.06 -12.95 11.38
C GLU A 4 -1.35 -12.35 11.45
N LYS A 5 -1.48 -11.26 12.20
CA LYS A 5 -2.64 -10.38 12.15
C LYS A 5 -2.64 -9.62 10.83
N GLY A 6 -1.46 -9.13 10.43
CA GLY A 6 -1.28 -8.21 9.30
C GLY A 6 -1.54 -8.83 7.92
N LYS A 7 -1.23 -10.11 7.71
CA LYS A 7 -1.57 -10.84 6.48
C LYS A 7 -3.05 -10.72 6.17
N LYS A 8 -3.90 -10.98 7.17
CA LYS A 8 -5.35 -11.10 7.01
C LYS A 8 -6.03 -9.81 6.55
N ILE A 9 -5.44 -8.66 6.89
CA ILE A 9 -5.91 -7.32 6.53
C ILE A 9 -5.71 -7.06 5.04
N PHE A 10 -4.58 -7.52 4.51
CA PHE A 10 -4.28 -7.47 3.07
C PHE A 10 -5.16 -8.49 2.31
N ILE A 11 -5.30 -9.70 2.86
CA ILE A 11 -6.07 -10.80 2.25
C ILE A 11 -7.55 -10.42 2.07
N MET A 12 -8.12 -9.69 3.03
CA MET A 12 -9.52 -9.24 2.99
C MET A 12 -9.81 -8.27 1.83
N LYS A 13 -9.15 -7.10 1.80
CA LYS A 13 -9.53 -5.95 0.96
C LYS A 13 -8.58 -5.64 -0.20
N CYS A 14 -7.38 -6.23 -0.21
CA CYS A 14 -6.20 -5.69 -0.94
C CYS A 14 -5.55 -6.70 -1.91
N SER A 15 -5.47 -7.98 -1.52
CA SER A 15 -4.87 -9.07 -2.32
C SER A 15 -5.56 -9.32 -3.66
N GLN A 16 -6.82 -8.87 -3.75
CA GLN A 16 -7.66 -8.82 -4.93
C GLN A 16 -7.17 -7.85 -6.03
N CYS A 17 -6.11 -7.09 -5.76
CA CYS A 17 -5.32 -6.33 -6.73
C CYS A 17 -3.82 -6.57 -6.58
N HIS A 18 -3.30 -6.52 -5.35
CA HIS A 18 -1.86 -6.53 -5.02
C HIS A 18 -1.21 -7.91 -4.83
N THR A 19 0.12 -7.91 -4.93
CA THR A 19 1.04 -8.92 -4.39
C THR A 19 2.19 -8.20 -3.67
N VAL A 20 2.92 -8.92 -2.83
CA VAL A 20 4.13 -8.43 -2.12
C VAL A 20 5.34 -9.38 -2.20
N GLU A 21 5.23 -10.50 -2.93
CA GLU A 21 6.20 -11.60 -3.04
C GLU A 21 7.46 -11.22 -3.88
N LYS A 22 8.64 -11.73 -3.52
CA LYS A 22 9.84 -11.79 -4.37
C LYS A 22 9.51 -12.36 -5.76
N GLY A 23 10.15 -11.87 -6.82
CA GLY A 23 9.91 -12.33 -8.21
C GLY A 23 9.07 -11.37 -9.06
N GLY A 24 8.16 -10.61 -8.43
CA GLY A 24 7.50 -9.46 -9.05
C GLY A 24 6.42 -9.80 -10.10
N LYS A 25 5.81 -8.74 -10.61
CA LYS A 25 4.81 -8.64 -11.68
C LYS A 25 3.49 -9.35 -11.37
N HIS A 26 2.41 -8.60 -11.51
CA HIS A 26 1.06 -9.02 -11.10
C HIS A 26 -0.01 -8.51 -12.08
N LYS A 27 -1.21 -8.23 -11.56
CA LYS A 27 -2.43 -7.86 -12.29
C LYS A 27 -2.73 -6.36 -12.16
N THR A 28 -4.00 -6.02 -11.92
CA THR A 28 -4.57 -4.70 -11.60
C THR A 28 -3.74 -3.86 -10.62
N GLY A 29 -3.12 -4.50 -9.61
CA GLY A 29 -2.33 -3.83 -8.58
C GLY A 29 -0.82 -4.14 -8.68
N PRO A 30 0.06 -3.24 -8.20
CA PRO A 30 1.50 -3.48 -8.14
C PRO A 30 1.95 -4.63 -7.22
N ASN A 31 3.22 -5.05 -7.34
CA ASN A 31 3.86 -6.13 -6.56
C ASN A 31 4.70 -5.61 -5.36
N LEU A 32 4.77 -4.30 -5.14
CA LEU A 32 5.01 -3.67 -3.82
C LEU A 32 6.39 -3.90 -3.17
N HIS A 33 7.31 -4.63 -3.81
CA HIS A 33 8.40 -5.30 -3.09
C HIS A 33 9.64 -4.41 -2.85
N GLY A 34 9.48 -3.47 -1.92
CA GLY A 34 10.46 -2.45 -1.55
C GLY A 34 9.77 -1.16 -1.08
N LEU A 35 8.61 -1.29 -0.43
CA LEU A 35 7.68 -0.20 -0.16
C LEU A 35 8.29 0.93 0.68
N PHE A 36 9.01 0.57 1.73
CA PHE A 36 9.52 1.54 2.71
C PHE A 36 10.80 2.18 2.18
N GLY A 37 10.68 3.34 1.55
CA GLY A 37 11.76 4.00 0.80
C GLY A 37 11.70 3.80 -0.72
N ARG A 38 10.53 4.06 -1.35
CA ARG A 38 10.37 4.20 -2.81
C ARG A 38 9.53 5.42 -3.21
N LYS A 39 9.49 5.75 -4.52
CA LYS A 39 8.52 6.71 -5.07
C LYS A 39 7.11 6.12 -5.08
N THR A 40 6.22 6.79 -4.36
CA THR A 40 4.86 6.34 -4.03
C THR A 40 4.01 5.97 -5.26
N GLY A 41 3.53 4.73 -5.32
CA GLY A 41 2.67 4.17 -6.39
C GLY A 41 3.38 3.85 -7.70
N GLN A 42 4.60 4.37 -7.90
CA GLN A 42 5.26 4.50 -9.19
C GLN A 42 6.03 3.27 -9.66
N ALA A 43 5.31 2.23 -10.09
CA ALA A 43 5.85 1.09 -10.82
C ALA A 43 5.78 1.33 -12.35
N PRO A 44 6.90 1.25 -13.10
CA PRO A 44 6.91 1.43 -14.55
C PRO A 44 5.89 0.54 -15.26
N GLY A 45 5.00 1.15 -16.04
CA GLY A 45 3.92 0.45 -16.74
C GLY A 45 2.84 -0.20 -15.86
N TYR A 46 2.70 0.10 -14.56
CA TYR A 46 1.50 -0.32 -13.81
C TYR A 46 0.74 0.93 -13.36
N SER A 47 -0.42 1.18 -14.01
CA SER A 47 -1.31 2.32 -13.76
C SER A 47 -0.56 3.65 -13.58
N THR A 49 0.75 7.08 -13.38
CA THR A 49 0.45 8.52 -13.25
C THR A 49 1.11 9.05 -11.97
N ALA A 50 1.95 10.08 -12.09
CA ALA A 50 2.83 10.51 -10.99
C ALA A 50 2.17 11.34 -9.88
N ALA A 51 0.85 11.59 -9.95
CA ALA A 51 0.12 12.42 -8.99
C ALA A 51 0.22 11.86 -7.56
N ASN A 52 0.27 10.54 -7.38
CA ASN A 52 0.45 9.88 -6.09
C ASN A 52 1.79 10.29 -5.41
N LYS A 53 2.90 10.36 -6.17
CA LYS A 53 4.18 10.89 -5.66
C LYS A 53 4.12 12.39 -5.37
N ASN A 54 3.50 13.17 -6.25
CA ASN A 54 3.61 14.64 -6.27
C ASN A 54 2.82 15.38 -5.16
N LYS A 55 2.22 14.65 -4.21
CA LYS A 55 1.66 15.21 -2.97
C LYS A 55 2.66 15.25 -1.80
N GLY A 56 3.80 14.54 -1.91
CA GLY A 56 4.87 14.54 -0.90
C GLY A 56 5.01 13.26 -0.08
N ILE A 57 3.95 12.44 -0.04
CA ILE A 57 3.85 11.17 0.69
C ILE A 57 4.97 10.17 0.33
N ILE A 58 5.65 9.65 1.35
CA ILE A 58 6.53 8.49 1.28
C ILE A 58 6.14 7.43 2.31
N TRP A 59 6.09 6.18 1.89
CA TRP A 59 5.58 5.06 2.67
C TRP A 59 6.27 4.82 4.02
N GLY A 60 5.45 4.55 5.03
CA GLY A 60 5.77 4.51 6.45
C GLY A 60 4.50 4.26 7.28
N GLU A 61 4.59 4.37 8.60
CA GLU A 61 3.53 4.01 9.55
C GLU A 61 2.32 4.94 9.54
N ASP A 62 2.53 6.22 9.26
CA ASP A 62 1.48 7.24 9.29
C ASP A 62 0.99 7.60 7.88
N THR A 63 1.85 7.41 6.85
CA THR A 63 1.48 7.65 5.45
C THR A 63 0.61 6.53 4.88
N LEU A 64 0.87 5.28 5.26
CA LEU A 64 -0.07 4.19 5.03
C LEU A 64 -1.41 4.43 5.72
N MET A 65 -1.43 5.13 6.87
CA MET A 65 -2.62 5.35 7.64
C MET A 65 -3.53 6.41 7.02
N GLU A 66 -2.94 7.56 6.67
CA GLU A 66 -3.68 8.68 6.09
C GLU A 66 -4.11 8.44 4.64
N TYR A 67 -3.34 7.68 3.88
CA TYR A 67 -3.73 7.25 2.54
C TYR A 67 -4.93 6.30 2.61
N LEU A 68 -4.83 5.24 3.43
CA LEU A 68 -5.88 4.23 3.53
C LEU A 68 -7.16 4.71 4.22
N GLU A 69 -7.10 5.78 5.02
CA GLU A 69 -8.29 6.39 5.61
C GLU A 69 -9.28 6.86 4.53
N ASN A 70 -8.79 7.40 3.40
CA ASN A 70 -9.61 7.86 2.28
C ASN A 70 -8.75 8.21 1.02
N PRO A 71 -8.31 7.25 0.18
CA PRO A 71 -7.30 7.52 -0.85
C PRO A 71 -7.74 8.58 -1.86
N LYS A 72 -8.98 8.47 -2.33
CA LYS A 72 -9.58 9.40 -3.29
C LYS A 72 -9.97 10.78 -2.74
N LYS A 73 -9.80 11.01 -1.43
CA LYS A 73 -9.84 12.33 -0.80
C LYS A 73 -8.43 12.88 -0.65
N TYR A 74 -7.48 12.01 -0.30
CA TYR A 74 -6.08 12.36 -0.10
C TYR A 74 -5.43 12.84 -1.41
N ILE A 75 -5.63 12.06 -2.49
CA ILE A 75 -5.11 12.27 -3.86
C ILE A 75 -6.17 11.68 -4.81
N PRO A 76 -7.09 12.48 -5.37
CA PRO A 76 -8.20 11.99 -6.19
C PRO A 76 -7.76 11.46 -7.57
N GLY A 77 -6.53 11.77 -7.96
CA GLY A 77 -5.83 11.29 -9.17
C GLY A 77 -5.10 9.96 -8.99
N THR A 78 -5.29 9.27 -7.87
CA THR A 78 -4.99 7.83 -7.72
C THR A 78 -5.78 7.03 -8.76
N LYS A 79 -5.22 5.91 -9.23
CA LYS A 79 -5.87 4.98 -10.17
C LYS A 79 -6.24 3.65 -9.48
N MET A 80 -5.63 3.37 -8.33
CA MET A 80 -6.20 2.59 -7.22
C MET A 80 -7.64 3.03 -6.91
N ILE A 81 -8.65 2.21 -7.26
CA ILE A 81 -10.05 2.49 -6.90
C ILE A 81 -10.37 1.88 -5.52
N PHE A 82 -10.25 2.71 -4.48
CA PHE A 82 -10.56 2.34 -3.10
C PHE A 82 -11.08 3.56 -2.31
N VAL A 83 -12.18 3.40 -1.57
CA VAL A 83 -12.91 4.51 -0.94
C VAL A 83 -12.27 4.98 0.38
N GLY A 84 -12.00 4.08 1.34
CA GLY A 84 -11.32 4.43 2.61
C GLY A 84 -11.80 3.69 3.87
N ILE A 85 -10.92 3.61 4.88
CA ILE A 85 -11.07 2.81 6.11
C ILE A 85 -11.18 3.68 7.38
N LYS A 86 -12.15 3.39 8.25
CA LYS A 86 -12.42 4.21 9.45
C LYS A 86 -11.71 3.78 10.75
N LYS A 87 -10.89 2.72 10.68
CA LYS A 87 -10.16 2.13 11.82
C LYS A 87 -8.65 2.00 11.60
N LYS A 88 -7.86 2.70 12.43
CA LYS A 88 -6.40 2.55 12.51
C LYS A 88 -5.95 1.18 12.98
N GLU A 89 -6.73 0.53 13.85
CA GLU A 89 -6.36 -0.73 14.50
C GLU A 89 -6.18 -1.89 13.52
N GLU A 90 -6.91 -1.90 12.39
CA GLU A 90 -6.61 -2.86 11.32
C GLU A 90 -5.30 -2.52 10.58
N ARG A 91 -5.13 -1.26 10.17
CA ARG A 91 -3.95 -0.83 9.42
C ARG A 91 -2.65 -1.03 10.20
N ALA A 92 -2.69 -0.94 11.53
CA ALA A 92 -1.51 -1.07 12.39
C ALA A 92 -0.93 -2.51 12.48
N ASP A 93 -1.68 -3.53 12.05
CA ASP A 93 -1.13 -4.86 11.77
C ASP A 93 -0.68 -4.99 10.31
N LEU A 94 -1.43 -4.41 9.37
CA LEU A 94 -1.09 -4.36 7.94
C LEU A 94 0.31 -3.77 7.68
N ILE A 95 0.60 -2.62 8.30
CA ILE A 95 1.91 -1.95 8.28
C ILE A 95 3.02 -2.89 8.79
N ALA A 96 2.74 -3.67 9.83
CA ALA A 96 3.72 -4.60 10.39
C ALA A 96 4.04 -5.73 9.41
N TYR A 97 3.00 -6.30 8.79
CA TYR A 97 3.15 -7.31 7.74
C TYR A 97 3.99 -6.80 6.58
N LEU A 98 3.71 -5.60 6.07
CA LEU A 98 4.45 -5.04 4.94
C LEU A 98 5.93 -4.79 5.27
N LYS A 99 6.26 -4.32 6.49
CA LYS A 99 7.64 -4.19 6.98
C LYS A 99 8.36 -5.53 7.18
N LYS A 100 7.61 -6.60 7.46
CA LYS A 100 8.20 -7.95 7.52
C LYS A 100 8.41 -8.53 6.12
N ALA A 101 7.50 -8.26 5.17
CA ALA A 101 7.42 -8.97 3.90
C ALA A 101 8.07 -8.24 2.72
N THR A 102 8.44 -6.96 2.85
CA THR A 102 9.04 -6.17 1.75
C THR A 102 10.38 -5.50 2.06
N ASN A 103 10.90 -5.65 3.29
CA ASN A 103 12.20 -5.06 3.68
C ASN A 103 13.38 -6.05 3.58
N GLU A 104 13.09 -7.35 3.51
CA GLU A 104 14.04 -8.47 3.72
C GLU A 104 14.57 -9.12 2.43
N GLY A 1 -0.29 -3.90 16.15
CA GLY A 1 -0.36 -4.66 14.89
C GLY A 1 0.83 -5.56 14.69
N ASP A 2 0.65 -6.69 14.01
CA ASP A 2 1.72 -7.63 13.68
C ASP A 2 1.53 -8.32 12.32
N VAL A 3 2.44 -9.23 12.01
CA VAL A 3 2.64 -9.83 10.71
C VAL A 3 1.54 -10.83 10.38
N GLU A 4 1.27 -11.78 11.28
CA GLU A 4 0.20 -12.77 11.13
C GLU A 4 -1.18 -12.12 11.07
N LYS A 5 -1.47 -11.20 11.99
CA LYS A 5 -2.73 -10.46 11.97
C LYS A 5 -2.86 -9.55 10.75
N GLY A 6 -1.73 -8.99 10.28
CA GLY A 6 -1.69 -8.07 9.14
C GLY A 6 -1.84 -8.76 7.80
N LYS A 7 -1.34 -10.00 7.68
CA LYS A 7 -1.66 -10.90 6.57
C LYS A 7 -3.17 -11.04 6.42
N LYS A 8 -3.95 -11.20 7.50
CA LYS A 8 -5.41 -11.38 7.42
C LYS A 8 -6.14 -10.13 6.88
N ILE A 9 -5.52 -8.96 6.93
CA ILE A 9 -6.01 -7.71 6.32
C ILE A 9 -5.66 -7.69 4.84
N PHE A 10 -4.42 -8.02 4.50
CA PHE A 10 -3.96 -8.03 3.11
C PHE A 10 -4.69 -9.10 2.29
N ILE A 11 -4.88 -10.28 2.89
CA ILE A 11 -5.65 -11.41 2.37
C ILE A 11 -7.09 -11.02 2.04
N MET A 12 -7.73 -10.23 2.91
CA MET A 12 -9.14 -9.86 2.79
C MET A 12 -9.38 -8.69 1.83
N LYS A 13 -8.56 -7.64 1.94
CA LYS A 13 -8.88 -6.30 1.44
C LYS A 13 -7.99 -5.85 0.28
N CYS A 14 -6.83 -6.48 0.13
CA CYS A 14 -5.75 -6.03 -0.75
C CYS A 14 -5.36 -7.04 -1.85
N SER A 15 -5.48 -8.35 -1.59
CA SER A 15 -5.00 -9.47 -2.41
C SER A 15 -5.72 -9.62 -3.75
N GLN A 16 -6.94 -9.07 -3.83
CA GLN A 16 -7.70 -8.95 -5.06
C GLN A 16 -7.01 -8.03 -6.09
N CYS A 17 -5.99 -7.27 -5.69
CA CYS A 17 -5.20 -6.41 -6.59
C CYS A 17 -3.69 -6.51 -6.41
N HIS A 18 -3.14 -6.47 -5.19
CA HIS A 18 -1.69 -6.58 -4.92
C HIS A 18 -1.26 -8.00 -4.48
N THR A 19 0.01 -8.37 -4.69
CA THR A 19 0.68 -9.43 -3.91
C THR A 19 2.14 -9.05 -3.66
N VAL A 20 2.64 -9.22 -2.43
CA VAL A 20 4.00 -8.80 -2.02
C VAL A 20 5.08 -9.84 -2.34
N GLU A 21 4.73 -10.76 -3.24
CA GLU A 21 5.53 -11.89 -3.67
C GLU A 21 6.94 -11.46 -4.14
N LYS A 22 7.95 -12.20 -3.73
CA LYS A 22 9.33 -12.04 -4.21
C LYS A 22 9.42 -12.32 -5.72
N GLY A 23 10.24 -11.52 -6.41
CA GLY A 23 10.30 -11.46 -7.88
C GLY A 23 9.14 -10.70 -8.54
N GLY A 24 7.96 -10.72 -7.92
CA GLY A 24 6.83 -9.82 -8.19
C GLY A 24 6.06 -10.06 -9.48
N LYS A 25 4.74 -9.87 -9.40
CA LYS A 25 3.75 -10.12 -10.46
C LYS A 25 2.74 -8.97 -10.55
N HIS A 26 2.54 -8.45 -11.76
CA HIS A 26 1.58 -7.41 -12.08
C HIS A 26 0.18 -7.98 -12.34
N LYS A 27 -0.84 -7.25 -11.90
CA LYS A 27 -2.26 -7.49 -12.22
C LYS A 27 -3.04 -6.17 -12.01
N THR A 28 -4.24 -6.23 -11.43
CA THR A 28 -5.08 -5.06 -11.10
C THR A 28 -4.38 -4.05 -10.16
N GLY A 29 -3.33 -4.47 -9.45
CA GLY A 29 -2.40 -3.62 -8.70
C GLY A 29 -0.97 -4.20 -8.72
N PRO A 30 0.03 -3.38 -8.34
CA PRO A 30 1.44 -3.74 -8.39
C PRO A 30 1.88 -4.67 -7.25
N ASN A 31 3.09 -5.22 -7.41
CA ASN A 31 3.76 -6.10 -6.45
C ASN A 31 3.95 -5.49 -5.05
N LEU A 32 4.24 -4.19 -4.92
CA LEU A 32 4.31 -3.47 -3.64
C LEU A 32 5.50 -3.88 -2.74
N HIS A 33 6.30 -4.87 -3.15
CA HIS A 33 7.48 -5.28 -2.40
C HIS A 33 8.62 -4.25 -2.54
N GLY A 34 9.27 -3.82 -1.45
CA GLY A 34 10.29 -2.76 -1.43
C GLY A 34 9.73 -1.33 -1.30
N LEU A 35 8.47 -1.19 -0.86
CA LEU A 35 7.74 0.08 -0.80
C LEU A 35 8.38 1.14 0.12
N PHE A 36 8.86 0.73 1.29
CA PHE A 36 9.27 1.68 2.33
C PHE A 36 10.62 2.28 1.96
N GLY A 37 10.61 3.54 1.51
CA GLY A 37 11.80 4.24 0.99
C GLY A 37 11.67 4.77 -0.45
N ARG A 38 10.75 4.23 -1.28
CA ARG A 38 10.48 4.74 -2.64
C ARG A 38 9.33 5.76 -2.67
N LYS A 39 9.31 6.61 -3.70
CA LYS A 39 8.12 7.40 -4.11
C LYS A 39 7.58 6.80 -5.41
N THR A 40 6.26 6.75 -5.57
CA THR A 40 5.62 5.97 -6.66
C THR A 40 4.47 6.72 -7.33
N GLY A 41 3.96 6.16 -8.43
CA GLY A 41 3.05 6.82 -9.39
C GLY A 41 3.80 7.86 -10.22
N GLN A 42 4.35 7.40 -11.34
CA GLN A 42 5.24 8.13 -12.26
C GLN A 42 5.30 7.54 -13.69
N ALA A 43 4.74 6.34 -13.94
CA ALA A 43 4.94 5.59 -15.19
C ALA A 43 3.66 4.86 -15.68
N PRO A 44 3.41 4.77 -17.02
CA PRO A 44 2.09 4.39 -17.55
C PRO A 44 1.55 3.00 -17.19
N GLY A 45 2.42 2.02 -16.90
CA GLY A 45 1.98 0.69 -16.45
C GLY A 45 1.49 0.65 -15.01
N TYR A 46 1.88 1.62 -14.17
CA TYR A 46 1.61 1.67 -12.73
C TYR A 46 1.15 3.08 -12.30
N SER A 47 0.23 3.68 -13.06
CA SER A 47 -0.22 5.08 -13.00
C SER A 47 0.87 6.10 -13.37
N THR A 49 0.34 9.65 -13.67
CA THR A 49 0.16 10.92 -12.94
C THR A 49 1.09 11.07 -11.73
N ALA A 50 2.05 12.00 -11.82
CA ALA A 50 3.09 12.23 -10.82
C ALA A 50 2.61 12.95 -9.53
N ALA A 51 1.31 13.24 -9.41
CA ALA A 51 0.65 13.67 -8.17
C ALA A 51 0.95 12.70 -7.02
N ASN A 52 1.05 11.41 -7.33
CA ASN A 52 1.40 10.37 -6.38
C ASN A 52 2.79 10.58 -5.77
N LYS A 53 3.79 10.96 -6.57
CA LYS A 53 5.14 11.32 -6.08
C LYS A 53 5.28 12.77 -5.58
N ASN A 54 4.19 13.50 -5.33
CA ASN A 54 4.19 14.91 -4.85
C ASN A 54 3.17 15.27 -3.74
N LYS A 55 1.88 14.93 -3.92
CA LYS A 55 0.77 15.43 -3.08
C LYS A 55 0.66 14.77 -1.71
N GLY A 56 1.18 13.56 -1.56
CA GLY A 56 1.38 12.89 -0.28
C GLY A 56 2.82 13.06 0.23
N ILE A 57 3.17 12.33 1.29
CA ILE A 57 4.54 12.18 1.79
C ILE A 57 4.97 10.71 1.64
N ILE A 58 6.28 10.50 1.49
CA ILE A 58 6.96 9.22 1.22
C ILE A 58 6.52 8.05 2.11
N TRP A 59 6.47 6.84 1.52
CA TRP A 59 5.91 5.64 2.15
C TRP A 59 6.61 5.23 3.46
N GLY A 60 5.79 5.21 4.51
CA GLY A 60 6.07 4.88 5.89
C GLY A 60 4.75 4.66 6.65
N GLU A 61 4.82 4.31 7.93
CA GLU A 61 3.62 4.01 8.74
C GLU A 61 2.67 5.20 8.92
N ASP A 62 3.16 6.44 8.95
CA ASP A 62 2.31 7.63 9.08
C ASP A 62 1.61 8.03 7.78
N THR A 63 2.17 7.66 6.64
CA THR A 63 1.76 8.13 5.29
C THR A 63 0.83 7.12 4.62
N LEU A 64 1.08 5.84 4.87
CA LEU A 64 0.12 4.79 4.55
C LEU A 64 -1.15 4.88 5.39
N MET A 65 -1.10 5.32 6.65
CA MET A 65 -2.29 5.41 7.49
C MET A 65 -3.31 6.38 6.91
N GLU A 66 -2.81 7.52 6.41
CA GLU A 66 -3.62 8.63 5.95
C GLU A 66 -4.01 8.53 4.46
N TYR A 67 -3.20 7.82 3.66
CA TYR A 67 -3.58 7.31 2.35
C TYR A 67 -4.71 6.29 2.48
N LEU A 68 -4.53 5.26 3.31
CA LEU A 68 -5.50 4.17 3.44
C LEU A 68 -6.80 4.59 4.14
N GLU A 69 -6.86 5.73 4.83
CA GLU A 69 -8.14 6.24 5.33
C GLU A 69 -9.09 6.61 4.18
N ASN A 70 -8.58 7.23 3.10
CA ASN A 70 -9.28 7.54 1.86
C ASN A 70 -8.28 7.95 0.73
N PRO A 71 -7.85 7.03 -0.16
CA PRO A 71 -6.64 7.27 -0.97
C PRO A 71 -6.79 8.40 -1.97
N LYS A 72 -7.89 8.40 -2.73
CA LYS A 72 -8.20 9.45 -3.71
C LYS A 72 -8.34 10.87 -3.14
N LYS A 73 -8.54 11.02 -1.82
CA LYS A 73 -8.59 12.34 -1.16
C LYS A 73 -7.21 12.84 -0.78
N TYR A 74 -6.39 11.95 -0.22
CA TYR A 74 -5.03 12.28 0.22
C TYR A 74 -4.10 12.57 -0.96
N ILE A 75 -4.26 11.80 -2.06
CA ILE A 75 -3.54 12.01 -3.32
C ILE A 75 -4.60 12.03 -4.44
N PRO A 76 -4.95 13.21 -4.96
CA PRO A 76 -6.03 13.36 -5.94
C PRO A 76 -5.48 13.18 -7.37
N GLY A 77 -4.95 11.99 -7.63
CA GLY A 77 -4.37 11.54 -8.90
C GLY A 77 -4.12 10.02 -8.95
N THR A 78 -4.91 9.24 -8.21
CA THR A 78 -4.81 7.77 -8.07
C THR A 78 -5.77 7.04 -9.02
N LYS A 79 -5.41 5.78 -9.33
CA LYS A 79 -6.22 4.78 -10.05
C LYS A 79 -6.71 3.63 -9.16
N MET A 80 -6.25 3.61 -7.90
CA MET A 80 -6.68 2.68 -6.85
C MET A 80 -8.13 2.96 -6.44
N ILE A 81 -9.09 2.26 -7.07
CA ILE A 81 -10.50 2.33 -6.67
C ILE A 81 -10.63 1.63 -5.32
N PHE A 82 -10.77 2.43 -4.25
CA PHE A 82 -10.80 1.95 -2.87
C PHE A 82 -11.40 3.05 -1.98
N VAL A 83 -12.30 2.70 -1.06
CA VAL A 83 -12.99 3.66 -0.20
C VAL A 83 -12.19 3.95 1.07
N GLY A 84 -11.50 2.96 1.64
CA GLY A 84 -10.54 3.13 2.74
C GLY A 84 -10.68 2.13 3.90
N ILE A 85 -9.91 2.39 4.96
CA ILE A 85 -9.78 1.57 6.17
C ILE A 85 -10.02 2.46 7.39
N LYS A 86 -11.17 2.31 8.06
CA LYS A 86 -11.57 3.14 9.21
C LYS A 86 -10.95 2.69 10.53
N LYS A 87 -10.78 1.38 10.76
CA LYS A 87 -10.20 0.85 12.00
C LYS A 87 -8.69 1.12 12.08
N LYS A 88 -8.29 1.80 13.15
CA LYS A 88 -6.89 1.99 13.55
C LYS A 88 -6.15 0.67 13.79
N GLU A 89 -6.84 -0.33 14.35
CA GLU A 89 -6.28 -1.69 14.58
C GLU A 89 -5.93 -2.37 13.26
N GLU A 90 -6.87 -2.42 12.30
CA GLU A 90 -6.61 -3.01 10.96
C GLU A 90 -5.52 -2.26 10.21
N ARG A 91 -5.52 -0.91 10.22
CA ARG A 91 -4.45 -0.12 9.58
C ARG A 91 -3.07 -0.48 10.17
N ALA A 92 -3.02 -0.67 11.48
CA ALA A 92 -1.77 -0.95 12.21
C ALA A 92 -1.27 -2.38 11.99
N ASP A 93 -2.17 -3.37 11.96
CA ASP A 93 -1.83 -4.76 11.61
C ASP A 93 -1.29 -4.84 10.19
N LEU A 94 -1.98 -4.22 9.23
CA LEU A 94 -1.59 -4.18 7.83
C LEU A 94 -0.19 -3.53 7.64
N ILE A 95 0.01 -2.33 8.19
CA ILE A 95 1.30 -1.63 8.17
C ILE A 95 2.41 -2.47 8.83
N ALA A 96 2.11 -3.20 9.90
CA ALA A 96 3.09 -4.06 10.56
C ALA A 96 3.54 -5.21 9.64
N TYR A 97 2.58 -5.87 8.99
CA TYR A 97 2.83 -6.90 7.99
C TYR A 97 3.66 -6.35 6.81
N LEU A 98 3.30 -5.20 6.25
CA LEU A 98 4.04 -4.62 5.13
C LEU A 98 5.50 -4.32 5.49
N LYS A 99 5.76 -3.80 6.69
CA LYS A 99 7.12 -3.58 7.22
C LYS A 99 7.91 -4.86 7.51
N LYS A 100 7.24 -6.01 7.59
CA LYS A 100 7.92 -7.29 7.65
C LYS A 100 8.13 -7.88 6.26
N ALA A 101 7.13 -7.85 5.39
CA ALA A 101 7.12 -8.63 4.16
C ALA A 101 7.64 -7.86 2.95
N THR A 102 7.52 -6.54 2.93
CA THR A 102 8.09 -5.71 1.86
C THR A 102 9.55 -5.27 2.14
N ASN A 103 10.07 -5.59 3.33
CA ASN A 103 11.42 -5.23 3.78
C ASN A 103 12.40 -6.43 3.77
N GLU A 104 11.94 -7.62 3.37
CA GLU A 104 12.76 -8.85 3.23
C GLU A 104 13.85 -8.77 2.18
#